data_7RUD
#
_entry.id   7RUD
#
_cell.length_a   209.789
_cell.length_b   52.190
_cell.length_c   149.800
_cell.angle_alpha   90.000
_cell.angle_beta   115.820
_cell.angle_gamma   90.000
#
_symmetry.space_group_name_H-M   'C 1 2 1'
#
loop_
_entity.id
_entity.type
_entity.pdbx_description
1 polymer 'Phospho-2-dehydro-3-deoxyheptonate aldolase, Phe-sensitive'
2 non-polymer '(2Z)-3,3,3-trifluoro-2-(hydroxyimino)propanoic acid'
3 water water
#
_entity_poly.entity_id   1
_entity_poly.type   'polypeptide(L)'
_entity_poly.pdbx_seq_one_letter_code
;GMNYQNDDLRIKEIKELLPPVALLEKFPATENAANTVAHARKAIHKILKGNDDRLLVVIGPCSIHDPVAAKEYATRLLAL
REELKDELEIVMRVYFEKPRTTVGWKGLINDPHMDNSFQINDGLRIARKLLLDINDSGLPAAGEFLDMITPQYLADLMSW
GAIGARTTESQVHRELASGLSCPVGFKNGTDGTIKVAIDAINAAGAPHCFLSVTKWGHSAIVNTSGNGDCHIILRGGKEP
NYSAKHVAEVKEGLNKAGLPAQVMIDFSHANSSKQFKKQMDVCADVCQQIAGGEKAIIGVMVESHLVEGNQSLESGEPLA
YGKSITDACIGWEDTDALLRQLANAVKARRG
;
_entity_poly.pdbx_strand_id   A,B,C,D
#
# COMPACT_ATOMS: atom_id res chain seq x y z
N ASN A 6 -14.89 -14.61 -10.48
CA ASN A 6 -15.96 -14.97 -9.56
C ASN A 6 -16.28 -13.89 -8.48
N ASP A 7 -15.56 -12.77 -8.48
CA ASP A 7 -15.54 -11.85 -7.35
C ASP A 7 -16.08 -10.47 -7.72
N ASP A 8 -16.29 -9.65 -6.68
CA ASP A 8 -16.75 -8.26 -6.81
C ASP A 8 -18.12 -8.17 -7.50
N LEU A 9 -18.86 -9.27 -7.56
CA LEU A 9 -20.13 -9.23 -8.27
C LEU A 9 -21.06 -8.23 -7.63
N ARG A 10 -20.82 -7.88 -6.37
CA ARG A 10 -21.68 -6.96 -5.65
C ARG A 10 -20.97 -5.70 -5.18
N ILE A 11 -19.67 -5.58 -5.41
CA ILE A 11 -18.94 -4.36 -5.09
C ILE A 11 -19.25 -3.35 -6.19
N LYS A 12 -20.04 -2.32 -5.88
CA LYS A 12 -20.42 -1.39 -6.92
C LYS A 12 -19.32 -0.40 -7.30
N GLU A 13 -18.24 -0.30 -6.51
CA GLU A 13 -17.25 0.76 -6.77
C GLU A 13 -16.25 0.95 -5.62
N ILE A 14 -15.13 1.61 -5.92
CA ILE A 14 -14.05 1.78 -4.95
C ILE A 14 -13.42 3.15 -5.12
N LYS A 15 -13.44 3.96 -4.05
CA LYS A 15 -12.81 5.28 -4.03
C LYS A 15 -11.64 5.25 -3.04
N GLU A 16 -10.67 6.13 -3.23
CA GLU A 16 -9.51 6.11 -2.35
C GLU A 16 -9.83 6.74 -1.00
N LEU A 17 -9.21 6.19 0.03
CA LEU A 17 -9.35 6.68 1.38
C LEU A 17 -7.96 7.10 1.85
N LEU A 18 -7.88 8.25 2.53
CA LEU A 18 -6.58 8.71 3.00
C LEU A 18 -6.04 7.77 4.08
N PRO A 19 -4.73 7.59 4.15
CA PRO A 19 -4.17 6.80 5.22
C PRO A 19 -4.30 7.53 6.55
N PRO A 20 -4.38 6.80 7.65
CA PRO A 20 -4.37 7.48 8.96
C PRO A 20 -3.21 8.47 9.11
N VAL A 21 -2.08 8.23 8.43
CA VAL A 21 -0.92 9.07 8.68
C VAL A 21 -1.07 10.43 8.01
N ALA A 22 -1.67 10.47 6.83
CA ALA A 22 -1.97 11.77 6.25
C ALA A 22 -2.70 12.65 7.26
N LEU A 23 -3.67 12.08 7.98
CA LEU A 23 -4.40 12.88 8.96
C LEU A 23 -3.57 13.14 10.21
N LEU A 24 -2.74 12.19 10.64
CA LEU A 24 -1.91 12.49 11.80
C LEU A 24 -0.93 13.61 11.48
N GLU A 25 -0.59 13.79 10.21
CA GLU A 25 0.36 14.82 9.80
C GLU A 25 -0.32 16.18 9.70
N LYS A 26 -1.54 16.23 9.18
CA LYS A 26 -2.22 17.50 8.98
C LYS A 26 -2.76 18.07 10.30
N PHE A 27 -3.38 17.23 11.12
CA PHE A 27 -3.84 17.59 12.45
C PHE A 27 -3.02 16.86 13.49
N PRO A 28 -1.74 17.16 13.62
CA PRO A 28 -0.97 16.57 14.71
C PRO A 28 -1.53 17.04 16.04
N ALA A 29 -1.47 16.16 17.04
CA ALA A 29 -1.88 16.56 18.39
C ALA A 29 -0.93 17.60 18.96
N THR A 30 -1.47 18.69 19.51
CA THR A 30 -0.64 19.66 20.20
C THR A 30 -0.13 19.09 21.51
N GLU A 31 0.92 19.72 22.05
CA GLU A 31 1.36 19.39 23.41
C GLU A 31 0.17 19.37 24.37
N ASN A 32 -0.74 20.31 24.23
CA ASN A 32 -1.86 20.36 25.16
C ASN A 32 -2.78 19.16 24.97
N ALA A 33 -3.19 18.90 23.73
CA ALA A 33 -4.10 17.78 23.46
C ALA A 33 -3.50 16.47 23.96
N ALA A 34 -2.21 16.24 23.67
CA ALA A 34 -1.57 15.02 24.16
C ALA A 34 -1.67 14.92 25.68
N ASN A 35 -1.66 16.06 26.37
CA ASN A 35 -1.68 16.05 27.82
C ASN A 35 -3.08 15.78 28.35
N THR A 36 -4.09 16.47 27.79
CA THR A 36 -5.47 16.17 28.15
C THR A 36 -5.72 14.67 28.05
N VAL A 37 -5.30 14.07 26.92
CA VAL A 37 -5.42 12.63 26.76
C VAL A 37 -4.60 11.90 27.81
N ALA A 38 -3.30 12.16 27.83
CA ALA A 38 -2.43 11.43 28.75
C ALA A 38 -3.02 11.44 30.16
N HIS A 39 -3.39 12.64 30.66
CA HIS A 39 -3.88 12.79 32.02
C HIS A 39 -5.23 12.09 32.21
N ALA A 40 -6.20 12.40 31.34
CA ALA A 40 -7.53 11.81 31.44
C ALA A 40 -7.49 10.29 31.54
N ARG A 41 -6.73 9.64 30.66
CA ARG A 41 -6.55 8.19 30.79
C ARG A 41 -6.12 7.83 32.21
N LYS A 42 -4.99 8.40 32.68
CA LYS A 42 -4.46 8.03 33.99
C LYS A 42 -5.50 8.24 35.07
N ALA A 43 -6.21 9.36 35.02
CA ALA A 43 -7.31 9.58 35.96
C ALA A 43 -8.24 8.38 35.98
N ILE A 44 -8.69 7.94 34.79
CA ILE A 44 -9.66 6.86 34.70
C ILE A 44 -9.04 5.52 35.07
N HIS A 45 -7.73 5.36 34.87
CA HIS A 45 -7.07 4.18 35.44
C HIS A 45 -7.16 4.21 36.97
N LYS A 46 -6.78 5.33 37.58
CA LYS A 46 -6.79 5.42 39.03
C LYS A 46 -8.19 5.14 39.59
N ILE A 47 -9.22 5.72 38.99
CA ILE A 47 -10.59 5.37 39.38
C ILE A 47 -10.82 3.87 39.28
N LEU A 48 -10.45 3.29 38.13
CA LEU A 48 -10.76 1.88 37.89
C LEU A 48 -10.05 0.96 38.88
N LYS A 49 -8.73 1.13 39.04
CA LYS A 49 -8.01 0.27 39.98
C LYS A 49 -8.35 0.59 41.43
N GLY A 50 -9.28 1.52 41.69
CA GLY A 50 -9.78 1.75 43.03
C GLY A 50 -8.98 2.72 43.88
N ASN A 51 -8.07 3.48 43.28
CA ASN A 51 -7.16 4.34 44.02
C ASN A 51 -7.54 5.83 43.94
N ASP A 52 -8.80 6.13 43.65
CA ASP A 52 -9.30 7.51 43.55
C ASP A 52 -10.81 7.47 43.65
N ASP A 53 -11.37 8.12 44.68
CA ASP A 53 -12.80 7.94 44.93
C ASP A 53 -13.67 8.79 44.02
N ARG A 54 -13.09 9.44 43.00
CA ARG A 54 -13.88 10.27 42.11
C ARG A 54 -14.72 9.39 41.17
N LEU A 55 -15.56 10.04 40.36
CA LEU A 55 -16.53 9.36 39.52
C LEU A 55 -16.41 9.88 38.09
N LEU A 56 -16.01 8.98 37.16
CA LEU A 56 -15.88 9.32 35.74
C LEU A 56 -17.25 9.61 35.14
N VAL A 57 -17.42 10.81 34.59
CA VAL A 57 -18.70 11.21 34.00
C VAL A 57 -18.46 11.45 32.53
N VAL A 58 -19.00 10.56 31.70
CA VAL A 58 -18.99 10.68 30.25
C VAL A 58 -20.31 11.31 29.88
N ILE A 59 -20.27 12.44 29.16
CA ILE A 59 -21.49 13.21 28.97
C ILE A 59 -21.35 14.02 27.70
N GLY A 60 -22.44 14.19 26.97
CA GLY A 60 -22.42 14.90 25.72
C GLY A 60 -23.49 14.42 24.75
N PRO A 61 -23.48 14.95 23.52
CA PRO A 61 -24.56 14.62 22.57
C PRO A 61 -24.59 13.14 22.21
N CYS A 62 -25.74 12.73 21.66
CA CYS A 62 -25.84 11.42 21.02
C CYS A 62 -24.92 11.36 19.81
N SER A 63 -24.98 12.37 18.96
CA SER A 63 -24.13 12.46 17.78
C SER A 63 -23.73 13.91 17.53
N ILE A 64 -22.42 14.13 17.42
CA ILE A 64 -21.96 15.34 16.77
C ILE A 64 -22.47 15.34 15.34
N HIS A 65 -23.33 16.31 15.00
CA HIS A 65 -23.62 16.59 13.59
C HIS A 65 -23.16 17.97 13.16
N ASP A 66 -23.34 19.00 13.97
CA ASP A 66 -22.68 20.24 13.67
C ASP A 66 -21.45 20.36 14.54
N PRO A 67 -20.29 20.73 13.96
CA PRO A 67 -19.12 20.96 14.82
C PRO A 67 -19.18 22.26 15.60
N VAL A 68 -19.90 23.28 15.11
CA VAL A 68 -19.89 24.54 15.83
C VAL A 68 -20.62 24.38 17.17
N ALA A 69 -21.82 23.78 17.14
CA ALA A 69 -22.54 23.49 18.37
C ALA A 69 -21.69 22.67 19.33
N ALA A 70 -20.93 21.71 18.81
CA ALA A 70 -20.13 20.87 19.68
C ALA A 70 -19.01 21.66 20.34
N LYS A 71 -18.46 22.66 19.62
CA LYS A 71 -17.42 23.50 20.21
C LYS A 71 -18.00 24.41 21.29
N GLU A 72 -19.25 24.85 21.11
CA GLU A 72 -19.92 25.59 22.17
C GLU A 72 -20.18 24.68 23.36
N TYR A 73 -20.76 23.50 23.10
CA TYR A 73 -21.01 22.56 24.19
C TYR A 73 -19.73 22.33 24.97
N ALA A 74 -18.62 22.15 24.25
CA ALA A 74 -17.36 21.80 24.88
C ALA A 74 -16.90 22.87 25.87
N THR A 75 -17.01 24.16 25.50
CA THR A 75 -16.62 25.20 26.44
C THR A 75 -17.54 25.20 27.66
N ARG A 76 -18.86 25.14 27.44
CA ARG A 76 -19.73 25.03 28.60
C ARG A 76 -19.29 23.87 29.52
N LEU A 77 -19.02 22.70 28.95
CA LEU A 77 -18.70 21.56 29.82
C LEU A 77 -17.29 21.62 30.39
N LEU A 78 -16.39 22.38 29.79
CA LEU A 78 -15.05 22.49 30.34
C LEU A 78 -15.06 23.34 31.60
N ALA A 79 -15.85 24.42 31.58
CA ALA A 79 -16.09 25.18 32.81
C ALA A 79 -16.55 24.24 33.92
N LEU A 80 -17.56 23.42 33.63
CA LEU A 80 -18.07 22.49 34.64
C LEU A 80 -17.01 21.48 35.04
N ARG A 81 -16.24 20.98 34.08
CA ARG A 81 -15.24 19.97 34.42
C ARG A 81 -14.21 20.55 35.40
N GLU A 82 -13.69 21.75 35.10
CA GLU A 82 -12.68 22.34 35.98
C GLU A 82 -13.25 22.66 37.37
N GLU A 83 -14.56 22.96 37.45
CA GLU A 83 -15.18 23.35 38.70
C GLU A 83 -15.50 22.15 39.60
N LEU A 84 -15.64 20.96 39.04
CA LEU A 84 -16.04 19.80 39.82
C LEU A 84 -14.94 18.75 39.88
N LYS A 85 -13.72 19.08 39.45
CA LYS A 85 -12.66 18.10 39.27
C LYS A 85 -12.33 17.34 40.55
N ASP A 86 -12.78 17.80 41.70
CA ASP A 86 -12.48 17.12 42.94
C ASP A 86 -13.41 15.94 43.21
N GLU A 87 -14.65 16.00 42.69
CA GLU A 87 -15.57 14.87 42.75
C GLU A 87 -15.73 14.12 41.43
N LEU A 88 -15.35 14.72 40.32
CA LEU A 88 -15.75 14.22 39.01
C LEU A 88 -14.57 14.31 38.06
N GLU A 89 -14.41 13.26 37.25
CA GLU A 89 -13.65 13.32 36.00
C GLU A 89 -14.65 13.36 34.85
N ILE A 90 -14.78 14.52 34.21
CA ILE A 90 -15.74 14.74 33.15
C ILE A 90 -15.01 14.68 31.82
N VAL A 91 -15.45 13.80 30.91
CA VAL A 91 -14.98 13.81 29.53
C VAL A 91 -16.18 13.90 28.60
N MET A 92 -16.02 14.64 27.50
CA MET A 92 -17.10 14.89 26.57
C MET A 92 -17.41 13.65 25.72
N ARG A 93 -18.69 13.48 25.44
CA ARG A 93 -19.17 12.44 24.55
C ARG A 93 -19.04 12.95 23.13
N VAL A 94 -18.04 12.44 22.41
CA VAL A 94 -17.80 12.87 21.05
C VAL A 94 -18.00 11.68 20.12
N TYR A 95 -19.26 11.40 19.77
CA TYR A 95 -19.64 10.18 19.05
C TYR A 95 -19.86 10.49 17.58
N PHE A 96 -18.94 10.05 16.73
CA PHE A 96 -19.10 10.27 15.29
C PHE A 96 -19.93 9.16 14.66
N GLU A 97 -19.44 7.92 14.74
CA GLU A 97 -20.13 6.76 14.17
C GLU A 97 -21.37 6.41 15.00
N LYS A 98 -22.56 6.54 14.38
CA LYS A 98 -23.77 6.12 15.07
C LYS A 98 -24.28 4.79 14.50
N PRO A 99 -24.72 3.83 15.36
CA PRO A 99 -25.21 2.55 14.83
C PRO A 99 -26.73 2.51 14.72
N ARG A 100 -27.27 2.55 13.51
CA ARG A 100 -28.72 2.51 13.35
C ARG A 100 -29.24 1.07 13.41
N THR A 101 -30.53 0.94 13.70
CA THR A 101 -31.15 -0.38 13.87
C THR A 101 -31.16 -1.19 12.56
N THR A 102 -31.13 -0.51 11.40
CA THR A 102 -31.04 -1.18 10.11
C THR A 102 -30.40 -0.31 9.03
N VAL A 103 -31.10 0.75 8.59
CA VAL A 103 -30.61 1.63 7.50
C VAL A 103 -31.05 3.06 7.79
N GLY A 104 -30.07 3.96 7.99
CA GLY A 104 -30.31 5.37 8.21
C GLY A 104 -28.98 6.10 8.27
N TRP A 105 -29.05 7.42 8.49
CA TRP A 105 -27.83 8.24 8.55
C TRP A 105 -26.79 7.62 9.49
N LYS A 106 -25.56 7.49 8.99
CA LYS A 106 -24.55 6.70 9.70
C LYS A 106 -23.67 7.53 10.63
N GLY A 107 -23.66 8.84 10.50
CA GLY A 107 -22.83 9.68 11.35
C GLY A 107 -21.83 10.49 10.53
N LEU A 108 -21.16 11.40 11.27
CA LEU A 108 -20.39 12.48 10.64
C LEU A 108 -19.17 12.00 9.86
N ILE A 109 -18.50 10.94 10.32
CA ILE A 109 -17.39 10.41 9.53
C ILE A 109 -17.91 9.76 8.26
N ASN A 110 -19.10 9.18 8.31
CA ASN A 110 -19.63 8.47 7.15
C ASN A 110 -20.18 9.44 6.12
N ASP A 111 -21.29 10.08 6.44
CA ASP A 111 -21.94 11.02 5.52
C ASP A 111 -21.91 12.39 6.21
N PRO A 112 -20.78 13.10 6.15
CA PRO A 112 -20.69 14.35 6.92
C PRO A 112 -21.80 15.33 6.57
N HIS A 113 -21.97 15.63 5.29
CA HIS A 113 -22.91 16.66 4.86
C HIS A 113 -24.37 16.27 5.10
N MET A 114 -24.62 15.05 5.54
CA MET A 114 -25.97 14.59 5.84
C MET A 114 -26.85 14.62 4.58
N ASP A 115 -26.48 13.80 3.59
CA ASP A 115 -27.25 13.74 2.35
C ASP A 115 -26.81 12.59 1.46
N ASN A 116 -26.08 11.64 2.02
CA ASN A 116 -25.66 10.45 1.27
C ASN A 116 -24.55 10.73 0.28
N SER A 117 -23.77 11.78 0.51
CA SER A 117 -22.52 11.96 -0.24
C SER A 117 -21.49 10.96 0.23
N PHE A 118 -21.46 10.63 1.52
CA PHE A 118 -20.50 9.68 2.04
C PHE A 118 -19.08 10.16 1.78
N GLN A 119 -18.89 11.47 1.80
CA GLN A 119 -17.56 12.08 1.73
C GLN A 119 -16.67 11.62 2.88
N ILE A 120 -16.28 10.35 2.92
CA ILE A 120 -15.63 9.85 4.10
C ILE A 120 -14.32 10.57 4.39
N ASN A 121 -13.75 11.24 3.40
CA ASN A 121 -12.45 11.86 3.63
C ASN A 121 -12.60 13.22 4.30
N ASP A 122 -13.71 13.91 4.04
CA ASP A 122 -14.04 15.09 4.84
C ASP A 122 -14.34 14.69 6.28
N GLY A 123 -15.40 13.90 6.47
CA GLY A 123 -15.74 13.31 7.73
C GLY A 123 -14.52 13.08 8.60
N LEU A 124 -13.69 12.11 8.24
CA LEU A 124 -12.42 11.92 8.95
C LEU A 124 -11.76 13.26 9.29
N ARG A 125 -11.78 14.21 8.34
CA ARG A 125 -11.05 15.45 8.50
C ARG A 125 -11.74 16.37 9.52
N ILE A 126 -13.04 16.59 9.35
CA ILE A 126 -13.82 17.27 10.37
C ILE A 126 -13.65 16.56 11.71
N ALA A 127 -13.81 15.25 11.71
CA ALA A 127 -13.83 14.52 12.96
C ALA A 127 -12.50 14.60 13.69
N ARG A 128 -11.39 14.73 12.99
CA ARG A 128 -10.12 14.85 13.72
C ARG A 128 -9.82 16.27 14.14
N LYS A 129 -10.20 17.28 13.34
CA LYS A 129 -9.96 18.64 13.79
C LYS A 129 -10.82 18.95 15.01
N LEU A 130 -12.08 18.52 14.99
CA LEU A 130 -12.96 18.76 16.13
C LEU A 130 -12.43 18.12 17.40
N LEU A 131 -12.03 16.85 17.32
CA LEU A 131 -11.43 16.16 18.46
C LEU A 131 -10.15 16.82 18.95
N LEU A 132 -9.32 17.30 18.01
CA LEU A 132 -8.09 17.99 18.38
C LEU A 132 -8.41 19.31 19.05
N ASP A 133 -9.34 20.07 18.48
CA ASP A 133 -9.70 21.34 19.08
C ASP A 133 -10.17 21.13 20.52
N ILE A 134 -11.04 20.14 20.75
CA ILE A 134 -11.53 19.92 22.11
C ILE A 134 -10.40 19.53 23.04
N ASN A 135 -9.56 18.59 22.61
CA ASN A 135 -8.52 18.12 23.51
C ASN A 135 -7.53 19.23 23.82
N ASP A 136 -7.16 20.00 22.80
CA ASP A 136 -6.22 21.09 23.00
C ASP A 136 -6.69 21.96 24.15
N SER A 137 -7.98 22.23 24.19
CA SER A 137 -8.55 23.07 25.24
C SER A 137 -8.90 22.30 26.49
N GLY A 138 -8.01 21.40 26.95
CA GLY A 138 -8.14 20.74 28.25
C GLY A 138 -9.26 19.72 28.45
N LEU A 139 -10.25 19.63 27.57
CA LEU A 139 -11.41 18.78 27.84
C LEU A 139 -11.21 17.38 27.22
N PRO A 140 -11.21 16.31 28.02
CA PRO A 140 -11.02 14.97 27.47
C PRO A 140 -12.20 14.55 26.61
N ALA A 141 -11.98 13.53 25.77
CA ALA A 141 -12.99 13.08 24.80
C ALA A 141 -13.22 11.57 24.88
N ALA A 142 -14.41 11.16 24.47
CA ALA A 142 -14.87 9.78 24.54
C ALA A 142 -15.72 9.47 23.31
N GLY A 143 -15.58 8.27 22.74
CA GLY A 143 -16.38 7.91 21.57
C GLY A 143 -16.64 6.42 21.42
N GLU A 144 -17.57 6.08 20.52
CA GLU A 144 -17.86 4.69 20.19
C GLU A 144 -16.83 4.15 19.19
N PHE A 145 -16.43 2.91 19.38
CA PHE A 145 -15.57 2.19 18.45
C PHE A 145 -16.44 1.16 17.77
N LEU A 146 -16.95 1.50 16.58
CA LEU A 146 -17.71 0.57 15.76
C LEU A 146 -16.88 0.05 14.59
N ASP A 147 -16.35 0.92 13.75
CA ASP A 147 -15.55 0.47 12.63
C ASP A 147 -14.25 -0.16 13.12
N MET A 148 -13.57 -0.86 12.21
CA MET A 148 -12.27 -1.43 12.49
C MET A 148 -11.12 -0.60 11.92
N ILE A 149 -11.46 0.45 11.17
CA ILE A 149 -10.48 1.30 10.52
C ILE A 149 -10.48 2.71 11.08
N THR A 150 -11.65 3.31 11.31
CA THR A 150 -11.65 4.69 11.79
C THR A 150 -10.84 4.87 13.08
N PRO A 151 -10.82 3.93 14.02
CA PRO A 151 -9.96 4.13 15.21
C PRO A 151 -8.56 4.63 14.90
N GLN A 152 -7.95 4.28 13.77
CA GLN A 152 -6.54 4.59 13.56
C GLN A 152 -6.28 6.05 13.24
N TYR A 153 -7.30 6.77 12.78
CA TYR A 153 -7.27 8.20 12.60
C TYR A 153 -7.65 8.97 13.86
N LEU A 154 -8.25 8.31 14.87
CA LEU A 154 -8.93 8.98 15.97
C LEU A 154 -8.46 8.54 17.35
N ALA A 155 -8.22 7.25 17.54
CA ALA A 155 -7.71 6.71 18.79
C ALA A 155 -6.88 7.66 19.65
N ASP A 156 -5.90 8.36 19.06
CA ASP A 156 -4.86 9.01 19.87
C ASP A 156 -5.40 10.23 20.63
N LEU A 157 -6.55 10.75 20.22
CA LEU A 157 -7.27 11.81 20.88
C LEU A 157 -8.45 11.30 21.67
N MET A 158 -8.42 10.02 22.07
CA MET A 158 -9.50 9.43 22.84
C MET A 158 -8.99 9.06 24.22
N SER A 159 -9.78 9.38 25.24
CA SER A 159 -9.45 9.03 26.61
C SER A 159 -10.27 7.83 27.12
N TRP A 160 -11.32 7.43 26.41
CA TRP A 160 -12.23 6.40 26.87
C TRP A 160 -13.14 6.07 25.72
N GLY A 161 -13.51 4.78 25.59
CA GLY A 161 -14.44 4.38 24.56
C GLY A 161 -15.38 3.30 25.04
N ALA A 162 -16.52 3.21 24.36
CA ALA A 162 -17.49 2.15 24.53
C ALA A 162 -17.49 1.25 23.30
N ILE A 163 -17.78 -0.04 23.51
CA ILE A 163 -18.14 -0.93 22.43
C ILE A 163 -19.66 -1.01 22.39
N GLY A 164 -20.26 -0.67 21.24
CA GLY A 164 -21.70 -0.63 21.07
C GLY A 164 -22.50 -1.75 21.71
N ALA A 165 -23.78 -1.48 22.01
CA ALA A 165 -24.63 -2.52 22.59
C ALA A 165 -24.76 -3.70 21.64
N ARG A 166 -24.79 -3.44 20.34
CA ARG A 166 -25.10 -4.42 19.29
C ARG A 166 -23.90 -5.26 18.88
N THR A 167 -22.71 -5.00 19.43
CA THR A 167 -21.45 -5.58 18.97
C THR A 167 -20.54 -6.02 20.12
N THR A 168 -21.09 -6.16 21.33
CA THR A 168 -20.33 -6.59 22.50
C THR A 168 -19.76 -8.00 22.35
N GLU A 169 -20.54 -8.91 21.75
CA GLU A 169 -20.11 -10.30 21.64
C GLU A 169 -18.99 -10.52 20.61
N SER A 170 -18.81 -9.61 19.66
CA SER A 170 -17.95 -9.87 18.50
C SER A 170 -16.49 -10.14 18.88
N GLN A 171 -15.89 -11.14 18.22
CA GLN A 171 -14.45 -11.37 18.33
C GLN A 171 -13.67 -10.20 17.75
N VAL A 172 -14.19 -9.59 16.68
CA VAL A 172 -13.40 -8.57 16.01
C VAL A 172 -13.39 -7.27 16.79
N HIS A 173 -14.41 -7.03 17.63
CA HIS A 173 -14.49 -5.85 18.48
C HIS A 173 -13.80 -6.04 19.83
N ARG A 174 -13.84 -7.25 20.41
CA ARG A 174 -13.08 -7.49 21.62
C ARG A 174 -11.59 -7.60 21.33
N GLU A 175 -11.24 -8.01 20.11
CA GLU A 175 -9.87 -7.90 19.64
C GLU A 175 -9.42 -6.45 19.63
N LEU A 176 -10.18 -5.56 18.97
CA LEU A 176 -9.85 -4.15 18.94
C LEU A 176 -9.67 -3.60 20.35
N ALA A 177 -10.64 -3.86 21.23
CA ALA A 177 -10.52 -3.38 22.61
C ALA A 177 -9.17 -3.76 23.20
N SER A 178 -8.69 -4.97 22.89
CA SER A 178 -7.52 -5.50 23.57
C SER A 178 -6.23 -4.81 23.16
N GLY A 179 -6.30 -3.79 22.31
CA GLY A 179 -5.13 -3.03 21.95
C GLY A 179 -5.26 -1.52 22.05
N LEU A 180 -6.45 -1.04 22.41
CA LEU A 180 -6.69 0.40 22.49
C LEU A 180 -5.89 1.01 23.64
N SER A 181 -5.24 2.17 23.39
CA SER A 181 -4.44 2.77 24.45
C SER A 181 -5.28 3.38 25.57
N CYS A 182 -6.60 3.29 25.52
CA CYS A 182 -7.43 3.90 26.54
C CYS A 182 -8.34 2.89 27.23
N PRO A 183 -8.88 3.23 28.39
CA PRO A 183 -9.90 2.37 29.00
C PRO A 183 -11.03 2.12 28.02
N VAL A 184 -11.88 1.11 28.27
CA VAL A 184 -13.04 0.80 27.42
C VAL A 184 -14.17 0.32 28.32
N GLY A 185 -15.41 0.58 27.89
CA GLY A 185 -16.51 -0.01 28.63
C GLY A 185 -17.44 -0.78 27.72
N PHE A 186 -17.77 -2.02 28.05
CA PHE A 186 -18.66 -2.85 27.25
C PHE A 186 -20.09 -2.75 27.76
N LYS A 187 -21.03 -2.43 26.87
CA LYS A 187 -22.42 -2.38 27.28
C LYS A 187 -22.96 -3.80 27.39
N ASN A 188 -24.06 -3.95 28.14
CA ASN A 188 -24.72 -5.25 28.16
C ASN A 188 -25.55 -5.41 26.88
N GLY A 189 -26.17 -6.60 26.72
CA GLY A 189 -26.83 -6.93 25.48
C GLY A 189 -28.25 -6.40 25.38
N THR A 190 -28.78 -6.40 24.14
CA THR A 190 -30.08 -5.77 23.85
C THR A 190 -31.24 -6.42 24.59
N ASP A 191 -30.97 -6.97 25.78
CA ASP A 191 -32.06 -7.44 26.62
C ASP A 191 -31.76 -7.34 28.11
N GLY A 192 -30.58 -6.86 28.51
CA GLY A 192 -30.20 -6.78 29.91
C GLY A 192 -29.11 -7.76 30.31
N THR A 193 -28.78 -8.71 29.43
CA THR A 193 -27.74 -9.70 29.67
C THR A 193 -26.45 -9.03 30.14
N ILE A 194 -25.87 -9.56 31.23
CA ILE A 194 -24.55 -9.13 31.68
C ILE A 194 -23.48 -10.16 31.33
N LYS A 195 -23.88 -11.38 30.92
CA LYS A 195 -22.95 -12.45 30.52
C LYS A 195 -22.05 -12.01 29.38
N VAL A 196 -22.61 -11.41 28.33
CA VAL A 196 -21.84 -10.91 27.20
C VAL A 196 -20.77 -9.93 27.68
N ALA A 197 -21.14 -9.02 28.59
CA ALA A 197 -20.19 -8.00 29.05
C ALA A 197 -19.08 -8.61 29.89
N ILE A 198 -19.41 -9.54 30.79
CA ILE A 198 -18.35 -10.24 31.51
C ILE A 198 -17.37 -10.89 30.53
N ASP A 199 -17.90 -11.74 29.63
CA ASP A 199 -17.04 -12.42 28.66
C ASP A 199 -16.20 -11.43 27.88
N ALA A 200 -16.84 -10.37 27.40
CA ALA A 200 -16.13 -9.32 26.68
C ALA A 200 -14.97 -8.77 27.48
N ILE A 201 -15.19 -8.44 28.76
CA ILE A 201 -14.12 -7.88 29.57
C ILE A 201 -13.00 -8.90 29.72
N ASN A 202 -13.35 -10.16 29.93
CA ASN A 202 -12.32 -11.19 30.04
C ASN A 202 -11.59 -11.37 28.72
N ALA A 203 -12.33 -11.57 27.62
CA ALA A 203 -11.65 -11.68 26.34
C ALA A 203 -10.76 -10.45 26.11
N ALA A 204 -11.34 -9.26 26.26
CA ALA A 204 -10.61 -8.03 26.02
C ALA A 204 -9.41 -7.89 26.95
N GLY A 205 -9.35 -8.69 28.01
CA GLY A 205 -8.19 -8.70 28.88
C GLY A 205 -7.05 -9.56 28.39
N ALA A 206 -7.33 -10.46 27.45
CA ALA A 206 -6.27 -11.32 26.92
C ALA A 206 -5.50 -10.62 25.80
N PRO A 207 -4.29 -11.07 25.52
CA PRO A 207 -3.63 -10.64 24.29
C PRO A 207 -4.23 -11.38 23.10
N HIS A 208 -4.08 -10.77 21.93
CA HIS A 208 -4.65 -11.30 20.72
C HIS A 208 -3.72 -10.98 19.56
N CYS A 209 -3.75 -11.83 18.54
CA CYS A 209 -3.06 -11.59 17.29
C CYS A 209 -4.12 -11.64 16.21
N PHE A 210 -4.15 -10.62 15.35
CA PHE A 210 -5.23 -10.49 14.38
C PHE A 210 -4.83 -9.46 13.33
N LEU A 211 -5.68 -9.33 12.31
CA LEU A 211 -5.39 -8.52 11.13
C LEU A 211 -6.04 -7.15 11.28
N SER A 212 -5.26 -6.09 11.02
CA SER A 212 -5.74 -4.71 11.11
C SER A 212 -5.08 -3.89 10.02
N VAL A 213 -5.49 -2.62 9.91
CA VAL A 213 -4.87 -1.64 9.01
C VAL A 213 -3.98 -0.73 9.84
N THR A 214 -2.76 -0.49 9.35
CA THR A 214 -1.79 0.36 10.04
C THR A 214 -2.12 1.83 9.83
N LYS A 215 -1.27 2.69 10.39
CA LYS A 215 -1.41 4.12 10.15
C LYS A 215 -1.25 4.46 8.67
N TRP A 216 -0.70 3.55 7.87
CA TRP A 216 -0.45 3.77 6.44
C TRP A 216 -1.53 3.19 5.52
N GLY A 217 -2.47 2.42 6.02
CA GLY A 217 -3.52 1.89 5.19
C GLY A 217 -3.28 0.50 4.66
N HIS A 218 -2.25 -0.19 5.13
CA HIS A 218 -1.93 -1.54 4.72
C HIS A 218 -2.42 -2.55 5.74
N SER A 219 -3.17 -3.55 5.30
CA SER A 219 -3.40 -4.72 6.14
C SER A 219 -2.07 -5.26 6.68
N ALA A 220 -2.08 -5.70 7.93
CA ALA A 220 -0.88 -6.27 8.51
C ALA A 220 -1.29 -7.06 9.74
N ILE A 221 -0.35 -7.81 10.29
CA ILE A 221 -0.61 -8.65 11.47
C ILE A 221 -0.19 -7.90 12.70
N VAL A 222 -0.98 -8.02 13.78
CA VAL A 222 -0.78 -7.23 15.01
C VAL A 222 -1.02 -8.11 16.23
N ASN A 223 -0.11 -8.05 17.20
CA ASN A 223 -0.30 -8.68 18.50
C ASN A 223 -0.68 -7.61 19.52
N THR A 224 -1.75 -7.84 20.26
CA THR A 224 -2.10 -6.93 21.34
C THR A 224 -1.55 -7.46 22.65
N SER A 225 -1.36 -6.53 23.58
CA SER A 225 -0.98 -6.87 24.94
C SER A 225 -2.19 -7.28 25.78
N GLY A 226 -3.38 -6.83 25.44
CA GLY A 226 -4.50 -7.02 26.33
C GLY A 226 -4.76 -5.77 27.15
N ASN A 227 -6.03 -5.56 27.50
CA ASN A 227 -6.48 -4.29 28.06
C ASN A 227 -7.20 -4.53 29.40
N GLY A 228 -6.51 -4.25 30.50
CA GLY A 228 -7.11 -4.42 31.82
C GLY A 228 -8.11 -3.37 32.22
N ASP A 229 -8.14 -2.23 31.53
CA ASP A 229 -8.94 -1.06 31.92
C ASP A 229 -10.38 -1.09 31.38
N CYS A 230 -11.00 -2.26 31.20
CA CYS A 230 -12.37 -2.35 30.74
C CYS A 230 -13.31 -2.63 31.91
N HIS A 231 -14.60 -2.38 31.68
CA HIS A 231 -15.60 -2.50 32.72
C HIS A 231 -16.97 -2.61 32.06
N ILE A 232 -17.95 -3.00 32.83
CA ILE A 232 -19.31 -3.16 32.32
C ILE A 232 -19.99 -1.79 32.28
N ILE A 233 -20.91 -1.62 31.32
CA ILE A 233 -21.74 -0.41 31.20
C ILE A 233 -23.19 -0.85 31.27
N LEU A 234 -23.85 -0.58 32.38
CA LEU A 234 -25.24 -1.01 32.50
C LEU A 234 -26.11 -0.09 31.67
N ARG A 235 -26.97 -0.67 30.83
CA ARG A 235 -27.77 0.12 29.90
C ARG A 235 -29.22 -0.32 29.83
N GLY A 236 -29.58 -1.46 30.39
CA GLY A 236 -30.97 -1.88 30.50
C GLY A 236 -31.36 -2.84 29.39
N GLY A 237 -32.56 -3.40 29.54
CA GLY A 237 -33.20 -4.18 28.50
C GLY A 237 -34.59 -3.67 28.17
N LYS A 238 -35.57 -4.57 28.15
CA LYS A 238 -36.97 -4.16 28.21
C LYS A 238 -37.38 -3.76 29.61
N GLU A 239 -36.43 -3.63 30.53
CA GLU A 239 -36.67 -3.17 31.86
C GLU A 239 -35.33 -2.59 32.32
N PRO A 240 -35.32 -1.40 32.93
CA PRO A 240 -34.05 -0.75 33.29
C PRO A 240 -33.37 -1.46 34.45
N ASN A 241 -32.03 -1.49 34.38
CA ASN A 241 -31.22 -2.20 35.38
C ASN A 241 -30.19 -1.30 36.03
N TYR A 242 -30.64 -0.12 36.49
CA TYR A 242 -29.78 0.79 37.24
C TYR A 242 -30.04 0.79 38.74
N SER A 243 -31.18 0.26 39.22
CA SER A 243 -31.50 0.32 40.64
C SER A 243 -30.57 -0.61 41.43
N ALA A 244 -30.24 -0.20 42.67
CA ALA A 244 -29.32 -0.94 43.53
C ALA A 244 -29.49 -2.46 43.45
N LYS A 245 -30.70 -2.96 43.22
CA LYS A 245 -30.93 -4.40 43.15
C LYS A 245 -30.16 -5.01 41.98
N HIS A 246 -30.38 -4.50 40.78
CA HIS A 246 -29.54 -4.83 39.63
C HIS A 246 -28.05 -4.56 39.89
N VAL A 247 -27.74 -3.51 40.65
CA VAL A 247 -26.33 -3.17 40.88
C VAL A 247 -25.65 -4.27 41.67
N ALA A 248 -26.35 -4.88 42.61
CA ALA A 248 -25.74 -5.93 43.42
C ALA A 248 -25.65 -7.24 42.68
N GLU A 249 -26.54 -7.49 41.71
CA GLU A 249 -26.43 -8.68 40.87
C GLU A 249 -25.19 -8.62 39.98
N VAL A 250 -25.04 -7.54 39.21
CA VAL A 250 -23.81 -7.27 38.47
C VAL A 250 -22.61 -7.36 39.39
N LYS A 251 -22.79 -7.03 40.67
CA LYS A 251 -21.67 -7.02 41.61
C LYS A 251 -21.15 -8.43 41.84
N GLU A 252 -22.01 -9.31 42.36
CA GLU A 252 -21.58 -10.69 42.61
C GLU A 252 -21.16 -11.36 41.32
N GLY A 253 -21.94 -11.16 40.26
CA GLY A 253 -21.57 -11.73 38.97
C GLY A 253 -20.13 -11.41 38.60
N LEU A 254 -19.76 -10.13 38.72
CA LEU A 254 -18.38 -9.74 38.49
C LEU A 254 -17.43 -10.48 39.40
N ASN A 255 -17.88 -10.83 40.61
CA ASN A 255 -17.03 -11.60 41.52
C ASN A 255 -16.94 -13.05 41.08
N LYS A 256 -18.07 -13.67 40.74
CA LYS A 256 -18.06 -15.01 40.17
C LYS A 256 -17.06 -15.09 39.01
N ALA A 257 -17.21 -14.22 38.02
CA ALA A 257 -16.25 -14.28 36.93
C ALA A 257 -14.89 -13.72 37.32
N GLY A 258 -14.71 -13.43 38.61
CA GLY A 258 -13.43 -12.98 39.11
C GLY A 258 -12.94 -11.68 38.48
N LEU A 259 -13.81 -10.67 38.37
CA LEU A 259 -13.43 -9.33 37.95
C LEU A 259 -13.76 -8.32 39.05
N PRO A 260 -13.04 -7.19 39.07
CA PRO A 260 -13.41 -6.12 39.99
C PRO A 260 -14.89 -5.77 39.86
N ALA A 261 -15.51 -5.50 41.00
CA ALA A 261 -16.95 -5.26 41.06
C ALA A 261 -17.19 -3.75 41.04
N GLN A 262 -17.04 -3.17 39.85
CA GLN A 262 -17.31 -1.77 39.57
C GLN A 262 -18.30 -1.70 38.41
N VAL A 263 -18.94 -0.54 38.19
CA VAL A 263 -19.84 -0.42 37.05
C VAL A 263 -19.95 1.04 36.63
N MET A 264 -20.42 1.25 35.40
CA MET A 264 -20.84 2.52 34.85
C MET A 264 -22.28 2.37 34.37
N ILE A 265 -23.10 3.37 34.60
CA ILE A 265 -24.53 3.26 34.39
C ILE A 265 -24.94 4.28 33.36
N ASP A 266 -25.34 3.81 32.19
CA ASP A 266 -25.99 4.67 31.23
C ASP A 266 -27.29 5.19 31.83
N PHE A 267 -27.53 6.47 31.71
CA PHE A 267 -28.80 6.99 32.16
C PHE A 267 -29.86 6.87 31.07
N SER A 268 -29.47 6.40 29.88
CA SER A 268 -30.21 6.64 28.65
C SER A 268 -30.76 5.36 28.01
N HIS A 269 -31.04 5.41 26.71
CA HIS A 269 -31.31 4.24 25.87
C HIS A 269 -32.37 3.30 26.41
N ALA A 270 -31.99 2.38 27.30
CA ALA A 270 -32.91 1.45 27.92
C ALA A 270 -33.16 1.71 29.40
N ASN A 271 -32.30 2.49 30.07
CA ASN A 271 -32.60 2.97 31.40
C ASN A 271 -33.37 4.30 31.38
N SER A 272 -33.53 4.89 30.20
CA SER A 272 -34.38 6.05 29.97
C SER A 272 -35.79 5.65 29.59
N SER A 273 -36.02 4.35 29.37
CA SER A 273 -37.17 3.79 28.65
C SER A 273 -37.55 4.65 27.45
N LYS A 274 -36.55 5.17 26.73
CA LYS A 274 -36.65 5.88 25.44
C LYS A 274 -37.10 7.35 25.55
N GLN A 275 -37.41 7.89 26.72
CA GLN A 275 -37.71 9.31 26.87
C GLN A 275 -36.56 9.98 27.60
N PHE A 276 -36.05 11.07 27.01
CA PHE A 276 -34.78 11.64 27.44
C PHE A 276 -34.87 12.26 28.83
N LYS A 277 -35.95 12.98 29.12
CA LYS A 277 -36.04 13.68 30.40
C LYS A 277 -36.00 12.70 31.57
N LYS A 278 -36.33 11.43 31.34
CA LYS A 278 -36.21 10.44 32.41
C LYS A 278 -34.77 10.26 32.86
N GLN A 279 -33.79 10.75 32.10
CA GLN A 279 -32.40 10.64 32.52
C GLN A 279 -32.19 11.28 33.89
N MET A 280 -32.97 12.35 34.20
CA MET A 280 -32.88 13.03 35.49
C MET A 280 -33.25 12.08 36.62
N ASP A 281 -34.36 11.35 36.45
CA ASP A 281 -34.80 10.37 37.45
C ASP A 281 -33.66 9.41 37.80
N VAL A 282 -33.12 8.71 36.79
CA VAL A 282 -32.03 7.78 37.06
C VAL A 282 -30.95 8.44 37.91
N CYS A 283 -30.63 9.69 37.61
CA CYS A 283 -29.64 10.46 38.37
C CYS A 283 -29.92 10.51 39.87
N ALA A 284 -31.13 10.91 40.23
CA ALA A 284 -31.51 10.93 41.64
C ALA A 284 -31.21 9.59 42.31
N ASP A 285 -31.64 8.51 41.66
CA ASP A 285 -31.46 7.15 42.17
C ASP A 285 -29.99 6.77 42.31
N VAL A 286 -29.20 6.93 41.24
CA VAL A 286 -27.78 6.59 41.34
C VAL A 286 -27.11 7.52 42.34
N CYS A 287 -27.59 8.77 42.45
CA CYS A 287 -27.05 9.69 43.45
C CYS A 287 -27.35 9.24 44.86
N GLN A 288 -28.57 8.76 45.09
CA GLN A 288 -28.84 8.01 46.31
C GLN A 288 -27.80 6.90 46.50
N GLN A 289 -27.70 5.98 45.53
CA GLN A 289 -26.74 4.88 45.68
C GLN A 289 -25.35 5.42 45.97
N ILE A 290 -24.88 6.39 45.17
CA ILE A 290 -23.50 6.82 45.32
C ILE A 290 -23.27 7.43 46.70
N ALA A 291 -24.22 8.27 47.16
CA ALA A 291 -24.09 8.90 48.49
C ALA A 291 -24.42 7.93 49.63
N GLY A 292 -25.24 6.91 49.35
CA GLY A 292 -25.38 5.82 50.31
C GLY A 292 -24.05 5.18 50.66
N GLY A 293 -23.14 5.09 49.69
CA GLY A 293 -21.86 4.47 49.94
C GLY A 293 -21.61 3.35 48.95
N GLU A 294 -22.15 3.53 47.75
CA GLU A 294 -21.84 2.67 46.63
C GLU A 294 -20.46 3.04 46.11
N LYS A 295 -19.45 2.25 46.48
CA LYS A 295 -18.16 2.33 45.81
C LYS A 295 -18.18 1.60 44.47
N ALA A 296 -19.13 0.71 44.25
CA ALA A 296 -19.16 -0.04 43.01
C ALA A 296 -19.32 0.87 41.80
N ILE A 297 -20.04 1.98 41.94
CA ILE A 297 -20.37 2.80 40.78
C ILE A 297 -19.24 3.79 40.52
N ILE A 298 -18.66 3.74 39.32
CA ILE A 298 -17.46 4.50 39.00
C ILE A 298 -17.65 5.44 37.82
N GLY A 299 -18.76 5.37 37.11
CA GLY A 299 -19.02 6.35 36.09
C GLY A 299 -20.45 6.19 35.63
N VAL A 300 -20.88 7.15 34.83
CA VAL A 300 -22.21 7.15 34.23
C VAL A 300 -22.10 7.73 32.83
N MET A 301 -23.20 7.68 32.09
CA MET A 301 -23.23 8.18 30.73
C MET A 301 -24.56 8.88 30.52
N VAL A 302 -24.52 10.18 30.24
CA VAL A 302 -25.69 11.03 30.07
C VAL A 302 -25.66 11.52 28.64
N GLU A 303 -26.78 11.42 27.93
CA GLU A 303 -26.89 11.99 26.56
C GLU A 303 -27.40 13.42 26.74
N SER A 304 -26.55 14.39 26.48
CA SER A 304 -26.77 15.79 26.83
C SER A 304 -26.36 16.70 25.68
N HIS A 305 -27.13 17.75 25.46
CA HIS A 305 -26.82 18.67 24.37
C HIS A 305 -27.23 20.07 24.82
N LEU A 306 -27.15 21.03 23.88
CA LEU A 306 -27.56 22.38 24.21
C LEU A 306 -29.06 22.47 24.31
N VAL A 307 -29.76 21.84 23.37
CA VAL A 307 -31.22 21.86 23.33
C VAL A 307 -31.74 20.46 23.63
N GLU A 308 -32.62 20.36 24.62
CA GLU A 308 -33.23 19.08 24.90
C GLU A 308 -34.06 18.65 23.69
N GLY A 309 -34.39 17.36 23.65
CA GLY A 309 -35.20 16.85 22.58
C GLY A 309 -34.35 16.60 21.34
N ASN A 310 -35.03 16.51 20.20
CA ASN A 310 -34.35 16.11 18.99
C ASN A 310 -35.19 16.49 17.78
N GLN A 311 -34.55 16.46 16.61
CA GLN A 311 -35.19 16.70 15.32
C GLN A 311 -34.78 15.61 14.33
N SER A 312 -35.41 15.63 13.16
CA SER A 312 -35.10 14.70 12.08
C SER A 312 -34.72 15.47 10.80
N LEU A 313 -34.44 14.72 9.73
CA LEU A 313 -34.15 15.30 8.43
C LEU A 313 -34.94 14.58 7.33
N LEU A 319 -33.45 23.40 10.45
CA LEU A 319 -32.76 22.39 11.28
C LEU A 319 -32.03 23.02 12.46
N ALA A 320 -32.63 22.91 13.66
CA ALA A 320 -32.25 23.67 14.86
C ALA A 320 -30.76 23.63 15.21
N TYR A 321 -30.32 24.62 15.96
CA TYR A 321 -28.94 24.70 16.42
C TYR A 321 -28.82 24.01 17.78
N GLY A 322 -27.82 23.15 17.91
CA GLY A 322 -27.52 22.50 19.19
C GLY A 322 -28.63 21.63 19.75
N LYS A 323 -29.60 21.28 18.93
CA LYS A 323 -30.57 20.27 19.28
C LYS A 323 -30.13 18.98 18.60
N SER A 324 -30.09 17.88 19.37
CA SER A 324 -29.64 16.61 18.82
C SER A 324 -30.44 16.26 17.56
N ILE A 325 -29.81 15.61 16.60
CA ILE A 325 -30.57 15.14 15.45
C ILE A 325 -30.59 13.62 15.37
N THR A 326 -30.34 12.93 16.50
CA THR A 326 -30.70 11.51 16.62
C THR A 326 -31.60 11.30 17.83
N ASP A 327 -31.09 10.64 18.87
CA ASP A 327 -31.85 10.45 20.11
C ASP A 327 -32.03 11.76 20.85
N ALA A 328 -33.11 11.83 21.64
CA ALA A 328 -33.36 13.00 22.45
C ALA A 328 -32.39 13.04 23.62
N CYS A 329 -31.88 14.23 23.93
CA CYS A 329 -31.06 14.45 25.12
C CYS A 329 -31.64 15.58 25.96
N ILE A 330 -31.13 15.67 27.18
CA ILE A 330 -31.46 16.81 28.02
C ILE A 330 -30.76 18.06 27.52
N GLY A 331 -31.33 19.22 27.86
CA GLY A 331 -30.72 20.49 27.56
C GLY A 331 -29.73 20.95 28.61
N TRP A 332 -29.22 22.18 28.43
CA TRP A 332 -28.11 22.62 29.27
C TRP A 332 -28.53 22.95 30.69
N GLU A 333 -29.74 23.50 30.91
CA GLU A 333 -30.11 23.74 32.31
C GLU A 333 -30.18 22.42 33.08
N ASP A 334 -30.79 21.38 32.50
CA ASP A 334 -30.82 20.08 33.16
C ASP A 334 -29.44 19.44 33.27
N THR A 335 -28.54 19.74 32.32
CA THR A 335 -27.21 19.16 32.37
C THR A 335 -26.38 19.75 33.50
N ASP A 336 -26.50 21.07 33.71
CA ASP A 336 -25.85 21.70 34.85
C ASP A 336 -26.38 21.12 36.17
N ALA A 337 -27.71 21.01 36.30
CA ALA A 337 -28.28 20.37 37.48
C ALA A 337 -27.62 19.03 37.74
N LEU A 338 -27.60 18.17 36.71
CA LEU A 338 -27.23 16.76 36.88
C LEU A 338 -25.77 16.61 37.28
N LEU A 339 -24.85 17.30 36.62
CA LEU A 339 -23.45 17.12 37.02
C LEU A 339 -23.22 17.55 38.45
N ARG A 340 -24.07 18.45 38.97
CA ARG A 340 -23.91 18.91 40.35
C ARG A 340 -24.47 17.90 41.35
N GLN A 341 -25.70 17.40 41.11
CA GLN A 341 -26.22 16.30 41.91
C GLN A 341 -25.16 15.22 42.07
N LEU A 342 -24.43 14.92 40.98
CA LEU A 342 -23.46 13.82 41.01
C LEU A 342 -22.25 14.19 41.84
N ALA A 343 -21.78 15.42 41.69
CA ALA A 343 -20.62 15.81 42.50
C ALA A 343 -20.96 15.75 43.98
N ASN A 344 -22.25 15.89 44.34
CA ASN A 344 -22.65 15.93 45.75
C ASN A 344 -22.75 14.55 46.36
N ALA A 345 -23.36 13.60 45.63
CA ALA A 345 -23.33 12.21 46.07
C ALA A 345 -21.90 11.70 46.21
N VAL A 346 -21.01 12.13 45.31
CA VAL A 346 -19.59 11.84 45.42
C VAL A 346 -18.99 12.51 46.65
N LYS A 347 -19.57 13.64 47.09
CA LYS A 347 -19.15 14.21 48.36
C LYS A 347 -19.71 13.37 49.50
N ALA A 348 -21.03 13.20 49.54
CA ALA A 348 -21.64 12.34 50.54
C ALA A 348 -20.84 11.06 50.70
N ARG A 349 -20.62 10.34 49.59
CA ARG A 349 -19.96 9.04 49.63
C ARG A 349 -18.64 9.09 50.38
N ARG A 350 -17.86 10.16 50.20
CA ARG A 350 -16.56 10.20 50.87
C ARG A 350 -16.69 10.51 52.35
N GLY A 351 -17.69 11.31 52.72
CA GLY A 351 -17.89 11.68 54.12
C GLY A 351 -17.14 12.93 54.53
N ASP B 8 -0.50 2.46 19.98
CA ASP B 8 0.84 2.60 20.55
C ASP B 8 1.02 1.74 21.79
N LEU B 9 0.57 2.29 22.91
CA LEU B 9 0.94 1.77 24.21
C LEU B 9 0.55 0.31 24.39
N ARG B 10 -0.36 -0.22 23.55
CA ARG B 10 -0.86 -1.57 23.73
C ARG B 10 -0.73 -2.42 22.46
N ILE B 11 0.04 -1.95 21.48
CA ILE B 11 0.35 -2.70 20.27
C ILE B 11 1.78 -3.17 20.42
N LYS B 12 1.95 -4.45 20.72
CA LYS B 12 3.28 -4.95 21.05
C LYS B 12 4.12 -5.26 19.81
N GLU B 13 3.51 -5.65 18.68
CA GLU B 13 4.30 -6.01 17.52
C GLU B 13 3.45 -5.96 16.25
N ILE B 14 4.08 -5.63 15.12
CA ILE B 14 3.38 -5.42 13.84
C ILE B 14 4.16 -6.15 12.74
N LYS B 15 3.75 -7.37 12.41
CA LYS B 15 4.41 -8.12 11.34
C LYS B 15 3.70 -7.90 10.00
N GLU B 16 4.38 -8.24 8.91
CA GLU B 16 3.83 -8.04 7.55
C GLU B 16 2.86 -9.15 7.16
N LEU B 17 1.88 -8.80 6.34
CA LEU B 17 0.80 -9.69 5.90
C LEU B 17 0.79 -9.72 4.38
N LEU B 18 0.91 -10.90 3.79
CA LEU B 18 0.90 -11.11 2.32
C LEU B 18 -0.40 -10.52 1.81
N PRO B 19 -0.46 -9.63 0.81
CA PRO B 19 -1.74 -9.11 0.34
C PRO B 19 -2.67 -10.13 -0.33
N PRO B 20 -3.99 -9.89 -0.40
CA PRO B 20 -4.90 -10.82 -1.03
C PRO B 20 -4.48 -11.06 -2.48
N VAL B 21 -3.93 -10.07 -3.16
CA VAL B 21 -3.53 -10.34 -4.54
C VAL B 21 -2.51 -11.46 -4.60
N ALA B 22 -1.63 -11.56 -3.60
CA ALA B 22 -0.58 -12.56 -3.70
C ALA B 22 -1.15 -13.98 -3.66
N LEU B 23 -2.12 -14.26 -2.77
CA LEU B 23 -2.69 -15.60 -2.73
C LEU B 23 -3.52 -15.90 -3.97
N LEU B 24 -4.36 -14.96 -4.40
CA LEU B 24 -5.10 -15.15 -5.64
C LEU B 24 -4.17 -15.49 -6.81
N GLU B 25 -2.90 -15.07 -6.73
CA GLU B 25 -1.95 -15.30 -7.80
C GLU B 25 -1.19 -16.62 -7.63
N LYS B 26 -0.98 -17.08 -6.42
CA LYS B 26 -0.30 -18.34 -6.21
C LYS B 26 -1.26 -19.52 -6.16
N PHE B 27 -2.55 -19.26 -6.01
CA PHE B 27 -3.57 -20.30 -5.91
C PHE B 27 -4.81 -19.84 -6.66
N PRO B 28 -4.69 -19.67 -7.96
CA PRO B 28 -5.84 -19.20 -8.74
C PRO B 28 -6.84 -20.31 -8.98
N ALA B 29 -8.11 -19.93 -9.03
CA ALA B 29 -9.14 -20.88 -9.41
C ALA B 29 -8.79 -21.53 -10.74
N THR B 30 -8.67 -22.86 -10.72
CA THR B 30 -8.75 -23.64 -11.94
C THR B 30 -10.11 -23.41 -12.61
N GLU B 31 -10.14 -23.68 -13.92
CA GLU B 31 -11.39 -23.56 -14.65
C GLU B 31 -12.50 -24.36 -13.96
N ASN B 32 -12.23 -25.60 -13.55
CA ASN B 32 -13.26 -26.38 -12.88
C ASN B 32 -13.71 -25.68 -11.61
N ALA B 33 -12.77 -25.47 -10.68
CA ALA B 33 -13.12 -24.83 -9.41
C ALA B 33 -13.99 -23.60 -9.63
N ALA B 34 -13.64 -22.78 -10.62
CA ALA B 34 -14.50 -21.66 -10.98
C ALA B 34 -15.93 -22.11 -11.22
N ASN B 35 -16.09 -23.26 -11.90
CA ASN B 35 -17.42 -23.78 -12.23
C ASN B 35 -18.20 -24.17 -10.96
N THR B 36 -17.56 -24.97 -10.10
CA THR B 36 -18.13 -25.33 -8.80
C THR B 36 -18.66 -24.12 -8.07
N VAL B 37 -17.75 -23.21 -7.72
CA VAL B 37 -18.10 -21.96 -7.07
C VAL B 37 -19.27 -21.27 -7.76
N ALA B 38 -19.35 -21.39 -9.08
CA ALA B 38 -20.36 -20.59 -9.74
C ALA B 38 -21.70 -21.31 -9.87
N HIS B 39 -21.70 -22.61 -10.14
CA HIS B 39 -22.96 -23.34 -10.25
C HIS B 39 -23.64 -23.45 -8.90
N ALA B 40 -22.87 -23.80 -7.87
CA ALA B 40 -23.44 -23.83 -6.53
C ALA B 40 -24.06 -22.47 -6.16
N ARG B 41 -23.40 -21.37 -6.55
CA ARG B 41 -23.90 -20.07 -6.16
C ARG B 41 -25.22 -19.76 -6.85
N LYS B 42 -25.36 -20.14 -8.12
CA LYS B 42 -26.64 -19.94 -8.82
C LYS B 42 -27.68 -20.94 -8.33
N ALA B 43 -27.28 -22.19 -8.07
CA ALA B 43 -28.19 -23.18 -7.50
C ALA B 43 -28.87 -22.62 -6.25
N ILE B 44 -28.07 -22.28 -5.24
CA ILE B 44 -28.59 -21.77 -3.97
C ILE B 44 -29.52 -20.58 -4.20
N HIS B 45 -29.15 -19.67 -5.11
CA HIS B 45 -30.07 -18.59 -5.45
C HIS B 45 -31.40 -19.15 -5.94
N LYS B 46 -31.36 -20.25 -6.73
CA LYS B 46 -32.61 -20.79 -7.27
C LYS B 46 -33.43 -21.50 -6.20
N ILE B 47 -32.77 -22.11 -5.22
CA ILE B 47 -33.50 -22.57 -4.04
C ILE B 47 -34.20 -21.40 -3.36
N LEU B 48 -33.49 -20.30 -3.13
CA LEU B 48 -34.12 -19.25 -2.33
C LEU B 48 -35.24 -18.57 -3.06
N LYS B 49 -35.39 -18.84 -4.36
CA LYS B 49 -36.48 -18.25 -5.12
C LYS B 49 -37.60 -19.25 -5.39
N GLY B 50 -37.46 -20.49 -4.92
CA GLY B 50 -38.48 -21.50 -5.09
C GLY B 50 -38.45 -22.22 -6.42
N ASN B 51 -37.79 -21.64 -7.43
CA ASN B 51 -37.66 -22.28 -8.74
C ASN B 51 -36.88 -23.59 -8.70
N ASP B 52 -36.42 -24.02 -7.54
CA ASP B 52 -35.95 -25.37 -7.32
C ASP B 52 -36.47 -25.84 -5.97
N ASP B 53 -36.32 -27.13 -5.69
CA ASP B 53 -36.89 -27.68 -4.47
C ASP B 53 -35.98 -28.71 -3.83
N ARG B 54 -34.67 -28.62 -4.05
CA ARG B 54 -33.74 -29.43 -3.29
C ARG B 54 -33.40 -28.75 -1.97
N LEU B 55 -32.71 -29.46 -1.11
CA LEU B 55 -32.36 -28.94 0.20
C LEU B 55 -30.86 -28.69 0.23
N LEU B 56 -30.46 -27.43 0.16
CA LEU B 56 -29.08 -27.09 0.52
C LEU B 56 -28.68 -27.84 1.79
N VAL B 57 -27.42 -28.22 1.89
CA VAL B 57 -26.94 -28.96 3.06
C VAL B 57 -25.48 -28.64 3.35
N VAL B 58 -25.25 -27.54 4.07
CA VAL B 58 -23.92 -27.18 4.53
C VAL B 58 -23.54 -28.13 5.66
N ILE B 59 -22.62 -29.05 5.41
CA ILE B 59 -22.34 -30.12 6.36
C ILE B 59 -20.87 -30.48 6.27
N GLY B 60 -20.20 -30.50 7.40
CA GLY B 60 -18.78 -30.74 7.43
C GLY B 60 -18.29 -30.52 8.84
N PRO B 61 -16.97 -30.45 9.01
CA PRO B 61 -16.41 -30.27 10.36
C PRO B 61 -16.75 -28.91 10.97
N CYS B 62 -16.63 -28.87 12.30
CA CYS B 62 -16.75 -27.62 13.03
C CYS B 62 -15.61 -26.69 12.65
N SER B 63 -14.39 -27.18 12.69
CA SER B 63 -13.26 -26.39 12.23
C SER B 63 -12.29 -27.29 11.45
N ILE B 64 -11.89 -26.83 10.27
CA ILE B 64 -10.81 -27.50 9.58
C ILE B 64 -9.52 -27.27 10.36
N HIS B 65 -8.77 -28.34 10.58
CA HIS B 65 -7.43 -28.22 11.18
C HIS B 65 -6.46 -29.23 10.63
N ASP B 66 -6.93 -30.26 9.93
CA ASP B 66 -6.07 -31.15 9.16
C ASP B 66 -6.51 -31.09 7.70
N PRO B 67 -5.77 -30.37 6.87
CA PRO B 67 -6.03 -30.41 5.43
C PRO B 67 -5.99 -31.82 4.85
N VAL B 68 -5.36 -32.77 5.54
CA VAL B 68 -5.40 -34.16 5.10
C VAL B 68 -6.75 -34.78 5.39
N ALA B 69 -7.23 -34.66 6.63
CA ALA B 69 -8.54 -35.20 6.95
C ALA B 69 -9.64 -34.46 6.20
N ALA B 70 -9.47 -33.17 5.95
CA ALA B 70 -10.53 -32.43 5.28
C ALA B 70 -10.65 -32.87 3.82
N LYS B 71 -9.58 -33.42 3.24
CA LYS B 71 -9.73 -33.97 1.90
C LYS B 71 -10.25 -35.39 1.93
N GLU B 72 -9.68 -36.26 2.76
CA GLU B 72 -10.33 -37.56 2.92
C GLU B 72 -11.82 -37.36 3.17
N TYR B 73 -12.18 -36.32 3.94
CA TYR B 73 -13.57 -36.00 4.18
C TYR B 73 -14.26 -35.58 2.88
N ALA B 74 -13.64 -34.64 2.15
CA ALA B 74 -14.35 -34.02 1.04
C ALA B 74 -14.65 -35.04 -0.06
N THR B 75 -13.72 -35.97 -0.29
CA THR B 75 -13.97 -37.03 -1.27
C THR B 75 -15.14 -37.91 -0.84
N ARG B 76 -15.18 -38.30 0.44
CA ARG B 76 -16.34 -39.03 0.95
C ARG B 76 -17.61 -38.19 0.78
N LEU B 77 -17.55 -36.92 1.12
CA LEU B 77 -18.76 -36.10 1.06
C LEU B 77 -19.12 -35.80 -0.39
N LEU B 78 -18.12 -35.56 -1.22
CA LEU B 78 -18.35 -35.41 -2.66
C LEU B 78 -19.00 -36.67 -3.23
N ALA B 79 -18.52 -37.86 -2.83
CA ALA B 79 -19.12 -39.10 -3.33
C ALA B 79 -20.62 -39.15 -3.08
N LEU B 80 -21.06 -38.62 -1.93
CA LEU B 80 -22.49 -38.56 -1.67
C LEU B 80 -23.13 -37.36 -2.36
N ARG B 81 -22.39 -36.26 -2.49
CA ARG B 81 -22.91 -35.13 -3.24
C ARG B 81 -23.44 -35.58 -4.61
N GLU B 82 -22.61 -36.26 -5.39
CA GLU B 82 -23.07 -36.69 -6.71
C GLU B 82 -24.25 -37.67 -6.63
N GLU B 83 -24.23 -38.59 -5.67
CA GLU B 83 -25.32 -39.56 -5.62
C GLU B 83 -26.67 -38.87 -5.43
N LEU B 84 -26.76 -37.96 -4.46
CA LEU B 84 -28.04 -37.36 -4.10
C LEU B 84 -28.30 -36.06 -4.86
N LYS B 85 -27.38 -35.67 -5.76
CA LYS B 85 -27.54 -34.60 -6.73
C LYS B 85 -28.94 -34.04 -6.86
N ASP B 86 -29.96 -34.90 -6.88
CA ASP B 86 -31.30 -34.47 -7.25
C ASP B 86 -32.15 -34.09 -6.05
N GLU B 87 -31.81 -34.59 -4.87
CA GLU B 87 -32.50 -34.24 -3.64
C GLU B 87 -31.78 -33.09 -2.92
N LEU B 88 -30.48 -33.24 -2.74
CA LEU B 88 -29.70 -32.34 -1.93
C LEU B 88 -28.95 -31.31 -2.78
N GLU B 89 -28.07 -30.58 -2.12
CA GLU B 89 -27.07 -29.72 -2.73
C GLU B 89 -25.99 -29.58 -1.65
N ILE B 90 -25.19 -30.63 -1.53
CA ILE B 90 -24.21 -30.70 -0.45
C ILE B 90 -23.11 -29.68 -0.65
N VAL B 91 -22.75 -28.99 0.43
CA VAL B 91 -21.71 -27.97 0.45
C VAL B 91 -20.84 -28.23 1.69
N MET B 92 -19.61 -28.70 1.48
CA MET B 92 -18.77 -29.02 2.63
C MET B 92 -18.48 -27.78 3.48
N ARG B 93 -18.35 -28.02 4.80
CA ARG B 93 -18.12 -26.99 5.82
C ARG B 93 -16.63 -26.76 5.99
N VAL B 94 -16.12 -25.72 5.38
CA VAL B 94 -14.70 -25.43 5.48
C VAL B 94 -14.53 -24.13 6.25
N TYR B 95 -14.77 -24.18 7.57
CA TYR B 95 -14.66 -23.01 8.42
C TYR B 95 -13.21 -22.86 8.85
N PHE B 96 -12.58 -21.77 8.42
CA PHE B 96 -11.23 -21.47 8.86
C PHE B 96 -11.21 -20.47 10.00
N GLU B 97 -12.37 -19.92 10.38
CA GLU B 97 -12.48 -18.97 11.47
C GLU B 97 -13.44 -19.54 12.50
N LYS B 98 -13.04 -19.53 13.77
CA LYS B 98 -13.94 -19.91 14.86
C LYS B 98 -13.88 -18.89 15.98
N PRO B 99 -15.05 -18.51 16.55
CA PRO B 99 -15.05 -17.53 17.64
C PRO B 99 -15.20 -18.19 19.01
N ARG B 100 -14.55 -17.67 20.06
CA ARG B 100 -14.78 -18.19 21.40
C ARG B 100 -15.63 -17.22 22.22
N THR B 101 -16.44 -17.80 23.12
CA THR B 101 -17.15 -17.00 24.14
C THR B 101 -16.20 -16.06 24.84
N THR B 102 -14.93 -16.46 24.97
CA THR B 102 -13.93 -15.68 25.66
C THR B 102 -12.61 -15.84 24.90
N VAL B 103 -11.68 -16.67 25.37
CA VAL B 103 -10.39 -16.84 24.70
C VAL B 103 -10.21 -18.31 24.31
N GLY B 104 -9.63 -18.52 23.13
CA GLY B 104 -9.41 -19.86 22.64
C GLY B 104 -8.74 -19.80 21.27
N TRP B 105 -8.65 -20.97 20.61
CA TRP B 105 -8.00 -21.08 19.30
C TRP B 105 -8.98 -20.67 18.20
N LYS B 106 -8.57 -19.71 17.35
CA LYS B 106 -9.50 -18.96 16.52
C LYS B 106 -9.75 -19.57 15.14
N GLY B 107 -9.08 -20.68 14.81
CA GLY B 107 -9.20 -21.33 13.51
C GLY B 107 -7.85 -21.67 12.96
N LEU B 108 -7.86 -22.30 11.78
CA LEU B 108 -6.59 -22.68 11.13
C LEU B 108 -5.88 -21.48 10.50
N ILE B 109 -6.63 -20.45 10.07
CA ILE B 109 -6.01 -19.30 9.44
C ILE B 109 -5.20 -18.52 10.46
N ASN B 110 -5.77 -18.31 11.64
CA ASN B 110 -5.17 -17.43 12.62
C ASN B 110 -4.11 -18.11 13.47
N ASP B 111 -4.04 -19.44 13.45
CA ASP B 111 -3.01 -20.16 14.19
C ASP B 111 -2.83 -21.57 13.61
N PRO B 112 -2.29 -21.70 12.38
CA PRO B 112 -2.37 -22.99 11.68
C PRO B 112 -1.67 -24.15 12.40
N HIS B 113 -0.50 -23.90 13.00
CA HIS B 113 0.24 -24.90 13.77
C HIS B 113 -0.27 -25.09 15.19
N MET B 114 -1.51 -24.66 15.50
CA MET B 114 -2.08 -24.63 16.84
C MET B 114 -1.05 -24.71 17.96
N ASP B 115 0.01 -23.93 17.86
CA ASP B 115 1.00 -23.86 18.91
C ASP B 115 1.19 -22.41 19.34
N ASN B 116 0.14 -21.60 19.17
CA ASN B 116 0.21 -20.16 19.44
C ASN B 116 1.38 -19.50 18.70
N SER B 117 1.74 -20.06 17.53
CA SER B 117 2.75 -19.45 16.67
C SER B 117 2.19 -18.27 15.90
N PHE B 118 0.87 -18.24 15.68
CA PHE B 118 0.19 -17.23 14.87
C PHE B 118 0.95 -16.93 13.58
N GLN B 119 1.26 -18.01 12.85
CA GLN B 119 1.82 -17.91 11.51
C GLN B 119 0.66 -17.75 10.51
N ILE B 120 0.06 -16.56 10.55
CA ILE B 120 -1.14 -16.29 9.75
C ILE B 120 -0.84 -16.39 8.25
N ASN B 121 0.37 -16.00 7.83
CA ASN B 121 0.70 -16.05 6.41
C ASN B 121 0.70 -17.49 5.90
N ASP B 122 1.34 -18.41 6.64
CA ASP B 122 1.13 -19.83 6.37
C ASP B 122 -0.36 -20.20 6.48
N GLY B 123 -1.03 -19.72 7.52
CA GLY B 123 -2.45 -20.01 7.66
C GLY B 123 -3.24 -19.71 6.40
N LEU B 124 -3.04 -18.52 5.84
CA LEU B 124 -3.80 -18.16 4.66
C LEU B 124 -3.38 -18.98 3.43
N ARG B 125 -2.10 -19.32 3.33
CA ARG B 125 -1.67 -20.19 2.24
C ARG B 125 -2.32 -21.55 2.33
N ILE B 126 -2.19 -22.20 3.50
CA ILE B 126 -2.84 -23.47 3.75
C ILE B 126 -4.34 -23.38 3.54
N ALA B 127 -4.98 -22.36 4.09
CA ALA B 127 -6.42 -22.23 3.91
C ALA B 127 -6.81 -22.16 2.43
N ARG B 128 -6.10 -21.36 1.64
CA ARG B 128 -6.54 -21.17 0.26
C ARG B 128 -6.21 -22.36 -0.59
N LYS B 129 -5.04 -22.96 -0.37
CA LYS B 129 -4.64 -24.14 -1.15
C LYS B 129 -5.66 -25.25 -0.95
N LEU B 130 -5.93 -25.61 0.31
CA LEU B 130 -7.02 -26.53 0.63
C LEU B 130 -8.33 -26.11 -0.03
N LEU B 131 -8.69 -24.83 0.11
CA LEU B 131 -9.95 -24.35 -0.45
C LEU B 131 -10.03 -24.63 -1.94
N LEU B 132 -8.90 -24.51 -2.65
CA LEU B 132 -8.87 -24.68 -4.11
C LEU B 132 -8.91 -26.15 -4.51
N ASP B 133 -8.15 -26.98 -3.81
CA ASP B 133 -8.24 -28.41 -4.04
C ASP B 133 -9.69 -28.84 -4.01
N ILE B 134 -10.46 -28.32 -3.06
CA ILE B 134 -11.80 -28.86 -2.89
C ILE B 134 -12.74 -28.39 -3.99
N ASN B 135 -12.69 -27.12 -4.38
CA ASN B 135 -13.60 -26.70 -5.44
C ASN B 135 -13.23 -27.34 -6.76
N ASP B 136 -11.95 -27.71 -6.93
CA ASP B 136 -11.50 -28.29 -8.19
C ASP B 136 -12.01 -29.71 -8.39
N SER B 137 -12.26 -30.44 -7.30
CA SER B 137 -12.88 -31.75 -7.39
C SER B 137 -14.40 -31.69 -7.23
N GLY B 138 -15.04 -30.59 -7.58
CA GLY B 138 -16.48 -30.54 -7.69
C GLY B 138 -17.25 -30.22 -6.40
N LEU B 139 -16.58 -30.18 -5.26
CA LEU B 139 -17.26 -30.04 -3.98
C LEU B 139 -17.26 -28.58 -3.55
N PRO B 140 -18.40 -27.88 -3.61
CA PRO B 140 -18.43 -26.48 -3.18
C PRO B 140 -17.99 -26.34 -1.74
N ALA B 141 -17.61 -25.11 -1.36
CA ALA B 141 -17.20 -24.87 0.02
C ALA B 141 -18.12 -23.84 0.64
N ALA B 142 -18.35 -24.02 1.94
CA ALA B 142 -19.09 -23.07 2.75
C ALA B 142 -18.22 -22.64 3.92
N GLY B 143 -18.47 -21.42 4.42
CA GLY B 143 -17.64 -20.90 5.50
C GLY B 143 -18.29 -19.77 6.29
N GLU B 144 -17.70 -19.48 7.42
CA GLU B 144 -18.18 -18.38 8.24
C GLU B 144 -17.28 -17.16 8.06
N PHE B 145 -17.89 -16.00 7.89
CA PHE B 145 -17.15 -14.74 7.75
C PHE B 145 -17.13 -14.03 9.09
N LEU B 146 -16.03 -14.21 9.84
CA LEU B 146 -15.78 -13.50 11.09
C LEU B 146 -14.94 -12.26 10.83
N ASP B 147 -13.65 -12.45 10.50
CA ASP B 147 -12.76 -11.33 10.24
C ASP B 147 -13.20 -10.58 8.98
N MET B 148 -12.80 -9.30 8.89
CA MET B 148 -13.19 -8.42 7.80
C MET B 148 -12.14 -8.27 6.70
N ILE B 149 -10.95 -8.85 6.89
CA ILE B 149 -9.88 -8.79 5.90
C ILE B 149 -9.66 -10.14 5.22
N THR B 150 -9.79 -11.26 5.96
CA THR B 150 -9.66 -12.58 5.36
C THR B 150 -10.59 -12.80 4.17
N PRO B 151 -11.84 -12.35 4.18
CA PRO B 151 -12.73 -12.64 3.04
C PRO B 151 -12.05 -12.42 1.69
N GLN B 152 -11.39 -11.27 1.47
CA GLN B 152 -10.80 -11.01 0.17
C GLN B 152 -9.80 -12.10 -0.25
N TYR B 153 -9.22 -12.82 0.71
CA TYR B 153 -8.31 -13.91 0.40
C TYR B 153 -9.02 -15.22 0.01
N LEU B 154 -10.34 -15.30 0.14
CA LEU B 154 -11.03 -16.58 -0.01
C LEU B 154 -12.41 -16.47 -0.64
N ALA B 155 -12.96 -15.26 -0.78
CA ALA B 155 -14.38 -15.15 -1.10
C ALA B 155 -14.71 -15.80 -2.43
N ASP B 156 -13.77 -15.77 -3.40
CA ASP B 156 -14.01 -16.27 -4.75
C ASP B 156 -14.07 -17.81 -4.82
N LEU B 157 -13.73 -18.51 -3.73
CA LEU B 157 -13.79 -19.97 -3.63
C LEU B 157 -14.87 -20.44 -2.66
N MET B 158 -15.75 -19.55 -2.21
CA MET B 158 -16.81 -19.91 -1.29
C MET B 158 -18.15 -19.78 -1.99
N SER B 159 -18.99 -20.78 -1.84
CA SER B 159 -20.27 -20.72 -2.51
C SER B 159 -21.40 -20.41 -1.56
N TRP B 160 -21.15 -20.45 -0.27
CA TRP B 160 -22.13 -19.99 0.71
C TRP B 160 -21.39 -19.49 1.95
N GLY B 161 -21.99 -18.51 2.63
CA GLY B 161 -21.36 -17.94 3.80
C GLY B 161 -22.30 -17.64 4.96
N ALA B 162 -21.81 -17.86 6.18
CA ALA B 162 -22.58 -17.62 7.39
C ALA B 162 -21.99 -16.45 8.18
N ILE B 163 -22.87 -15.72 8.88
CA ILE B 163 -22.47 -14.70 9.85
C ILE B 163 -22.81 -15.23 11.24
N GLY B 164 -21.80 -15.36 12.08
CA GLY B 164 -21.95 -15.92 13.42
C GLY B 164 -23.16 -15.48 14.21
N ALA B 165 -23.56 -16.31 15.17
CA ALA B 165 -24.67 -15.91 16.04
C ALA B 165 -24.32 -14.66 16.82
N ARG B 166 -23.06 -14.52 17.20
CA ARG B 166 -22.63 -13.38 18.00
C ARG B 166 -22.29 -12.15 17.17
N THR B 167 -22.28 -12.23 15.84
CA THR B 167 -22.00 -11.05 15.04
C THR B 167 -23.20 -10.60 14.22
N THR B 168 -24.34 -11.24 14.37
CA THR B 168 -25.48 -10.94 13.51
C THR B 168 -26.00 -9.53 13.73
N GLU B 169 -25.77 -8.95 14.91
CA GLU B 169 -26.16 -7.57 15.15
C GLU B 169 -25.14 -6.57 14.60
N SER B 170 -23.91 -7.00 14.36
CA SER B 170 -22.82 -6.08 14.13
C SER B 170 -22.90 -5.41 12.76
N GLN B 171 -23.04 -4.08 12.79
CA GLN B 171 -23.22 -3.32 11.55
C GLN B 171 -22.20 -3.73 10.49
N VAL B 172 -20.96 -4.02 10.90
CA VAL B 172 -19.91 -4.28 9.92
C VAL B 172 -19.96 -5.68 9.32
N HIS B 173 -20.60 -6.64 9.98
CA HIS B 173 -20.80 -7.94 9.36
C HIS B 173 -21.99 -7.91 8.39
N ARG B 174 -22.96 -7.04 8.64
CA ARG B 174 -24.01 -6.84 7.67
C ARG B 174 -23.47 -6.14 6.44
N GLU B 175 -22.69 -5.07 6.65
CA GLU B 175 -22.03 -4.38 5.55
C GLU B 175 -21.21 -5.33 4.69
N LEU B 176 -20.49 -6.25 5.33
CA LEU B 176 -19.62 -7.18 4.61
C LEU B 176 -20.42 -8.14 3.75
N ALA B 177 -21.58 -8.58 4.24
CA ALA B 177 -22.42 -9.48 3.45
C ALA B 177 -23.13 -8.71 2.37
N SER B 178 -23.39 -7.42 2.59
CA SER B 178 -24.06 -6.64 1.58
C SER B 178 -23.32 -6.67 0.25
N GLY B 179 -22.02 -7.00 0.28
CA GLY B 179 -21.20 -7.03 -0.92
C GLY B 179 -20.55 -8.37 -1.18
N LEU B 180 -20.77 -9.33 -0.28
CA LEU B 180 -20.38 -10.71 -0.54
C LEU B 180 -21.01 -11.21 -1.84
N SER B 181 -20.22 -11.94 -2.63
CA SER B 181 -20.71 -12.36 -3.92
C SER B 181 -21.48 -13.66 -3.84
N CYS B 182 -21.13 -14.53 -2.91
CA CYS B 182 -21.94 -15.70 -2.67
C CYS B 182 -23.14 -15.30 -1.80
N PRO B 183 -24.07 -16.23 -1.61
CA PRO B 183 -25.19 -16.00 -0.69
C PRO B 183 -24.83 -16.36 0.76
N VAL B 184 -25.56 -15.73 1.68
CA VAL B 184 -25.17 -15.59 3.08
C VAL B 184 -26.35 -15.93 3.99
N GLY B 185 -26.10 -16.72 5.02
CA GLY B 185 -27.08 -17.03 6.06
C GLY B 185 -26.72 -16.39 7.40
N PHE B 186 -27.73 -15.78 8.01
CA PHE B 186 -27.64 -15.13 9.32
C PHE B 186 -28.32 -15.97 10.41
N LYS B 187 -27.57 -16.31 11.46
CA LYS B 187 -28.10 -17.05 12.60
C LYS B 187 -28.94 -16.14 13.51
N ASN B 188 -29.87 -16.75 14.26
CA ASN B 188 -30.64 -16.00 15.26
C ASN B 188 -29.75 -15.67 16.45
N GLY B 189 -30.25 -14.79 17.32
CA GLY B 189 -29.45 -14.39 18.47
C GLY B 189 -29.20 -15.56 19.40
N THR B 190 -28.00 -15.61 19.97
CA THR B 190 -27.61 -16.61 20.95
C THR B 190 -28.66 -16.87 22.03
N ASP B 191 -29.54 -15.90 22.30
CA ASP B 191 -30.67 -16.10 23.20
C ASP B 191 -31.97 -16.50 22.47
N GLY B 192 -31.89 -16.85 21.19
CA GLY B 192 -33.07 -17.24 20.43
C GLY B 192 -33.96 -16.12 19.94
N THR B 193 -33.40 -14.98 19.54
CA THR B 193 -34.17 -13.85 19.02
C THR B 193 -34.17 -13.85 17.49
N ILE B 194 -35.33 -13.61 16.89
CA ILE B 194 -35.36 -13.52 15.45
C ILE B 194 -35.17 -12.08 14.96
N LYS B 195 -35.77 -11.08 15.62
CA LYS B 195 -35.61 -9.68 15.26
C LYS B 195 -34.22 -9.36 14.72
N VAL B 196 -33.17 -9.85 15.40
CA VAL B 196 -31.81 -9.49 14.99
C VAL B 196 -31.53 -9.97 13.58
N ALA B 197 -31.84 -11.25 13.31
CA ALA B 197 -31.50 -11.89 12.04
C ALA B 197 -32.35 -11.36 10.90
N ILE B 198 -33.62 -11.06 11.17
CA ILE B 198 -34.44 -10.37 10.17
C ILE B 198 -33.79 -9.05 9.77
N ASP B 199 -33.42 -8.22 10.76
CA ASP B 199 -32.73 -6.96 10.49
C ASP B 199 -31.47 -7.16 9.69
N ALA B 200 -30.70 -8.20 10.02
CA ALA B 200 -29.52 -8.49 9.23
C ALA B 200 -29.87 -8.64 7.77
N ILE B 201 -30.78 -9.57 7.47
CA ILE B 201 -31.21 -9.80 6.10
C ILE B 201 -31.60 -8.49 5.45
N ASN B 202 -32.34 -7.65 6.17
CA ASN B 202 -32.79 -6.39 5.60
C ASN B 202 -31.63 -5.43 5.39
N ALA B 203 -30.75 -5.30 6.39
CA ALA B 203 -29.57 -4.45 6.24
C ALA B 203 -28.71 -4.95 5.08
N ALA B 204 -28.33 -6.23 5.11
CA ALA B 204 -27.56 -6.80 4.02
C ALA B 204 -28.32 -6.75 2.70
N GLY B 205 -29.63 -6.57 2.73
CA GLY B 205 -30.34 -6.46 1.47
C GLY B 205 -30.14 -5.12 0.78
N ALA B 206 -29.66 -4.12 1.51
CA ALA B 206 -29.49 -2.80 0.94
C ALA B 206 -28.03 -2.47 0.74
N PRO B 207 -27.71 -1.54 -0.15
CA PRO B 207 -26.31 -1.22 -0.40
C PRO B 207 -25.75 -0.41 0.75
N HIS B 208 -24.43 -0.43 0.88
CA HIS B 208 -23.78 0.30 1.96
C HIS B 208 -22.54 0.99 1.43
N CYS B 209 -22.07 1.98 2.18
CA CYS B 209 -20.81 2.63 1.88
C CYS B 209 -20.00 2.59 3.15
N PHE B 210 -18.80 2.03 3.08
CA PHE B 210 -17.97 1.81 4.25
C PHE B 210 -16.52 1.56 3.84
N LEU B 211 -15.65 1.53 4.84
CA LEU B 211 -14.26 1.21 4.63
C LEU B 211 -14.03 -0.29 4.77
N SER B 212 -13.22 -0.84 3.86
CA SER B 212 -12.62 -2.18 3.97
C SER B 212 -11.30 -2.15 3.21
N VAL B 213 -10.67 -3.31 3.06
CA VAL B 213 -9.34 -3.42 2.45
C VAL B 213 -9.48 -4.13 1.12
N THR B 214 -8.99 -3.51 0.06
CA THR B 214 -8.98 -4.10 -1.26
C THR B 214 -8.06 -5.31 -1.32
N LYS B 215 -8.09 -6.01 -2.45
CA LYS B 215 -7.18 -7.12 -2.67
C LYS B 215 -5.70 -6.71 -2.68
N TRP B 216 -5.37 -5.42 -2.62
CA TRP B 216 -3.97 -5.01 -2.55
C TRP B 216 -3.46 -4.79 -1.12
N GLY B 217 -4.26 -5.13 -0.12
CA GLY B 217 -3.85 -4.86 1.25
C GLY B 217 -4.02 -3.42 1.65
N HIS B 218 -4.81 -2.67 0.89
CA HIS B 218 -4.95 -1.22 1.01
C HIS B 218 -6.35 -0.86 1.52
N SER B 219 -6.42 0.10 2.45
CA SER B 219 -7.76 0.52 2.89
C SER B 219 -8.37 1.46 1.86
N ALA B 220 -9.69 1.36 1.70
CA ALA B 220 -10.40 2.17 0.73
C ALA B 220 -11.86 2.26 1.13
N ILE B 221 -12.58 3.14 0.43
CA ILE B 221 -14.04 3.23 0.50
C ILE B 221 -14.62 2.30 -0.56
N VAL B 222 -15.55 1.43 -0.18
CA VAL B 222 -16.22 0.51 -1.10
C VAL B 222 -17.72 0.82 -1.07
N ASN B 223 -18.33 0.89 -2.24
CA ASN B 223 -19.78 1.01 -2.34
C ASN B 223 -20.30 -0.36 -2.74
N THR B 224 -21.07 -0.99 -1.86
CA THR B 224 -21.65 -2.27 -2.23
C THR B 224 -22.98 -2.05 -2.93
N SER B 225 -23.55 -3.14 -3.45
CA SER B 225 -24.84 -3.11 -4.14
C SER B 225 -25.99 -3.64 -3.28
N GLY B 226 -25.72 -4.51 -2.35
CA GLY B 226 -26.75 -5.14 -1.55
C GLY B 226 -26.89 -6.59 -1.98
N ASN B 227 -27.02 -7.48 -0.99
CA ASN B 227 -27.13 -8.91 -1.23
C ASN B 227 -28.57 -9.33 -0.96
N GLY B 228 -29.21 -9.90 -1.97
CA GLY B 228 -30.58 -10.39 -1.82
C GLY B 228 -30.68 -11.86 -1.47
N ASP B 229 -29.69 -12.67 -1.83
CA ASP B 229 -29.67 -14.08 -1.47
C ASP B 229 -29.24 -14.23 -0.01
N CYS B 230 -30.04 -13.66 0.89
CA CYS B 230 -29.80 -13.77 2.32
C CYS B 230 -31.02 -14.35 3.02
N HIS B 231 -30.78 -15.33 3.90
CA HIS B 231 -31.83 -16.04 4.62
C HIS B 231 -31.44 -16.19 6.08
N ILE B 232 -32.41 -16.57 6.91
CA ILE B 232 -32.20 -16.76 8.34
C ILE B 232 -31.70 -18.17 8.60
N ILE B 233 -30.76 -18.31 9.52
CA ILE B 233 -30.34 -19.61 10.05
C ILE B 233 -30.92 -19.77 11.46
N LEU B 234 -31.64 -20.86 11.69
CA LEU B 234 -32.14 -21.15 13.03
C LEU B 234 -31.13 -22.07 13.72
N ARG B 235 -30.76 -21.70 14.95
CA ARG B 235 -29.67 -22.40 15.61
C ARG B 235 -29.94 -22.64 17.09
N GLY B 236 -31.15 -22.43 17.54
CA GLY B 236 -31.44 -22.57 18.95
C GLY B 236 -31.24 -21.29 19.74
N GLY B 237 -31.50 -21.40 21.03
CA GLY B 237 -31.36 -20.27 21.93
C GLY B 237 -31.13 -20.75 23.35
N LYS B 238 -31.88 -20.17 24.29
CA LYS B 238 -31.96 -20.81 25.61
C LYS B 238 -32.45 -22.25 25.44
N GLU B 239 -33.39 -22.45 24.51
CA GLU B 239 -33.87 -23.78 24.20
C GLU B 239 -34.24 -23.83 22.72
N PRO B 240 -34.28 -25.03 22.14
CA PRO B 240 -34.21 -25.16 20.67
C PRO B 240 -35.40 -24.58 19.92
N ASN B 241 -35.10 -23.93 18.79
CA ASN B 241 -36.09 -23.33 17.89
C ASN B 241 -36.26 -24.12 16.59
N TYR B 242 -35.89 -25.42 16.59
CA TYR B 242 -36.10 -26.33 15.45
C TYR B 242 -37.50 -26.93 15.40
N SER B 243 -38.29 -26.77 16.46
CA SER B 243 -39.74 -26.97 16.46
C SER B 243 -40.38 -26.79 15.10
N ALA B 244 -41.65 -27.16 15.03
CA ALA B 244 -42.46 -26.64 13.94
C ALA B 244 -43.30 -25.46 14.41
N LYS B 245 -43.57 -25.37 15.72
CA LYS B 245 -44.16 -24.17 16.31
C LYS B 245 -43.32 -22.94 15.97
N HIS B 246 -42.02 -22.99 16.27
CA HIS B 246 -41.15 -21.83 15.98
C HIS B 246 -41.07 -21.57 14.49
N VAL B 247 -40.79 -22.62 13.70
CA VAL B 247 -40.80 -22.50 12.24
C VAL B 247 -42.04 -21.77 11.77
N ALA B 248 -43.14 -21.88 12.53
CA ALA B 248 -44.34 -21.09 12.28
C ALA B 248 -44.05 -19.61 12.52
N GLU B 249 -43.69 -19.32 13.76
CA GLU B 249 -43.42 -17.93 14.17
C GLU B 249 -42.35 -17.34 13.26
N VAL B 250 -41.26 -18.06 13.05
CA VAL B 250 -40.18 -17.49 12.19
C VAL B 250 -40.73 -17.19 10.81
N LYS B 251 -41.48 -18.12 10.24
CA LYS B 251 -42.03 -17.89 8.88
C LYS B 251 -42.90 -16.63 8.87
N GLU B 252 -43.87 -16.50 9.77
CA GLU B 252 -44.77 -15.32 9.61
C GLU B 252 -44.14 -14.04 10.19
N GLY B 253 -43.07 -14.17 10.97
CA GLY B 253 -42.36 -12.98 11.46
C GLY B 253 -41.58 -12.44 10.29
N LEU B 254 -41.04 -13.36 9.51
CA LEU B 254 -40.31 -13.05 8.26
C LEU B 254 -41.34 -12.47 7.29
N ASN B 255 -42.60 -12.95 7.28
CA ASN B 255 -43.57 -12.36 6.32
C ASN B 255 -44.03 -11.00 6.81
N LYS B 256 -43.98 -10.77 8.13
CA LYS B 256 -44.31 -9.46 8.70
C LYS B 256 -43.23 -8.50 8.22
N ALA B 257 -41.98 -8.94 8.20
CA ALA B 257 -40.92 -8.05 7.65
C ALA B 257 -41.13 -7.96 6.13
N GLY B 258 -41.87 -8.91 5.58
CA GLY B 258 -42.06 -8.96 4.15
C GLY B 258 -40.79 -9.44 3.48
N LEU B 259 -40.51 -10.73 3.64
CA LEU B 259 -39.31 -11.35 3.10
C LEU B 259 -39.61 -12.82 2.84
N PRO B 260 -38.88 -13.45 1.90
CA PRO B 260 -39.07 -14.89 1.65
C PRO B 260 -39.28 -15.70 2.92
N ALA B 261 -40.42 -16.39 2.99
CA ALA B 261 -40.80 -17.09 4.20
C ALA B 261 -40.05 -18.40 4.36
N GLN B 262 -38.73 -18.36 4.22
CA GLN B 262 -37.92 -19.57 4.25
C GLN B 262 -36.89 -19.46 5.38
N VAL B 263 -36.35 -20.62 5.77
CA VAL B 263 -35.44 -20.72 6.91
C VAL B 263 -34.50 -21.88 6.67
N MET B 264 -33.22 -21.69 6.96
CA MET B 264 -32.33 -22.81 7.15
C MET B 264 -32.38 -23.20 8.60
N ILE B 265 -32.29 -24.49 8.88
CA ILE B 265 -32.30 -25.00 10.25
C ILE B 265 -30.93 -25.59 10.54
N ASP B 266 -30.33 -25.16 11.63
CA ASP B 266 -29.16 -25.82 12.16
C ASP B 266 -29.61 -27.03 12.97
N PHE B 267 -28.74 -28.03 13.07
CA PHE B 267 -29.01 -29.17 13.94
C PHE B 267 -28.06 -29.21 15.11
N SER B 268 -26.92 -28.52 15.02
CA SER B 268 -25.90 -28.58 16.05
C SER B 268 -26.15 -27.46 17.06
N HIS B 269 -25.16 -27.16 17.90
CA HIS B 269 -25.15 -25.98 18.78
C HIS B 269 -26.39 -26.00 19.69
N ALA B 270 -27.18 -24.93 19.76
CA ALA B 270 -28.25 -24.89 20.77
C ALA B 270 -29.37 -25.86 20.41
N ASN B 271 -29.63 -26.06 19.12
CA ASN B 271 -30.67 -27.02 18.75
C ASN B 271 -30.27 -28.45 19.10
N SER B 272 -28.98 -28.76 19.09
CA SER B 272 -28.53 -30.01 19.65
C SER B 272 -28.28 -29.91 21.14
N SER B 273 -28.32 -28.69 21.68
CA SER B 273 -27.97 -28.42 23.07
C SER B 273 -26.57 -28.94 23.38
N LYS B 274 -25.61 -28.42 22.60
CA LYS B 274 -24.20 -28.80 22.68
C LYS B 274 -24.02 -30.31 22.88
N GLN B 275 -24.84 -31.11 22.20
CA GLN B 275 -24.88 -32.57 22.35
C GLN B 275 -24.77 -33.19 20.96
N PHE B 276 -23.56 -33.59 20.56
CA PHE B 276 -23.30 -33.85 19.14
C PHE B 276 -24.25 -34.89 18.52
N LYS B 277 -24.55 -35.97 19.24
CA LYS B 277 -25.36 -37.04 18.67
C LYS B 277 -26.83 -36.65 18.51
N LYS B 278 -27.32 -35.69 19.30
CA LYS B 278 -28.74 -35.33 19.26
C LYS B 278 -29.06 -34.66 17.93
N GLN B 279 -27.99 -34.46 17.14
CA GLN B 279 -28.12 -33.89 15.81
C GLN B 279 -29.06 -34.71 14.93
N MET B 280 -29.02 -36.04 15.04
CA MET B 280 -29.88 -36.89 14.21
C MET B 280 -31.30 -37.00 14.75
N ASP B 281 -31.53 -36.64 16.02
CA ASP B 281 -32.90 -36.44 16.49
C ASP B 281 -33.54 -35.25 15.81
N VAL B 282 -32.75 -34.22 15.50
CA VAL B 282 -33.27 -33.05 14.79
C VAL B 282 -33.61 -33.40 13.35
N CYS B 283 -32.69 -34.11 12.69
CA CYS B 283 -32.91 -34.69 11.36
C CYS B 283 -34.29 -35.31 11.22
N ALA B 284 -34.54 -36.33 12.05
CA ALA B 284 -35.85 -36.99 12.07
C ALA B 284 -36.98 -35.98 12.09
N ASP B 285 -36.94 -35.02 13.02
CA ASP B 285 -38.00 -34.02 13.07
C ASP B 285 -38.12 -33.26 11.75
N VAL B 286 -37.00 -32.81 11.20
CA VAL B 286 -37.07 -31.93 10.03
C VAL B 286 -37.44 -32.73 8.78
N CYS B 287 -36.82 -33.90 8.57
CA CYS B 287 -37.24 -34.77 7.47
C CYS B 287 -38.71 -35.15 7.58
N GLN B 288 -39.20 -35.21 8.81
CA GLN B 288 -40.63 -35.33 9.05
C GLN B 288 -41.38 -34.11 8.55
N GLN B 289 -40.89 -32.90 8.86
CA GLN B 289 -41.51 -31.72 8.28
C GLN B 289 -41.31 -31.69 6.77
N ILE B 290 -40.09 -32.03 6.32
CA ILE B 290 -39.76 -31.96 4.89
C ILE B 290 -40.53 -33.04 4.11
N ALA B 291 -40.41 -34.30 4.54
CA ALA B 291 -41.21 -35.36 3.92
C ALA B 291 -42.70 -35.12 4.12
N GLY B 292 -43.08 -34.26 5.08
CA GLY B 292 -44.47 -33.93 5.34
C GLY B 292 -45.02 -32.79 4.53
N GLY B 293 -44.19 -32.12 3.74
CA GLY B 293 -44.68 -31.03 2.94
C GLY B 293 -44.29 -29.66 3.42
N GLU B 294 -43.33 -29.56 4.35
CA GLU B 294 -42.81 -28.24 4.74
C GLU B 294 -41.86 -27.82 3.64
N LYS B 295 -42.30 -26.87 2.82
CA LYS B 295 -41.49 -26.39 1.71
C LYS B 295 -40.47 -25.34 2.16
N ALA B 296 -40.76 -24.61 3.24
CA ALA B 296 -39.92 -23.49 3.64
C ALA B 296 -38.56 -23.92 4.19
N ILE B 297 -38.41 -25.13 4.73
CA ILE B 297 -37.08 -25.54 5.18
C ILE B 297 -36.18 -25.61 3.95
N ILE B 298 -35.58 -24.48 3.55
CA ILE B 298 -34.81 -24.46 2.30
C ILE B 298 -33.36 -24.90 2.49
N GLY B 299 -32.91 -25.09 3.73
CA GLY B 299 -31.57 -25.58 3.96
C GLY B 299 -31.48 -26.22 5.33
N VAL B 300 -30.33 -26.81 5.62
CA VAL B 300 -30.00 -27.34 6.93
C VAL B 300 -28.48 -27.32 7.06
N MET B 301 -27.98 -27.47 8.29
CA MET B 301 -26.55 -27.50 8.50
C MET B 301 -26.25 -28.46 9.64
N VAL B 302 -25.06 -29.04 9.61
CA VAL B 302 -24.79 -30.26 10.36
C VAL B 302 -23.29 -30.30 10.61
N GLU B 303 -22.89 -30.57 11.84
CA GLU B 303 -21.47 -30.55 12.22
C GLU B 303 -20.96 -31.98 12.15
N SER B 304 -20.18 -32.28 11.11
CA SER B 304 -19.83 -33.65 10.70
C SER B 304 -18.33 -33.84 10.52
N HIS B 305 -17.80 -34.97 10.96
CA HIS B 305 -16.41 -35.23 10.68
C HIS B 305 -16.24 -36.71 10.27
N LEU B 306 -14.98 -37.18 10.23
CA LEU B 306 -14.73 -38.59 9.92
C LEU B 306 -15.12 -39.44 11.15
N VAL B 307 -14.29 -39.45 12.18
CA VAL B 307 -14.69 -40.03 13.45
C VAL B 307 -15.51 -39.02 14.25
N GLU B 308 -16.34 -39.53 15.16
CA GLU B 308 -17.24 -38.71 15.95
C GLU B 308 -16.59 -38.19 17.24
N GLY B 309 -17.31 -37.34 17.95
CA GLY B 309 -16.86 -36.83 19.23
C GLY B 309 -16.00 -35.56 19.10
N ASN B 310 -14.90 -35.52 19.86
CA ASN B 310 -13.96 -34.41 19.81
C ASN B 310 -12.85 -34.70 20.81
N GLN B 311 -11.82 -33.85 20.81
CA GLN B 311 -10.68 -33.98 21.70
C GLN B 311 -10.21 -32.60 22.15
N SER B 312 -9.46 -32.59 23.25
CA SER B 312 -9.01 -31.33 23.84
C SER B 312 -7.64 -30.99 23.27
N LEU B 313 -7.59 -29.97 22.42
CA LEU B 313 -6.30 -29.42 22.08
C LEU B 313 -5.59 -28.95 23.33
N GLU B 314 -6.39 -28.43 24.29
CA GLU B 314 -5.90 -27.92 25.57
C GLU B 314 -5.28 -29.02 26.43
N SER B 315 -5.59 -30.28 26.17
CA SER B 315 -4.70 -31.36 26.62
C SER B 315 -3.29 -31.02 26.17
N GLY B 316 -2.91 -31.44 24.97
CA GLY B 316 -1.53 -31.38 24.58
C GLY B 316 -0.83 -32.71 24.73
N GLU B 317 -1.57 -33.80 24.58
CA GLU B 317 -0.98 -35.07 24.25
C GLU B 317 -0.69 -35.02 22.76
N PRO B 318 -0.57 -36.15 22.08
CA PRO B 318 -0.70 -36.15 20.62
C PRO B 318 -2.16 -36.24 20.22
N LEU B 319 -2.46 -35.73 19.02
CA LEU B 319 -3.82 -35.61 18.52
C LEU B 319 -4.19 -36.78 17.63
N ALA B 320 -5.43 -37.25 17.76
CA ALA B 320 -5.99 -38.28 16.91
C ALA B 320 -6.36 -37.70 15.54
N TYR B 321 -6.62 -38.59 14.58
CA TYR B 321 -6.87 -38.23 13.20
C TYR B 321 -8.39 -38.10 12.97
N GLY B 322 -8.80 -37.03 12.29
CA GLY B 322 -10.19 -36.91 11.84
C GLY B 322 -11.25 -36.62 12.88
N LYS B 323 -10.87 -36.22 14.11
CA LYS B 323 -11.77 -35.80 15.18
C LYS B 323 -11.65 -34.30 15.40
N SER B 324 -12.80 -33.60 15.45
CA SER B 324 -12.78 -32.14 15.60
C SER B 324 -12.13 -31.73 16.90
N ILE B 325 -11.40 -30.62 16.85
CA ILE B 325 -10.67 -30.11 18.02
C ILE B 325 -11.43 -29.02 18.76
N THR B 326 -12.60 -28.63 18.26
CA THR B 326 -13.49 -27.64 18.82
C THR B 326 -14.82 -28.31 19.17
N ASP B 327 -15.93 -27.74 18.70
CA ASP B 327 -17.23 -28.40 18.83
C ASP B 327 -17.12 -29.86 18.39
N ALA B 328 -17.95 -30.72 18.98
CA ALA B 328 -17.96 -32.13 18.65
C ALA B 328 -18.95 -32.38 17.52
N CYS B 329 -18.56 -33.27 16.59
CA CYS B 329 -19.40 -33.62 15.45
C CYS B 329 -19.74 -35.11 15.47
N ILE B 330 -20.76 -35.45 14.69
CA ILE B 330 -20.98 -36.85 14.35
C ILE B 330 -19.75 -37.37 13.62
N GLY B 331 -19.65 -38.70 13.57
CA GLY B 331 -18.69 -39.35 12.71
C GLY B 331 -19.30 -39.66 11.35
N TRP B 332 -18.53 -40.38 10.54
CA TRP B 332 -18.94 -40.55 9.14
C TRP B 332 -20.20 -41.40 9.04
N GLU B 333 -20.19 -42.60 9.63
CA GLU B 333 -21.33 -43.52 9.52
C GLU B 333 -22.67 -42.80 9.72
N ASP B 334 -22.79 -42.00 10.78
CA ASP B 334 -24.01 -41.22 10.94
C ASP B 334 -24.24 -40.27 9.77
N THR B 335 -23.18 -39.72 9.18
CA THR B 335 -23.39 -38.66 8.21
C THR B 335 -24.01 -39.18 6.92
N ASP B 336 -23.50 -40.32 6.44
CA ASP B 336 -24.13 -41.00 5.31
C ASP B 336 -25.60 -41.23 5.62
N ALA B 337 -25.88 -41.82 6.77
CA ALA B 337 -27.26 -42.10 7.19
C ALA B 337 -28.07 -40.81 7.27
N LEU B 338 -27.50 -39.76 7.89
CA LEU B 338 -28.17 -38.46 7.98
C LEU B 338 -28.42 -37.88 6.59
N LEU B 339 -27.40 -37.89 5.74
CA LEU B 339 -27.55 -37.37 4.39
C LEU B 339 -28.55 -38.18 3.58
N ARG B 340 -28.67 -39.49 3.87
CA ARG B 340 -29.61 -40.33 3.13
C ARG B 340 -31.06 -40.01 3.53
N GLN B 341 -31.33 -39.82 4.82
CA GLN B 341 -32.71 -39.51 5.23
C GLN B 341 -33.15 -38.17 4.68
N LEU B 342 -32.24 -37.19 4.65
CA LEU B 342 -32.55 -35.89 4.09
C LEU B 342 -32.97 -36.04 2.62
N ALA B 343 -32.23 -36.84 1.87
CA ALA B 343 -32.60 -37.05 0.47
C ALA B 343 -33.91 -37.82 0.35
N ASN B 344 -34.12 -38.83 1.20
CA ASN B 344 -35.41 -39.49 1.22
C ASN B 344 -36.53 -38.52 1.58
N ALA B 345 -36.27 -37.64 2.56
CA ALA B 345 -37.26 -36.65 2.92
C ALA B 345 -37.59 -35.76 1.72
N VAL B 346 -36.58 -35.26 1.02
CA VAL B 346 -36.85 -34.31 -0.05
C VAL B 346 -37.67 -34.94 -1.17
N LYS B 347 -37.35 -36.20 -1.51
CA LYS B 347 -38.13 -36.92 -2.53
C LYS B 347 -39.52 -37.25 -1.99
N ALA B 348 -39.59 -37.81 -0.78
CA ALA B 348 -40.86 -37.97 -0.08
C ALA B 348 -41.68 -36.68 -0.13
N ARG B 349 -41.02 -35.52 -0.22
CA ARG B 349 -41.71 -34.23 -0.28
C ARG B 349 -42.40 -33.98 -1.60
N ARG B 350 -42.30 -34.91 -2.56
CA ARG B 350 -42.95 -34.77 -3.84
C ARG B 350 -43.26 -36.15 -4.39
N ASN C 6 19.82 -15.09 -1.66
CA ASN C 6 19.42 -14.78 -3.04
C ASN C 6 18.89 -13.34 -3.19
N ASP C 7 18.35 -12.76 -2.12
CA ASP C 7 17.71 -11.45 -2.17
C ASP C 7 18.33 -10.53 -1.11
N ASP C 8 17.85 -9.27 -1.11
CA ASP C 8 18.13 -8.24 -0.10
C ASP C 8 19.30 -8.52 0.83
N LEU C 9 20.51 -8.62 0.28
CA LEU C 9 21.71 -8.92 1.06
C LEU C 9 22.76 -7.83 1.04
N ARG C 10 22.68 -6.89 0.12
CA ARG C 10 23.36 -5.62 0.26
C ARG C 10 22.40 -4.53 0.66
N ILE C 11 21.20 -4.90 1.07
CA ILE C 11 20.19 -4.00 1.58
C ILE C 11 20.35 -3.99 3.09
N LYS C 12 20.65 -2.83 3.66
CA LYS C 12 20.93 -2.79 5.09
C LYS C 12 19.68 -2.56 5.92
N GLU C 13 18.93 -1.50 5.64
CA GLU C 13 17.72 -1.22 6.40
C GLU C 13 16.62 -0.72 5.47
N ILE C 14 15.39 -0.87 5.94
CA ILE C 14 14.23 -0.26 5.32
C ILE C 14 13.51 0.56 6.38
N LYS C 15 13.13 1.78 6.03
CA LYS C 15 12.56 2.72 6.95
C LYS C 15 11.33 3.32 6.31
N GLU C 16 10.29 3.59 7.10
CA GLU C 16 9.04 4.03 6.50
C GLU C 16 9.14 5.44 5.96
N LEU C 17 8.37 5.70 4.91
CA LEU C 17 8.41 6.91 4.12
C LEU C 17 6.99 7.41 3.93
N LEU C 18 6.72 8.65 4.36
CA LEU C 18 5.38 9.21 4.29
C LEU C 18 4.85 9.15 2.86
N PRO C 19 3.59 8.79 2.68
CA PRO C 19 3.01 8.88 1.34
C PRO C 19 2.85 10.32 0.91
N PRO C 20 3.00 10.62 -0.36
CA PRO C 20 2.72 11.97 -0.85
C PRO C 20 1.48 12.65 -0.29
N VAL C 21 0.41 11.88 0.00
CA VAL C 21 -0.79 12.55 0.50
C VAL C 21 -0.57 13.09 1.92
N ALA C 22 0.33 12.46 2.68
CA ALA C 22 0.69 13.00 3.98
C ALA C 22 1.35 14.36 3.85
N LEU C 23 2.11 14.58 2.78
CA LEU C 23 2.60 15.93 2.60
C LEU C 23 1.57 16.80 1.90
N LEU C 24 0.83 16.22 0.94
CA LEU C 24 -0.15 17.01 0.22
C LEU C 24 -1.26 17.50 1.14
N GLU C 25 -1.50 16.81 2.25
CA GLU C 25 -2.53 17.27 3.18
C GLU C 25 -1.97 18.11 4.32
N LYS C 26 -0.71 17.92 4.72
CA LYS C 26 -0.15 18.83 5.73
C LYS C 26 0.02 20.23 5.16
N PHE C 27 0.54 20.33 3.95
CA PHE C 27 0.96 21.59 3.35
C PHE C 27 0.22 21.85 2.04
N PRO C 28 -1.11 21.82 2.06
CA PRO C 28 -1.85 22.10 0.82
C PRO C 28 -1.50 23.45 0.24
N ALA C 29 -1.57 23.52 -1.08
CA ALA C 29 -1.27 24.75 -1.79
C ALA C 29 -2.39 25.75 -1.58
N THR C 30 -2.04 26.94 -1.06
CA THR C 30 -2.98 28.05 -0.91
C THR C 30 -3.45 28.58 -2.25
N GLU C 31 -4.65 29.18 -2.23
CA GLU C 31 -5.15 29.88 -3.40
C GLU C 31 -4.04 30.66 -4.10
N ASN C 32 -3.31 31.49 -3.34
CA ASN C 32 -2.19 32.21 -3.95
C ASN C 32 -1.25 31.23 -4.64
N ALA C 33 -0.78 30.22 -3.89
CA ALA C 33 0.16 29.25 -4.43
C ALA C 33 -0.34 28.70 -5.75
N ALA C 34 -1.50 28.02 -5.71
CA ALA C 34 -2.16 27.48 -6.90
C ALA C 34 -2.08 28.43 -8.08
N ASN C 35 -2.25 29.73 -7.84
CA ASN C 35 -2.32 30.66 -8.94
C ASN C 35 -0.95 31.10 -9.43
N THR C 36 0.06 31.13 -8.56
CA THR C 36 1.41 31.40 -9.03
C THR C 36 1.85 30.36 -10.05
N VAL C 37 1.71 29.08 -9.72
CA VAL C 37 2.15 27.99 -10.59
C VAL C 37 1.33 27.95 -11.88
N ALA C 38 0.01 28.14 -11.77
CA ALA C 38 -0.83 28.13 -12.94
C ALA C 38 -0.38 29.20 -13.94
N HIS C 39 -0.44 30.46 -13.52
CA HIS C 39 0.01 31.59 -14.33
C HIS C 39 1.43 31.34 -14.84
N ALA C 40 2.32 30.93 -13.95
CA ALA C 40 3.72 30.79 -14.34
C ALA C 40 3.87 29.73 -15.42
N ARG C 41 3.14 28.62 -15.27
CA ARG C 41 3.16 27.60 -16.31
C ARG C 41 2.56 28.16 -17.59
N LYS C 42 1.47 28.93 -17.47
CA LYS C 42 0.92 29.55 -18.65
C LYS C 42 1.96 30.43 -19.33
N ALA C 43 2.57 31.32 -18.55
CA ALA C 43 3.50 32.28 -19.12
C ALA C 43 4.60 31.60 -19.92
N ILE C 44 5.15 30.50 -19.40
CA ILE C 44 6.26 29.84 -20.07
C ILE C 44 5.78 29.08 -21.31
N HIS C 45 4.57 28.52 -21.27
CA HIS C 45 3.99 27.99 -22.49
C HIS C 45 4.01 29.06 -23.57
N LYS C 46 3.50 30.25 -23.26
CA LYS C 46 3.46 31.29 -24.29
C LYS C 46 4.85 31.57 -24.83
N ILE C 47 5.84 31.69 -23.94
CA ILE C 47 7.17 32.03 -24.42
C ILE C 47 7.70 30.94 -25.34
N LEU C 48 7.24 29.70 -25.17
CA LEU C 48 7.75 28.60 -25.98
C LEU C 48 7.09 28.53 -27.35
N LYS C 49 5.83 28.98 -27.48
CA LYS C 49 5.13 29.02 -28.76
C LYS C 49 5.28 30.37 -29.46
N GLY C 50 6.38 31.10 -29.21
CA GLY C 50 6.67 32.30 -29.96
C GLY C 50 5.61 33.36 -29.87
N ASN C 51 4.64 33.16 -28.99
CA ASN C 51 3.64 34.17 -28.71
C ASN C 51 4.09 35.17 -27.65
N ASP C 52 5.31 35.03 -27.13
CA ASP C 52 5.89 35.99 -26.21
C ASP C 52 7.37 36.12 -26.52
N ASP C 53 7.88 37.35 -26.40
CA ASP C 53 9.29 37.66 -26.62
C ASP C 53 10.07 37.86 -25.33
N ARG C 54 9.37 37.85 -24.19
CA ARG C 54 10.02 37.95 -22.88
C ARG C 54 10.99 36.80 -22.68
N LEU C 55 11.91 36.96 -21.73
CA LEU C 55 12.97 35.98 -21.47
C LEU C 55 12.66 35.20 -20.20
N LEU C 56 12.57 33.87 -20.32
CA LEU C 56 12.44 33.04 -19.12
C LEU C 56 13.81 32.97 -18.46
N VAL C 57 13.92 33.51 -17.25
CA VAL C 57 15.16 33.49 -16.46
C VAL C 57 14.92 32.58 -15.26
N VAL C 58 15.76 31.56 -15.10
CA VAL C 58 15.66 30.62 -13.99
C VAL C 58 16.96 30.73 -13.19
N ILE C 59 16.88 31.42 -12.05
CA ILE C 59 18.04 31.96 -11.34
C ILE C 59 17.84 31.72 -9.85
N GLY C 60 18.91 31.40 -9.16
CA GLY C 60 18.78 31.02 -7.78
C GLY C 60 19.94 30.15 -7.34
N PRO C 61 19.94 29.73 -6.09
CA PRO C 61 21.05 28.92 -5.59
C PRO C 61 21.26 27.66 -6.39
N CYS C 62 22.50 27.17 -6.35
CA CYS C 62 22.79 25.83 -6.87
C CYS C 62 21.97 24.78 -6.15
N SER C 63 21.74 24.96 -4.85
CA SER C 63 20.95 24.01 -4.10
C SER C 63 20.53 24.66 -2.78
N ILE C 64 19.25 24.49 -2.44
CA ILE C 64 18.76 24.90 -1.14
C ILE C 64 19.37 24.03 -0.06
N HIS C 65 19.57 24.61 1.11
CA HIS C 65 20.06 23.85 2.25
C HIS C 65 19.73 24.59 3.54
N ASP C 66 19.27 25.83 3.43
CA ASP C 66 18.93 26.65 4.57
C ASP C 66 17.70 27.46 4.23
N PRO C 67 16.53 27.07 4.72
CA PRO C 67 15.30 27.74 4.30
C PRO C 67 15.24 29.21 4.68
N VAL C 68 15.96 29.63 5.72
CA VAL C 68 15.93 31.05 6.08
C VAL C 68 16.62 31.86 4.99
N ALA C 69 17.88 31.54 4.70
CA ALA C 69 18.56 32.17 3.57
C ALA C 69 17.73 32.09 2.30
N ALA C 70 17.09 30.94 2.04
CA ALA C 70 16.31 30.80 0.83
C ALA C 70 15.20 31.84 0.75
N LYS C 71 14.60 32.18 1.89
CA LYS C 71 13.46 33.13 1.92
C LYS C 71 13.91 34.59 1.72
N GLU C 72 15.10 34.95 2.22
CA GLU C 72 15.62 36.33 2.04
C GLU C 72 15.83 36.53 0.53
N TYR C 73 16.42 35.51 -0.11
CA TYR C 73 16.66 35.45 -1.56
C TYR C 73 15.34 35.51 -2.31
N ALA C 74 14.36 34.73 -1.88
CA ALA C 74 13.09 34.70 -2.59
C ALA C 74 12.43 36.07 -2.62
N THR C 75 12.27 36.68 -1.45
CA THR C 75 11.59 37.98 -1.40
C THR C 75 12.45 39.11 -1.99
N ARG C 76 13.78 38.93 -2.07
CA ARG C 76 14.61 39.86 -2.84
C ARG C 76 14.33 39.72 -4.34
N LEU C 77 14.46 38.49 -4.87
CA LEU C 77 14.23 38.27 -6.28
C LEU C 77 12.76 38.51 -6.65
N LEU C 78 11.84 38.34 -5.70
CA LEU C 78 10.43 38.57 -6.00
C LEU C 78 10.17 40.02 -6.39
N ALA C 79 11.00 40.94 -5.91
CA ALA C 79 10.88 42.34 -6.33
C ALA C 79 11.29 42.51 -7.79
N LEU C 80 12.40 41.88 -8.18
CA LEU C 80 12.79 41.94 -9.58
C LEU C 80 11.84 41.12 -10.47
N ARG C 81 11.24 40.04 -9.98
CA ARG C 81 10.19 39.43 -10.78
C ARG C 81 9.15 40.47 -11.18
N GLU C 82 8.89 41.46 -10.31
CA GLU C 82 7.84 42.43 -10.57
C GLU C 82 8.33 43.72 -11.19
N GLU C 83 9.62 44.02 -11.09
CA GLU C 83 10.17 45.19 -11.76
C GLU C 83 10.58 44.90 -13.21
N LEU C 84 10.92 43.67 -13.54
CA LEU C 84 11.31 43.31 -14.90
C LEU C 84 10.26 42.45 -15.59
N LYS C 85 9.04 42.40 -15.04
CA LYS C 85 7.99 41.52 -15.53
C LYS C 85 7.54 41.89 -16.95
N ASP C 86 8.22 42.87 -17.57
CA ASP C 86 7.92 43.25 -18.94
C ASP C 86 8.94 42.74 -19.94
N GLU C 87 10.14 42.42 -19.47
CA GLU C 87 11.17 41.76 -20.25
C GLU C 87 11.49 40.35 -19.76
N LEU C 88 11.37 40.11 -18.46
CA LEU C 88 11.75 38.85 -17.85
C LEU C 88 10.54 38.13 -17.30
N GLU C 89 10.54 36.80 -17.42
CA GLU C 89 9.67 35.92 -16.64
C GLU C 89 10.56 35.18 -15.67
N ILE C 90 10.58 35.66 -14.42
CA ILE C 90 11.60 35.28 -13.44
C ILE C 90 11.08 34.14 -12.58
N VAL C 91 11.95 33.14 -12.38
CA VAL C 91 11.61 31.89 -11.70
C VAL C 91 12.81 31.52 -10.84
N MET C 92 12.56 31.07 -9.61
CA MET C 92 13.63 30.85 -8.67
C MET C 92 14.10 29.40 -8.69
N ARG C 93 15.41 29.23 -8.49
CA ARG C 93 16.11 27.95 -8.59
C ARG C 93 16.08 27.26 -7.22
N VAL C 94 14.98 26.53 -6.97
CA VAL C 94 14.79 25.78 -5.73
C VAL C 94 15.17 24.31 -5.91
N TYR C 95 16.45 24.00 -5.79
CA TYR C 95 16.95 22.66 -6.11
C TYR C 95 17.11 21.87 -4.81
N PHE C 96 16.25 20.89 -4.61
CA PHE C 96 16.35 20.10 -3.39
C PHE C 96 17.25 18.90 -3.53
N GLU C 97 17.46 18.40 -4.74
CA GLU C 97 18.31 17.24 -4.99
C GLU C 97 19.42 17.65 -5.94
N LYS C 98 20.63 17.14 -5.68
CA LYS C 98 21.76 17.37 -6.56
C LYS C 98 22.41 16.04 -6.89
N PRO C 99 22.68 15.74 -8.17
CA PRO C 99 23.41 14.51 -8.53
C PRO C 99 24.91 14.75 -8.45
N ARG C 100 25.59 14.04 -7.56
CA ARG C 100 27.02 14.27 -7.34
C ARG C 100 27.82 13.35 -8.26
N THR C 101 28.99 13.84 -8.70
CA THR C 101 29.80 13.11 -9.69
C THR C 101 30.08 11.68 -9.26
N THR C 102 30.36 11.47 -7.99
CA THR C 102 30.41 10.10 -7.48
C THR C 102 29.66 10.02 -6.16
N VAL C 103 30.19 10.62 -5.09
CA VAL C 103 29.51 10.71 -3.81
C VAL C 103 29.40 12.17 -3.39
N GLY C 104 28.78 12.44 -2.24
CA GLY C 104 28.61 13.79 -1.75
C GLY C 104 27.18 14.04 -1.29
N TRP C 105 26.98 15.23 -0.74
CA TRP C 105 25.67 15.63 -0.22
C TRP C 105 24.64 15.65 -1.34
N LYS C 106 23.51 14.96 -1.12
CA LYS C 106 22.57 14.65 -2.19
C LYS C 106 21.48 15.70 -2.33
N GLY C 107 21.54 16.75 -1.52
CA GLY C 107 20.53 17.79 -1.47
C GLY C 107 19.83 17.82 -0.13
N LEU C 108 18.84 18.70 -0.04
CA LEU C 108 18.15 18.87 1.23
C LEU C 108 17.28 17.66 1.52
N ILE C 109 16.48 17.24 0.53
CA ILE C 109 15.46 16.21 0.77
C ILE C 109 16.11 14.92 1.26
N ASN C 110 17.28 14.59 0.73
CA ASN C 110 17.91 13.34 1.11
C ASN C 110 18.61 13.41 2.46
N ASP C 111 19.02 14.59 2.90
CA ASP C 111 19.92 14.68 4.04
C ASP C 111 19.81 16.06 4.67
N PRO C 112 18.65 16.43 5.20
CA PRO C 112 18.38 17.86 5.42
C PRO C 112 19.22 18.48 6.52
N HIS C 113 19.72 17.69 7.47
CA HIS C 113 20.60 18.16 8.53
C HIS C 113 22.07 17.91 8.20
N MET C 114 22.42 17.92 6.91
CA MET C 114 23.77 17.84 6.38
C MET C 114 24.73 16.98 7.21
N ASP C 115 24.22 15.89 7.79
CA ASP C 115 24.97 15.07 8.73
C ASP C 115 24.86 13.56 8.47
N ASN C 116 24.35 13.15 7.32
CA ASN C 116 24.00 11.76 7.09
C ASN C 116 23.01 11.22 8.13
N SER C 117 22.31 12.10 8.85
CA SER C 117 21.08 11.65 9.51
C SER C 117 20.24 10.87 8.50
N PHE C 118 19.96 11.48 7.34
CA PHE C 118 19.06 10.93 6.32
C PHE C 118 17.61 10.97 6.83
N GLN C 119 17.24 12.07 7.47
CA GLN C 119 15.86 12.32 7.87
C GLN C 119 15.08 12.76 6.64
N ILE C 120 14.90 11.81 5.72
CA ILE C 120 14.23 12.09 4.46
C ILE C 120 12.76 12.44 4.64
N ASN C 121 12.15 12.06 5.77
CA ASN C 121 10.76 12.48 5.94
C ASN C 121 10.74 13.93 6.39
N ASP C 122 11.58 14.26 7.37
CA ASP C 122 11.83 15.66 7.70
C ASP C 122 12.19 16.44 6.44
N GLY C 123 13.10 15.89 5.64
CA GLY C 123 13.49 16.52 4.39
C GLY C 123 12.31 17.08 3.60
N LEU C 124 11.40 16.20 3.21
CA LEU C 124 10.31 16.61 2.34
C LEU C 124 9.36 17.56 3.04
N ARG C 125 9.11 17.33 4.33
CA ARG C 125 8.40 18.31 5.17
C ARG C 125 9.03 19.68 5.05
N ILE C 126 10.32 19.79 5.38
CA ILE C 126 11.04 21.03 5.13
C ILE C 126 10.87 21.48 3.69
N ALA C 127 11.33 20.67 2.74
CA ALA C 127 11.21 21.08 1.34
C ALA C 127 9.80 21.57 1.02
N ARG C 128 8.78 20.75 1.24
CA ARG C 128 7.46 21.15 0.75
C ARG C 128 7.01 22.48 1.34
N LYS C 129 7.18 22.67 2.67
CA LYS C 129 6.79 23.94 3.31
C LYS C 129 7.46 25.13 2.63
N LEU C 130 8.78 25.06 2.44
CA LEU C 130 9.49 26.05 1.64
C LEU C 130 8.89 26.26 0.26
N LEU C 131 8.91 25.23 -0.59
CA LEU C 131 8.32 25.34 -1.92
C LEU C 131 6.97 26.01 -1.76
N LEU C 132 6.23 25.62 -0.72
CA LEU C 132 4.90 26.20 -0.50
C LEU C 132 5.00 27.69 -0.24
N ASP C 133 5.77 28.07 0.79
CA ASP C 133 5.86 29.48 1.15
C ASP C 133 6.24 30.32 -0.05
N ILE C 134 7.29 29.90 -0.76
CA ILE C 134 7.84 30.72 -1.85
C ILE C 134 6.83 30.89 -2.97
N ASN C 135 5.93 29.94 -3.16
CA ASN C 135 4.90 30.12 -4.17
C ASN C 135 3.80 31.06 -3.70
N ASP C 136 3.64 31.21 -2.38
CA ASP C 136 2.64 32.12 -1.82
C ASP C 136 2.96 33.56 -2.20
N SER C 137 4.23 33.94 -2.09
CA SER C 137 4.65 35.31 -2.39
C SER C 137 4.48 35.66 -3.86
N GLY C 138 4.05 34.70 -4.65
CA GLY C 138 3.90 34.91 -6.07
C GLY C 138 5.14 34.60 -6.88
N LEU C 139 6.20 34.14 -6.22
CA LEU C 139 7.37 33.76 -7.00
C LEU C 139 7.24 32.31 -7.46
N PRO C 140 7.57 31.98 -8.72
CA PRO C 140 7.50 30.57 -9.17
C PRO C 140 8.78 29.81 -8.92
N ALA C 141 8.66 28.49 -8.79
CA ALA C 141 9.81 27.65 -8.48
C ALA C 141 10.16 26.75 -9.65
N ALA C 142 11.43 26.36 -9.67
CA ALA C 142 12.00 25.44 -10.65
C ALA C 142 12.90 24.46 -9.90
N GLY C 143 13.10 23.28 -10.51
CA GLY C 143 13.92 22.24 -9.90
C GLY C 143 14.39 21.22 -10.90
N GLU C 144 15.52 20.59 -10.59
CA GLU C 144 15.95 19.43 -11.36
C GLU C 144 15.15 18.23 -10.88
N PHE C 145 14.66 17.44 -11.83
CA PHE C 145 13.97 16.20 -11.49
C PHE C 145 14.96 15.06 -11.61
N LEU C 146 15.33 14.49 -10.46
CA LEU C 146 16.36 13.47 -10.37
C LEU C 146 15.78 12.15 -9.88
N ASP C 147 15.25 12.12 -8.65
CA ASP C 147 14.50 10.98 -8.12
C ASP C 147 13.32 10.59 -9.01
N MET C 148 12.95 9.32 -8.96
CA MET C 148 11.71 8.85 -9.60
C MET C 148 10.49 8.95 -8.69
N ILE C 149 10.68 9.00 -7.38
CA ILE C 149 9.57 9.03 -6.42
C ILE C 149 9.28 10.45 -5.93
N THR C 150 10.31 11.24 -5.61
CA THR C 150 10.08 12.55 -4.99
C THR C 150 9.21 13.51 -5.79
N PRO C 151 9.09 13.43 -7.11
CA PRO C 151 8.20 14.36 -7.82
C PRO C 151 6.80 14.46 -7.23
N GLN C 152 6.21 13.34 -6.83
CA GLN C 152 4.81 13.34 -6.41
C GLN C 152 4.57 14.25 -5.21
N TYR C 153 5.60 14.57 -4.43
CA TYR C 153 5.45 15.42 -3.24
C TYR C 153 5.56 16.91 -3.53
N LEU C 154 6.21 17.30 -4.63
CA LEU C 154 6.51 18.69 -4.86
C LEU C 154 5.98 19.24 -6.18
N ALA C 155 5.80 18.41 -7.20
CA ALA C 155 5.58 18.88 -8.56
C ALA C 155 4.39 19.83 -8.70
N ASP C 156 3.34 19.67 -7.88
CA ASP C 156 2.19 20.57 -8.01
C ASP C 156 2.54 22.03 -7.68
N LEU C 157 3.72 22.27 -7.10
CA LEU C 157 4.29 23.58 -6.83
C LEU C 157 5.40 23.97 -7.81
N MET C 158 5.77 23.07 -8.72
CA MET C 158 6.82 23.33 -9.71
C MET C 158 6.21 23.94 -10.97
N SER C 159 6.99 24.81 -11.60
CA SER C 159 6.56 25.53 -12.79
C SER C 159 7.55 25.38 -13.93
N TRP C 160 8.74 24.85 -13.67
CA TRP C 160 9.69 24.54 -14.72
C TRP C 160 10.71 23.58 -14.13
N GLY C 161 10.91 22.43 -14.77
CA GLY C 161 11.88 21.45 -14.32
C GLY C 161 12.97 21.24 -15.35
N ALA C 162 14.05 20.61 -14.89
CA ALA C 162 15.19 20.24 -15.69
C ALA C 162 15.54 18.79 -15.44
N ILE C 163 16.03 18.11 -16.49
CA ILE C 163 16.65 16.81 -16.34
C ILE C 163 18.15 16.99 -16.40
N GLY C 164 18.83 16.54 -15.35
CA GLY C 164 20.27 16.73 -15.23
C GLY C 164 21.01 16.31 -16.47
N ALA C 165 22.19 16.88 -16.70
CA ALA C 165 22.99 16.44 -17.84
C ALA C 165 23.21 14.94 -17.74
N ARG C 166 23.76 14.48 -16.62
CA ARG C 166 24.06 13.07 -16.45
C ARG C 166 22.80 12.22 -16.48
N THR C 167 21.64 12.82 -16.79
CA THR C 167 20.40 12.04 -16.87
C THR C 167 19.57 12.34 -18.11
N THR C 168 20.09 13.05 -19.10
CA THR C 168 19.28 13.40 -20.26
C THR C 168 19.02 12.21 -21.16
N GLU C 169 19.84 11.15 -21.04
CA GLU C 169 19.66 9.95 -21.83
C GLU C 169 18.81 8.91 -21.11
N SER C 170 18.67 9.01 -19.80
CA SER C 170 17.92 8.02 -19.06
C SER C 170 16.52 7.87 -19.64
N GLN C 171 16.20 6.66 -20.08
CA GLN C 171 14.82 6.38 -20.47
C GLN C 171 13.85 6.74 -19.35
N VAL C 172 14.19 6.36 -18.11
CA VAL C 172 13.31 6.60 -16.98
C VAL C 172 13.10 8.10 -16.78
N HIS C 173 14.10 8.90 -17.16
CA HIS C 173 14.00 10.34 -16.95
C HIS C 173 13.22 11.03 -18.07
N ARG C 174 13.41 10.62 -19.31
CA ARG C 174 12.50 11.09 -20.36
C ARG C 174 11.08 10.58 -20.12
N GLU C 175 10.93 9.36 -19.61
CA GLU C 175 9.60 8.86 -19.26
C GLU C 175 8.91 9.84 -18.32
N LEU C 176 9.61 10.22 -17.23
CA LEU C 176 9.05 11.16 -16.25
C LEU C 176 8.68 12.48 -16.90
N ALA C 177 9.60 13.06 -17.69
CA ALA C 177 9.32 14.32 -18.35
C ALA C 177 8.01 14.27 -19.11
N SER C 178 7.64 13.10 -19.62
CA SER C 178 6.47 13.03 -20.50
C SER C 178 5.15 13.21 -19.76
N GLY C 179 5.16 13.15 -18.42
CA GLY C 179 3.93 13.24 -17.65
C GLY C 179 3.82 14.43 -16.69
N LEU C 180 4.90 15.16 -16.50
CA LEU C 180 4.88 16.29 -15.57
C LEU C 180 3.97 17.41 -16.09
N SER C 181 3.27 18.08 -15.17
CA SER C 181 2.39 19.15 -15.58
C SER C 181 3.13 20.43 -15.96
N CYS C 182 4.40 20.56 -15.58
CA CYS C 182 5.19 21.75 -15.83
C CYS C 182 6.04 21.60 -17.09
N PRO C 183 6.47 22.71 -17.70
CA PRO C 183 7.48 22.63 -18.75
C PRO C 183 8.72 21.97 -18.20
N VAL C 184 9.59 21.54 -19.11
CA VAL C 184 10.79 20.79 -18.75
C VAL C 184 11.90 21.17 -19.74
N GLY C 185 13.12 21.30 -19.22
CA GLY C 185 14.28 21.52 -20.06
C GLY C 185 15.25 20.37 -19.92
N PHE C 186 15.84 19.96 -21.03
CA PHE C 186 16.88 18.94 -21.02
C PHE C 186 18.22 19.58 -21.37
N LYS C 187 19.24 19.24 -20.60
CA LYS C 187 20.58 19.73 -20.83
C LYS C 187 21.31 18.89 -21.88
N ASN C 188 22.04 19.55 -22.79
CA ASN C 188 22.94 18.82 -23.68
C ASN C 188 23.87 17.94 -22.85
N GLY C 189 24.49 16.96 -23.49
CA GLY C 189 25.31 16.02 -22.75
C GLY C 189 26.61 16.64 -22.24
N THR C 190 27.22 15.92 -21.28
CA THR C 190 28.42 16.44 -20.62
C THR C 190 29.50 16.81 -21.61
N ASP C 191 29.70 15.98 -22.63
CA ASP C 191 30.66 16.29 -23.69
C ASP C 191 30.15 17.33 -24.68
N GLY C 192 28.93 17.82 -24.49
CA GLY C 192 28.36 18.78 -25.39
C GLY C 192 27.50 18.19 -26.50
N THR C 193 27.40 16.86 -26.58
CA THR C 193 26.48 16.22 -27.50
C THR C 193 25.11 16.83 -27.37
N ILE C 194 24.59 17.42 -28.45
CA ILE C 194 23.27 18.00 -28.34
C ILE C 194 22.16 17.09 -28.88
N LYS C 195 22.50 15.95 -29.44
CA LYS C 195 21.42 15.14 -29.99
C LYS C 195 20.76 14.30 -28.89
N VAL C 196 21.55 13.75 -27.98
CA VAL C 196 20.94 12.96 -26.91
C VAL C 196 19.85 13.77 -26.22
N ALA C 197 19.96 15.10 -26.24
CA ALA C 197 18.90 15.94 -25.71
C ALA C 197 17.80 16.17 -26.75
N ILE C 198 18.18 16.42 -27.99
CA ILE C 198 17.22 16.46 -29.09
C ILE C 198 16.39 15.19 -29.12
N ASP C 199 16.98 14.06 -28.75
CA ASP C 199 16.23 12.82 -28.72
C ASP C 199 15.23 12.81 -27.56
N ALA C 200 15.67 13.22 -26.37
CA ALA C 200 14.77 13.23 -25.22
C ALA C 200 13.57 14.15 -25.44
N ILE C 201 13.76 15.30 -26.10
CA ILE C 201 12.62 16.17 -26.41
C ILE C 201 11.58 15.42 -27.23
N ASN C 202 12.03 14.59 -28.18
CA ASN C 202 11.12 13.81 -29.02
C ASN C 202 10.36 12.76 -28.21
N ALA C 203 11.10 11.97 -27.44
CA ALA C 203 10.48 11.04 -26.50
C ALA C 203 9.50 11.77 -25.59
N ALA C 204 10.02 12.73 -24.80
CA ALA C 204 9.19 13.44 -23.84
C ALA C 204 7.88 13.93 -24.45
N GLY C 205 7.93 14.45 -25.68
CA GLY C 205 6.74 14.96 -26.33
C GLY C 205 5.70 13.91 -26.65
N ALA C 206 6.04 12.62 -26.52
CA ALA C 206 5.26 11.44 -26.86
C ALA C 206 4.62 10.83 -25.63
N PRO C 207 3.56 10.06 -25.81
CA PRO C 207 3.02 9.29 -24.69
C PRO C 207 3.89 8.07 -24.39
N HIS C 208 3.94 7.72 -23.09
CA HIS C 208 4.65 6.55 -22.62
C HIS C 208 3.74 5.73 -21.71
N CYS C 209 4.24 4.60 -21.24
CA CYS C 209 3.47 3.75 -20.35
C CYS C 209 4.45 2.96 -19.51
N PHE C 210 4.64 3.35 -18.24
CA PHE C 210 5.72 2.80 -17.43
C PHE C 210 5.27 2.60 -15.98
N LEU C 211 6.15 2.00 -15.17
CA LEU C 211 5.88 1.83 -13.75
C LEU C 211 6.36 3.02 -12.93
N SER C 212 5.63 3.30 -11.84
CA SER C 212 5.84 4.50 -11.01
C SER C 212 5.04 4.35 -9.70
N VAL C 213 5.13 5.37 -8.85
CA VAL C 213 4.47 5.40 -7.53
C VAL C 213 3.38 6.47 -7.50
N THR C 214 2.27 6.15 -6.87
CA THR C 214 1.13 7.06 -6.78
C THR C 214 1.20 7.91 -5.53
N LYS C 215 0.38 8.96 -5.51
CA LYS C 215 0.36 9.83 -4.34
C LYS C 215 0.13 9.04 -3.04
N TRP C 216 -0.46 7.84 -3.11
CA TRP C 216 -0.66 6.99 -1.94
C TRP C 216 0.54 6.12 -1.64
N GLY C 217 1.64 6.30 -2.35
CA GLY C 217 2.84 5.51 -2.19
C GLY C 217 2.79 4.11 -2.76
N HIS C 218 1.87 3.81 -3.66
CA HIS C 218 1.74 2.47 -4.23
C HIS C 218 2.37 2.40 -5.63
N SER C 219 3.05 1.29 -5.92
CA SER C 219 3.44 0.95 -7.29
C SER C 219 2.22 0.90 -8.22
N ALA C 220 2.39 1.41 -9.43
CA ALA C 220 1.31 1.34 -10.42
C ALA C 220 1.87 1.50 -11.83
N ILE C 221 0.97 1.38 -12.79
CA ILE C 221 1.21 1.63 -14.19
C ILE C 221 0.62 2.98 -14.50
N VAL C 222 1.40 3.88 -15.08
CA VAL C 222 0.87 5.16 -15.51
C VAL C 222 1.05 5.25 -17.02
N ASN C 223 0.07 5.87 -17.68
CA ASN C 223 0.18 6.30 -19.06
C ASN C 223 0.25 7.83 -19.08
N THR C 224 1.15 8.36 -19.88
CA THR C 224 1.34 9.81 -19.95
C THR C 224 0.83 10.29 -21.28
N SER C 225 0.28 11.51 -21.28
CA SER C 225 -0.19 12.11 -22.53
C SER C 225 0.98 12.47 -23.43
N GLY C 226 2.06 12.96 -22.86
CA GLY C 226 3.14 13.54 -23.61
C GLY C 226 3.23 15.02 -23.33
N ASN C 227 4.45 15.54 -23.36
CA ASN C 227 4.72 16.92 -23.00
C ASN C 227 5.49 17.61 -24.12
N GLY C 228 4.82 18.49 -24.87
CA GLY C 228 5.41 19.28 -25.92
C GLY C 228 6.04 20.60 -25.51
N ASP C 229 6.00 20.93 -24.21
CA ASP C 229 6.72 22.09 -23.67
C ASP C 229 8.08 21.64 -23.14
N CYS C 230 8.97 21.23 -24.06
CA CYS C 230 10.34 20.89 -23.66
C CYS C 230 11.33 21.53 -24.61
N HIS C 231 12.50 21.87 -24.08
CA HIS C 231 13.53 22.56 -24.85
C HIS C 231 14.93 22.12 -24.42
N ILE C 232 15.90 22.42 -25.26
CA ILE C 232 17.28 22.15 -24.90
C ILE C 232 17.77 23.23 -23.95
N ILE C 233 18.79 22.87 -23.18
CA ILE C 233 19.52 23.78 -22.31
C ILE C 233 20.98 23.60 -22.67
N LEU C 234 21.54 24.57 -23.38
CA LEU C 234 22.95 24.53 -23.73
C LEU C 234 23.77 24.82 -22.49
N ARG C 235 24.46 23.81 -21.99
CA ARG C 235 25.34 23.93 -20.84
C ARG C 235 26.80 23.75 -21.23
N GLY C 236 27.11 23.75 -22.53
CA GLY C 236 28.45 23.43 -22.98
C GLY C 236 28.96 22.12 -22.41
N GLY C 237 30.21 21.79 -22.67
CA GLY C 237 30.79 20.58 -22.13
C GLY C 237 32.31 20.62 -22.15
N LYS C 238 32.91 19.86 -23.07
CA LYS C 238 34.36 19.87 -23.22
C LYS C 238 34.88 21.25 -23.61
N GLU C 239 34.00 22.14 -24.09
CA GLU C 239 34.37 23.54 -24.29
C GLU C 239 33.10 24.38 -24.30
N PRO C 240 33.10 25.57 -23.69
CA PRO C 240 31.88 26.38 -23.60
C PRO C 240 31.21 26.58 -24.95
N ASN C 241 29.87 26.54 -24.95
CA ASN C 241 29.10 26.62 -26.19
C ASN C 241 27.83 27.48 -26.02
N TYR C 242 28.02 28.75 -25.65
CA TYR C 242 26.97 29.76 -25.60
C TYR C 242 27.05 30.76 -26.75
N SER C 243 28.08 30.64 -27.60
CA SER C 243 28.36 31.54 -28.72
C SER C 243 27.13 31.87 -29.54
N ALA C 244 27.21 32.91 -30.37
CA ALA C 244 26.13 33.14 -31.32
C ALA C 244 26.18 32.13 -32.45
N LYS C 245 27.37 31.64 -32.79
CA LYS C 245 27.41 30.62 -33.83
C LYS C 245 27.22 29.24 -33.24
N HIS C 246 27.72 29.00 -32.05
CA HIS C 246 27.30 27.82 -31.31
C HIS C 246 25.76 27.72 -31.24
N VAL C 247 25.11 28.80 -30.80
CA VAL C 247 23.65 28.82 -30.79
C VAL C 247 23.09 28.47 -32.17
N ALA C 248 23.79 28.91 -33.23
CA ALA C 248 23.29 28.70 -34.58
C ALA C 248 23.38 27.24 -35.01
N GLU C 249 24.30 26.48 -34.41
CA GLU C 249 24.36 25.04 -34.65
C GLU C 249 23.15 24.32 -34.08
N VAL C 250 22.99 24.39 -32.76
CA VAL C 250 21.79 23.86 -32.10
C VAL C 250 20.54 24.31 -32.84
N LYS C 251 20.50 25.58 -33.26
CA LYS C 251 19.36 26.11 -34.01
C LYS C 251 19.12 25.26 -35.26
N GLU C 252 20.12 25.17 -36.14
CA GLU C 252 20.02 24.32 -37.33
C GLU C 252 19.63 22.91 -36.95
N GLY C 253 20.47 22.27 -36.14
CA GLY C 253 20.18 20.97 -35.59
C GLY C 253 18.72 20.71 -35.28
N LEU C 254 18.11 21.55 -34.44
CA LEU C 254 16.72 21.35 -34.07
C LEU C 254 15.79 21.48 -35.28
N ASN C 255 16.11 22.37 -36.22
CA ASN C 255 15.33 22.42 -37.43
C ASN C 255 15.43 21.10 -38.20
N LYS C 256 16.64 20.57 -38.34
CA LYS C 256 16.81 19.25 -38.92
C LYS C 256 15.88 18.22 -38.28
N ALA C 257 15.77 18.24 -36.94
CA ALA C 257 14.89 17.34 -36.21
C ALA C 257 13.47 17.81 -36.19
N GLY C 258 13.17 18.89 -36.90
CA GLY C 258 11.81 19.34 -37.04
C GLY C 258 11.18 19.81 -35.76
N LEU C 259 11.99 20.25 -34.77
CA LEU C 259 11.60 20.86 -33.51
C LEU C 259 11.80 22.37 -33.57
N PRO C 260 11.11 23.12 -32.71
CA PRO C 260 11.22 24.59 -32.76
C PRO C 260 12.63 25.05 -32.42
N ALA C 261 13.08 26.10 -33.11
CA ALA C 261 14.45 26.62 -32.95
C ALA C 261 14.43 27.60 -31.79
N GLN C 262 14.57 27.06 -30.58
CA GLN C 262 14.64 27.86 -29.36
C GLN C 262 15.71 27.21 -28.48
N VAL C 263 16.26 27.99 -27.56
CA VAL C 263 17.26 27.45 -26.65
C VAL C 263 17.27 28.26 -25.37
N MET C 264 17.52 27.56 -24.26
CA MET C 264 17.89 28.16 -22.99
C MET C 264 19.41 28.01 -22.85
N ILE C 265 20.10 29.13 -22.66
CA ILE C 265 21.53 29.13 -22.39
C ILE C 265 21.70 29.04 -20.88
N ASP C 266 22.57 28.15 -20.42
CA ASP C 266 22.87 28.06 -19.00
C ASP C 266 24.22 28.74 -18.77
N PHE C 267 24.22 29.77 -17.93
CA PHE C 267 25.44 30.56 -17.85
C PHE C 267 26.55 29.90 -17.04
N SER C 268 26.25 28.82 -16.30
CA SER C 268 27.21 28.28 -15.34
C SER C 268 27.84 26.95 -15.80
N HIS C 269 28.38 26.21 -14.84
CA HIS C 269 28.96 24.89 -15.06
C HIS C 269 29.90 24.91 -16.26
N ALA C 270 29.53 24.21 -17.33
CA ALA C 270 30.45 23.99 -18.44
C ALA C 270 30.54 25.18 -19.38
N ASN C 271 29.65 26.15 -19.26
CA ASN C 271 29.81 27.40 -20.00
C ASN C 271 30.59 28.45 -19.21
N SER C 272 30.91 28.16 -17.95
CA SER C 272 31.62 29.09 -17.08
C SER C 272 33.00 28.59 -16.72
N SER C 273 33.46 27.53 -17.36
CA SER C 273 34.68 26.86 -16.93
C SER C 273 34.66 26.65 -15.42
N LYS C 274 33.46 26.53 -14.84
CA LYS C 274 33.25 26.37 -13.39
C LYS C 274 33.58 27.64 -12.61
N GLN C 275 34.37 28.54 -13.20
CA GLN C 275 34.69 29.82 -12.57
C GLN C 275 33.41 30.60 -12.32
N PHE C 276 32.95 30.65 -11.06
CA PHE C 276 31.61 31.19 -10.84
C PHE C 276 31.45 32.57 -11.47
N LYS C 277 32.50 33.37 -11.51
CA LYS C 277 32.33 34.74 -11.99
C LYS C 277 32.14 34.83 -13.50
N LYS C 278 32.54 33.81 -14.25
CA LYS C 278 32.38 33.87 -15.70
C LYS C 278 30.90 33.91 -16.12
N GLN C 279 29.96 33.67 -15.20
CA GLN C 279 28.56 33.90 -15.54
C GLN C 279 28.33 35.32 -16.00
N MET C 280 29.19 36.25 -15.58
CA MET C 280 29.08 37.60 -16.10
C MET C 280 29.56 37.68 -17.54
N ASP C 281 30.67 36.99 -17.85
CA ASP C 281 31.13 36.93 -19.23
C ASP C 281 30.09 36.28 -20.13
N VAL C 282 29.70 35.04 -19.83
CA VAL C 282 28.63 34.42 -20.63
C VAL C 282 27.43 35.36 -20.68
N CYS C 283 27.06 35.94 -19.54
CA CYS C 283 25.95 36.87 -19.51
C CYS C 283 26.14 38.00 -20.52
N ALA C 284 27.33 38.62 -20.53
CA ALA C 284 27.58 39.72 -21.46
C ALA C 284 27.58 39.28 -22.92
N ASP C 285 27.86 37.99 -23.19
CA ASP C 285 27.86 37.51 -24.57
C ASP C 285 26.45 37.19 -25.04
N VAL C 286 25.65 36.52 -24.19
CA VAL C 286 24.26 36.18 -24.53
C VAL C 286 23.42 37.43 -24.73
N CYS C 287 23.67 38.49 -23.95
CA CYS C 287 22.88 39.72 -24.11
C CYS C 287 23.10 40.36 -25.47
N GLN C 288 24.33 40.35 -25.97
CA GLN C 288 24.62 40.82 -27.31
C GLN C 288 23.78 40.07 -28.36
N GLN C 289 23.76 38.73 -28.28
CA GLN C 289 22.90 37.96 -29.17
C GLN C 289 21.45 38.41 -29.05
N ILE C 290 20.98 38.68 -27.83
CA ILE C 290 19.56 39.01 -27.66
C ILE C 290 19.25 40.40 -28.22
N ALA C 291 20.18 41.35 -28.04
CA ALA C 291 20.03 42.67 -28.65
C ALA C 291 20.12 42.57 -30.17
N GLY C 292 21.15 41.90 -30.68
CA GLY C 292 21.38 41.77 -32.12
C GLY C 292 20.16 41.29 -32.88
N GLY C 293 19.12 40.89 -32.15
CA GLY C 293 17.88 40.44 -32.76
C GLY C 293 17.60 38.97 -32.61
N GLU C 294 18.52 38.20 -32.03
CA GLU C 294 18.40 36.76 -31.83
C GLU C 294 17.05 36.37 -31.21
N LYS C 295 16.14 35.85 -32.04
CA LYS C 295 14.79 35.57 -31.58
C LYS C 295 14.70 34.27 -30.79
N ALA C 296 15.71 33.41 -30.89
CA ALA C 296 15.60 32.00 -30.54
C ALA C 296 16.16 31.67 -29.17
N ILE C 297 16.57 32.67 -28.38
CA ILE C 297 17.08 32.46 -27.03
C ILE C 297 15.91 32.74 -26.09
N ILE C 298 15.17 31.68 -25.76
CA ILE C 298 13.91 31.82 -25.04
C ILE C 298 14.10 31.91 -23.53
N GLY C 299 15.26 31.50 -23.02
CA GLY C 299 15.43 31.48 -21.58
C GLY C 299 16.89 31.40 -21.17
N VAL C 300 17.09 31.58 -19.86
CA VAL C 300 18.41 31.67 -19.26
C VAL C 300 18.36 30.96 -17.91
N MET C 301 19.46 30.31 -17.56
CA MET C 301 19.66 29.70 -16.25
C MET C 301 20.91 30.32 -15.64
N VAL C 302 20.83 30.67 -14.36
CA VAL C 302 21.96 31.31 -13.69
C VAL C 302 22.04 30.78 -12.28
N GLU C 303 23.26 30.58 -11.79
CA GLU C 303 23.51 30.11 -10.44
C GLU C 303 23.86 31.29 -9.55
N SER C 304 23.12 31.44 -8.44
CA SER C 304 23.02 32.75 -7.78
C SER C 304 22.58 32.59 -6.34
N HIS C 305 23.38 33.08 -5.38
CA HIS C 305 22.98 33.07 -3.97
C HIS C 305 23.15 34.46 -3.34
N LEU C 306 22.64 34.58 -2.10
CA LEU C 306 22.78 35.83 -1.34
C LEU C 306 24.23 36.31 -1.32
N VAL C 307 25.19 35.38 -1.27
CA VAL C 307 26.60 35.69 -1.12
C VAL C 307 27.37 34.83 -2.11
N GLU C 308 28.37 35.42 -2.76
CA GLU C 308 29.08 34.71 -3.80
C GLU C 308 29.96 33.61 -3.19
N GLY C 309 30.32 32.62 -4.03
CA GLY C 309 31.25 31.55 -3.65
C GLY C 309 30.58 30.28 -3.18
N ASN C 310 31.39 29.41 -2.57
CA ASN C 310 30.86 28.19 -1.97
C ASN C 310 31.78 27.69 -0.86
N GLN C 311 31.19 26.97 0.11
CA GLN C 311 31.89 26.45 1.28
C GLN C 311 31.79 24.93 1.39
N SER C 312 32.80 24.34 2.03
CA SER C 312 32.84 22.92 2.31
C SER C 312 31.79 22.54 3.36
N LEU C 313 31.63 21.23 3.56
CA LEU C 313 30.73 20.72 4.60
C LEU C 313 31.50 19.83 5.58
N GLU C 317 34.25 24.57 12.06
CA GLU C 317 33.40 23.62 11.32
C GLU C 317 31.92 24.06 11.14
N PRO C 318 31.67 25.41 10.91
CA PRO C 318 30.29 25.90 10.85
C PRO C 318 29.89 26.50 9.50
N LEU C 319 28.65 26.97 9.41
CA LEU C 319 28.00 27.30 8.15
C LEU C 319 27.99 28.81 7.95
N ALA C 320 28.76 29.28 6.99
CA ALA C 320 28.61 30.66 6.53
C ALA C 320 27.19 30.90 6.01
N TYR C 321 26.54 31.91 6.54
CA TYR C 321 25.21 32.28 6.06
C TYR C 321 25.21 32.60 4.56
N GLY C 322 24.10 32.31 3.91
CA GLY C 322 23.83 32.78 2.55
C GLY C 322 24.79 32.35 1.45
N LYS C 323 25.47 31.20 1.59
CA LYS C 323 26.51 30.83 0.65
C LYS C 323 26.47 29.33 0.33
N SER C 324 26.69 28.99 -0.95
CA SER C 324 26.44 27.63 -1.44
C SER C 324 27.33 26.59 -0.77
N ILE C 325 26.77 25.41 -0.55
CA ILE C 325 27.50 24.26 -0.04
C ILE C 325 27.89 23.31 -1.16
N THR C 326 27.61 23.67 -2.41
CA THR C 326 27.99 22.82 -3.53
C THR C 326 28.64 23.66 -4.62
N ASP C 327 27.96 23.85 -5.73
CA ASP C 327 28.53 24.65 -6.79
C ASP C 327 28.61 26.11 -6.37
N ALA C 328 29.49 26.86 -7.02
CA ALA C 328 29.74 28.25 -6.65
C ALA C 328 28.88 29.18 -7.50
N CYS C 329 28.24 30.15 -6.84
CA CYS C 329 27.24 31.05 -7.42
C CYS C 329 27.74 32.48 -7.37
N ILE C 330 27.16 33.32 -8.23
CA ILE C 330 27.40 34.75 -8.13
C ILE C 330 26.59 35.30 -6.97
N GLY C 331 27.15 36.30 -6.28
CA GLY C 331 26.49 36.91 -5.16
C GLY C 331 25.32 37.75 -5.62
N TRP C 332 24.63 38.36 -4.65
CA TRP C 332 23.36 39.01 -4.97
C TRP C 332 23.59 40.30 -5.74
N GLU C 333 24.59 41.09 -5.34
CA GLU C 333 24.79 42.37 -5.99
C GLU C 333 25.01 42.15 -7.48
N ASP C 334 25.85 41.16 -7.82
CA ASP C 334 26.02 40.75 -9.21
C ASP C 334 24.70 40.33 -9.83
N THR C 335 23.88 39.60 -9.09
CA THR C 335 22.61 39.16 -9.65
C THR C 335 21.81 40.34 -10.19
N ASP C 336 21.53 41.33 -9.33
CA ASP C 336 20.87 42.57 -9.73
C ASP C 336 21.36 43.09 -11.09
N ALA C 337 22.68 43.30 -11.21
CA ALA C 337 23.22 43.82 -12.46
C ALA C 337 22.95 42.87 -13.62
N LEU C 338 22.99 41.55 -13.34
CA LEU C 338 22.77 40.55 -14.38
C LEU C 338 21.32 40.57 -14.87
N LEU C 339 20.36 40.66 -13.95
CA LEU C 339 18.97 40.60 -14.35
C LEU C 339 18.54 41.87 -15.07
N ARG C 340 18.91 43.03 -14.51
CA ARG C 340 18.66 44.27 -15.24
C ARG C 340 19.41 44.28 -16.56
N GLN C 341 20.58 43.64 -16.61
CA GLN C 341 21.34 43.55 -17.85
C GLN C 341 20.65 42.68 -18.90
N LEU C 342 19.78 41.75 -18.50
CA LEU C 342 18.99 40.99 -19.47
C LEU C 342 17.80 41.81 -19.96
N ALA C 343 16.95 42.26 -19.03
CA ALA C 343 15.76 43.03 -19.39
C ALA C 343 16.09 44.10 -20.43
N ASN C 344 17.29 44.68 -20.34
CA ASN C 344 17.66 45.70 -21.30
C ASN C 344 17.86 45.12 -22.70
N ALA C 345 18.65 44.04 -22.81
CA ALA C 345 18.81 43.38 -24.10
C ALA C 345 17.45 42.99 -24.70
N VAL C 346 16.55 42.45 -23.87
CA VAL C 346 15.21 42.10 -24.37
C VAL C 346 14.45 43.36 -24.76
N LYS C 347 14.76 44.49 -24.13
CA LYS C 347 14.27 45.78 -24.61
C LYS C 347 14.85 46.11 -25.99
N ALA C 348 16.14 45.86 -26.17
CA ALA C 348 16.81 46.17 -27.41
C ALA C 348 16.47 45.18 -28.51
N ARG C 349 15.61 44.21 -28.26
CA ARG C 349 15.25 43.22 -29.26
C ARG C 349 13.87 43.46 -29.85
N ARG C 350 13.22 44.58 -29.52
CA ARG C 350 11.88 44.83 -30.03
C ARG C 350 11.52 46.30 -30.16
N GLY C 351 12.27 47.18 -29.49
CA GLY C 351 11.95 48.61 -29.49
C GLY C 351 13.09 49.57 -29.76
N ASN D 6 -3.59 21.95 -10.70
CA ASN D 6 -2.13 21.81 -10.67
C ASN D 6 -1.65 20.33 -10.70
N ASP D 7 -2.55 19.41 -10.32
CA ASP D 7 -2.19 18.01 -10.15
C ASP D 7 -2.49 17.23 -11.43
N ASP D 8 -1.50 16.43 -11.86
CA ASP D 8 -1.70 15.32 -12.79
C ASP D 8 -2.43 15.74 -14.06
N LEU D 9 -1.90 16.79 -14.69
CA LEU D 9 -2.57 17.34 -15.86
C LEU D 9 -2.24 16.58 -17.14
N ARG D 10 -1.07 15.90 -17.18
CA ARG D 10 -0.62 15.15 -18.34
C ARG D 10 -0.64 13.65 -18.14
N ILE D 11 -0.48 13.17 -16.91
CA ILE D 11 -0.84 11.80 -16.59
C ILE D 11 -2.35 11.65 -16.76
N LYS D 12 -2.77 10.72 -17.63
CA LYS D 12 -4.21 10.47 -17.70
C LYS D 12 -4.54 9.00 -17.87
N GLU D 13 -4.00 8.19 -16.96
CA GLU D 13 -4.65 6.95 -16.55
C GLU D 13 -3.68 6.17 -15.70
N ILE D 14 -4.21 5.43 -14.72
CA ILE D 14 -3.41 4.68 -13.75
C ILE D 14 -4.04 3.31 -13.61
N LYS D 15 -3.21 2.27 -13.64
CA LYS D 15 -3.72 0.92 -13.59
C LYS D 15 -3.02 0.14 -12.49
N GLU D 16 -3.69 -0.90 -12.02
CA GLU D 16 -3.20 -1.68 -10.88
C GLU D 16 -2.05 -2.58 -11.29
N LEU D 17 -1.04 -2.65 -10.42
CA LEU D 17 0.19 -3.39 -10.68
C LEU D 17 0.40 -4.41 -9.57
N LEU D 18 0.89 -5.56 -9.93
CA LEU D 18 1.05 -6.61 -8.94
C LEU D 18 2.30 -6.35 -8.12
N PRO D 19 2.21 -6.49 -6.80
CA PRO D 19 3.37 -6.21 -5.97
C PRO D 19 4.42 -7.31 -6.13
N PRO D 20 5.72 -6.97 -6.01
CA PRO D 20 6.75 -8.01 -6.04
C PRO D 20 6.39 -9.24 -5.20
N VAL D 21 5.89 -9.01 -3.98
CA VAL D 21 5.64 -10.13 -3.07
C VAL D 21 4.75 -11.19 -3.71
N ALA D 22 3.80 -10.78 -4.57
CA ALA D 22 2.91 -11.74 -5.20
C ALA D 22 3.57 -12.49 -6.34
N LEU D 23 4.52 -11.89 -7.07
CA LEU D 23 5.16 -12.69 -8.09
C LEU D 23 6.16 -13.68 -7.51
N LEU D 24 6.77 -13.36 -6.36
CA LEU D 24 7.67 -14.31 -5.69
C LEU D 24 6.91 -15.40 -4.96
N GLU D 25 5.59 -15.28 -4.88
CA GLU D 25 4.74 -16.26 -4.24
C GLU D 25 4.19 -17.24 -5.27
N LYS D 26 3.69 -16.72 -6.40
CA LYS D 26 3.35 -17.58 -7.52
C LYS D 26 4.56 -18.41 -7.97
N PHE D 27 5.67 -17.74 -8.26
CA PHE D 27 6.89 -18.32 -8.82
C PHE D 27 8.06 -18.27 -7.83
N PRO D 28 8.04 -19.09 -6.78
CA PRO D 28 9.15 -19.07 -5.81
C PRO D 28 10.40 -19.76 -6.34
N ALA D 29 11.57 -19.20 -5.99
CA ALA D 29 12.82 -19.86 -6.28
C ALA D 29 12.77 -21.29 -5.77
N THR D 30 13.05 -22.25 -6.66
CA THR D 30 13.21 -23.62 -6.22
C THR D 30 14.58 -23.81 -5.59
N GLU D 31 14.69 -24.82 -4.72
CA GLU D 31 15.99 -25.14 -4.13
C GLU D 31 17.07 -25.17 -5.19
N ASN D 32 16.75 -25.71 -6.38
CA ASN D 32 17.69 -25.69 -7.50
C ASN D 32 17.99 -24.26 -7.95
N ALA D 33 16.94 -23.49 -8.22
CA ALA D 33 17.12 -22.16 -8.79
C ALA D 33 17.96 -21.31 -7.87
N ALA D 34 17.70 -21.37 -6.56
CA ALA D 34 18.49 -20.61 -5.61
C ALA D 34 19.92 -21.13 -5.57
N ASN D 35 20.08 -22.43 -5.68
CA ASN D 35 21.40 -23.03 -5.76
C ASN D 35 22.19 -22.47 -6.94
N THR D 36 21.54 -22.38 -8.11
CA THR D 36 22.30 -21.95 -9.27
C THR D 36 22.71 -20.48 -9.13
N VAL D 37 21.83 -19.65 -8.59
CA VAL D 37 22.15 -18.24 -8.36
C VAL D 37 23.24 -18.08 -7.30
N ALA D 38 23.13 -18.83 -6.19
CA ALA D 38 24.08 -18.71 -5.10
C ALA D 38 25.50 -18.97 -5.58
N HIS D 39 25.72 -20.15 -6.21
CA HIS D 39 27.02 -20.56 -6.71
C HIS D 39 27.50 -19.67 -7.86
N ALA D 40 26.59 -19.32 -8.78
CA ALA D 40 26.99 -18.52 -9.94
C ALA D 40 27.58 -17.19 -9.51
N ARG D 41 26.90 -16.49 -8.62
CA ARG D 41 27.45 -15.22 -8.14
C ARG D 41 28.81 -15.46 -7.50
N LYS D 42 28.91 -16.40 -6.56
CA LYS D 42 30.18 -16.63 -5.90
C LYS D 42 31.27 -16.92 -6.92
N ALA D 43 30.91 -17.69 -7.95
CA ALA D 43 31.81 -17.92 -9.06
C ALA D 43 32.36 -16.61 -9.61
N ILE D 44 31.46 -15.69 -9.96
CA ILE D 44 31.88 -14.41 -10.55
C ILE D 44 32.64 -13.57 -9.53
N HIS D 45 32.24 -13.61 -8.26
CA HIS D 45 33.02 -12.90 -7.24
C HIS D 45 34.46 -13.39 -7.22
N LYS D 46 34.64 -14.72 -7.16
CA LYS D 46 35.99 -15.27 -7.12
C LYS D 46 36.79 -14.86 -8.35
N ILE D 47 36.16 -14.87 -9.54
CA ILE D 47 36.83 -14.32 -10.72
C ILE D 47 37.26 -12.89 -10.46
N LEU D 48 36.34 -12.07 -9.97
CA LEU D 48 36.57 -10.63 -9.99
C LEU D 48 37.61 -10.20 -8.96
N LYS D 49 37.80 -10.99 -7.90
CA LYS D 49 38.90 -10.75 -6.96
C LYS D 49 40.20 -11.42 -7.42
N GLY D 50 40.38 -11.61 -8.73
CA GLY D 50 41.61 -12.18 -9.29
C GLY D 50 41.88 -13.62 -8.90
N ASN D 51 40.86 -14.34 -8.42
CA ASN D 51 41.03 -15.67 -7.85
C ASN D 51 40.65 -16.79 -8.82
N ASP D 52 40.79 -16.58 -10.12
CA ASP D 52 40.27 -17.57 -11.05
C ASP D 52 40.59 -17.20 -12.49
N ASP D 53 41.42 -18.02 -13.15
CA ASP D 53 41.72 -17.80 -14.57
C ASP D 53 40.46 -17.63 -15.39
N ARG D 54 39.37 -18.25 -14.97
CA ARG D 54 38.28 -18.50 -15.90
C ARG D 54 37.70 -17.20 -16.44
N LEU D 55 36.92 -17.34 -17.51
CA LEU D 55 36.34 -16.21 -18.22
C LEU D 55 34.82 -16.27 -18.08
N LEU D 56 34.26 -15.22 -17.51
CA LEU D 56 32.80 -15.11 -17.51
C LEU D 56 32.34 -14.76 -18.91
N VAL D 57 31.46 -15.58 -19.47
CA VAL D 57 30.85 -15.30 -20.77
C VAL D 57 29.36 -15.08 -20.54
N VAL D 58 28.93 -13.83 -20.70
CA VAL D 58 27.51 -13.50 -20.73
C VAL D 58 27.10 -13.51 -22.19
N ILE D 59 26.31 -14.50 -22.59
CA ILE D 59 25.93 -14.64 -23.98
C ILE D 59 24.48 -15.07 -24.03
N GLY D 60 23.79 -14.69 -25.10
CA GLY D 60 22.38 -14.96 -25.26
C GLY D 60 21.70 -13.86 -26.05
N PRO D 61 20.41 -14.05 -26.36
CA PRO D 61 19.73 -13.13 -27.27
C PRO D 61 19.83 -11.70 -26.79
N CYS D 62 19.71 -10.76 -27.74
CA CYS D 62 19.64 -9.36 -27.35
C CYS D 62 18.46 -9.12 -26.44
N SER D 63 17.26 -9.46 -26.90
CA SER D 63 16.05 -9.44 -26.08
C SER D 63 15.31 -10.77 -26.22
N ILE D 64 14.61 -11.15 -25.16
CA ILE D 64 13.76 -12.33 -25.23
C ILE D 64 12.37 -11.91 -25.64
N HIS D 65 11.74 -12.69 -26.50
CA HIS D 65 10.35 -12.40 -26.85
C HIS D 65 9.49 -13.64 -26.92
N ASP D 66 10.06 -14.84 -26.81
CA ASP D 66 9.32 -16.10 -26.88
C ASP D 66 9.95 -17.03 -25.87
N PRO D 67 9.29 -17.25 -24.73
CA PRO D 67 9.87 -18.16 -23.72
C PRO D 67 10.32 -19.50 -24.29
N VAL D 68 9.71 -19.96 -25.40
CA VAL D 68 9.97 -21.30 -25.93
C VAL D 68 11.38 -21.38 -26.51
N ALA D 69 11.63 -20.58 -27.55
CA ALA D 69 12.98 -20.44 -28.08
C ALA D 69 14.02 -20.22 -26.98
N ALA D 70 13.61 -19.61 -25.86
CA ALA D 70 14.53 -19.29 -24.78
C ALA D 70 14.88 -20.52 -23.94
N LYS D 71 13.93 -21.42 -23.71
CA LYS D 71 14.25 -22.65 -22.98
C LYS D 71 15.10 -23.58 -23.84
N GLU D 72 14.86 -23.61 -25.16
CA GLU D 72 15.76 -24.35 -26.05
C GLU D 72 17.17 -23.80 -25.97
N TYR D 73 17.32 -22.49 -26.13
CA TYR D 73 18.64 -21.88 -25.99
C TYR D 73 19.31 -22.33 -24.69
N ALA D 74 18.57 -22.26 -23.59
CA ALA D 74 19.18 -22.56 -22.30
C ALA D 74 19.66 -24.02 -22.24
N THR D 75 18.85 -24.98 -22.71
CA THR D 75 19.30 -26.37 -22.65
C THR D 75 20.58 -26.55 -23.45
N ARG D 76 20.62 -26.00 -24.67
CA ARG D 76 21.86 -26.02 -25.45
C ARG D 76 22.98 -25.35 -24.67
N LEU D 77 22.77 -24.07 -24.31
CA LEU D 77 23.84 -23.30 -23.70
C LEU D 77 24.25 -23.89 -22.36
N LEU D 78 23.28 -24.43 -21.64
CA LEU D 78 23.58 -25.14 -20.40
C LEU D 78 24.52 -26.33 -20.66
N ALA D 79 24.27 -27.07 -21.74
CA ALA D 79 25.15 -28.18 -22.14
C ALA D 79 26.60 -27.71 -22.27
N LEU D 80 26.82 -26.65 -23.05
CA LEU D 80 28.16 -26.07 -23.18
C LEU D 80 28.66 -25.45 -21.88
N ARG D 81 27.75 -24.91 -21.05
CA ARG D 81 28.18 -24.39 -19.76
C ARG D 81 28.91 -25.46 -18.95
N GLU D 82 28.49 -26.72 -19.10
CA GLU D 82 29.21 -27.83 -18.49
C GLU D 82 30.55 -28.07 -19.21
N GLU D 83 30.50 -28.66 -20.41
CA GLU D 83 31.67 -28.92 -21.25
C GLU D 83 32.88 -28.03 -20.94
N LEU D 84 32.70 -26.72 -21.00
CA LEU D 84 33.79 -25.77 -20.82
C LEU D 84 33.87 -25.23 -19.40
N LYS D 85 33.09 -25.79 -18.47
CA LYS D 85 33.00 -25.28 -17.10
C LYS D 85 34.36 -25.02 -16.47
N ASP D 86 35.42 -25.71 -16.94
CA ASP D 86 36.76 -25.57 -16.40
C ASP D 86 37.44 -24.27 -16.79
N GLU D 87 36.94 -23.62 -17.82
CA GLU D 87 37.59 -22.45 -18.38
C GLU D 87 36.66 -21.25 -18.51
N LEU D 88 35.44 -21.47 -19.00
CA LEU D 88 34.39 -20.45 -19.04
C LEU D 88 33.39 -20.65 -17.89
N GLU D 89 33.02 -19.54 -17.27
CA GLU D 89 31.82 -19.48 -16.45
C GLU D 89 30.72 -18.92 -17.36
N ILE D 90 29.93 -19.80 -17.97
CA ILE D 90 28.93 -19.39 -18.95
C ILE D 90 27.65 -19.00 -18.21
N VAL D 91 27.15 -17.81 -18.52
CA VAL D 91 25.97 -17.24 -17.87
C VAL D 91 25.05 -16.76 -18.98
N MET D 92 23.82 -17.29 -19.00
CA MET D 92 22.90 -16.91 -20.05
C MET D 92 22.35 -15.52 -19.80
N ARG D 93 21.98 -14.87 -20.89
CA ARG D 93 21.62 -13.48 -20.91
C ARG D 93 20.11 -13.39 -21.15
N VAL D 94 19.37 -13.07 -20.11
CA VAL D 94 17.91 -12.96 -20.19
C VAL D 94 17.50 -11.51 -20.07
N TYR D 95 17.48 -10.80 -21.21
CA TYR D 95 17.15 -9.38 -21.28
C TYR D 95 15.71 -9.19 -21.76
N PHE D 96 14.98 -8.33 -21.08
CA PHE D 96 13.59 -8.13 -21.45
C PHE D 96 13.39 -6.78 -22.13
N GLU D 97 13.35 -5.72 -21.32
CA GLU D 97 13.25 -4.37 -21.85
C GLU D 97 14.54 -4.00 -22.59
N LYS D 98 14.39 -3.30 -23.71
CA LYS D 98 15.51 -3.01 -24.59
C LYS D 98 15.52 -1.54 -25.01
N PRO D 99 16.34 -0.71 -24.36
CA PRO D 99 16.26 0.75 -24.58
C PRO D 99 16.41 1.13 -26.04
N ARG D 100 15.68 2.19 -26.42
CA ARG D 100 15.75 2.76 -27.78
C ARG D 100 15.11 4.13 -27.72
N THR D 101 15.58 5.08 -28.54
CA THR D 101 15.07 6.47 -28.52
C THR D 101 13.55 6.47 -28.62
N THR D 102 13.03 5.76 -29.61
CA THR D 102 11.57 5.53 -29.84
C THR D 102 11.43 4.73 -31.13
N GLY D 104 9.47 0.60 -31.71
CA GLY D 104 8.33 -0.28 -31.49
C GLY D 104 8.27 -0.96 -30.14
N TRP D 105 9.06 -2.02 -29.97
CA TRP D 105 8.95 -2.88 -28.77
C TRP D 105 9.60 -2.31 -27.53
N LYS D 106 8.77 -2.10 -26.51
CA LYS D 106 9.23 -1.72 -25.18
C LYS D 106 9.97 -2.87 -24.48
N GLY D 107 9.61 -4.12 -24.77
CA GLY D 107 10.31 -5.27 -24.24
C GLY D 107 9.33 -6.40 -23.93
N LEU D 108 9.80 -7.50 -23.35
CA LEU D 108 8.89 -8.60 -23.01
C LEU D 108 8.05 -8.26 -21.78
N ILE D 109 8.68 -7.74 -20.73
CA ILE D 109 7.97 -7.31 -19.53
C ILE D 109 6.94 -6.23 -19.87
N ASN D 110 7.31 -5.32 -20.77
CA ASN D 110 6.57 -4.07 -20.94
C ASN D 110 5.44 -4.19 -21.95
N ASP D 111 5.63 -4.99 -22.99
CA ASP D 111 4.55 -5.27 -23.96
C ASP D 111 4.64 -6.75 -24.32
N PRO D 112 4.46 -7.64 -23.35
CA PRO D 112 4.73 -9.06 -23.61
C PRO D 112 3.98 -9.60 -24.81
N HIS D 113 2.93 -8.91 -25.25
CA HIS D 113 2.10 -9.34 -26.37
C HIS D 113 2.39 -8.60 -27.65
N MET D 114 3.43 -7.76 -27.67
CA MET D 114 3.95 -7.22 -28.92
C MET D 114 2.84 -6.57 -29.76
N ASP D 115 2.08 -5.64 -29.12
CA ASP D 115 1.09 -4.87 -29.87
C ASP D 115 0.67 -3.60 -29.15
N ASN D 116 1.40 -3.13 -28.15
CA ASN D 116 1.08 -1.91 -27.43
C ASN D 116 -0.16 -2.09 -26.54
N SER D 117 -0.40 -3.32 -26.09
CA SER D 117 -1.38 -3.54 -25.05
C SER D 117 -0.82 -3.27 -23.66
N PHE D 118 0.50 -3.34 -23.52
CA PHE D 118 1.20 -2.98 -22.29
C PHE D 118 0.61 -3.73 -21.09
N GLN D 119 0.46 -5.04 -21.26
CA GLN D 119 0.09 -5.93 -20.15
C GLN D 119 1.31 -6.25 -19.32
N ILE D 120 1.88 -5.19 -18.73
CA ILE D 120 3.00 -5.31 -17.79
C ILE D 120 2.79 -6.44 -16.81
N ASN D 121 1.54 -6.71 -16.45
CA ASN D 121 1.29 -7.72 -15.43
C ASN D 121 1.47 -9.11 -15.99
N ASP D 122 0.90 -9.36 -17.17
CA ASP D 122 1.28 -10.55 -17.92
C ASP D 122 2.78 -10.57 -18.17
N GLY D 123 3.32 -9.49 -18.73
CA GLY D 123 4.74 -9.41 -19.02
C GLY D 123 5.57 -9.89 -17.85
N LEU D 124 5.18 -9.47 -16.64
CA LEU D 124 5.98 -9.75 -15.46
C LEU D 124 5.84 -11.19 -15.02
N ARG D 125 4.60 -11.70 -14.91
CA ARG D 125 4.38 -13.11 -14.64
C ARG D 125 5.19 -13.96 -15.60
N ILE D 126 5.11 -13.63 -16.89
CA ILE D 126 5.83 -14.40 -17.91
C ILE D 126 7.33 -14.32 -17.68
N ALA D 127 7.87 -13.10 -17.54
CA ALA D 127 9.31 -12.95 -17.50
C ALA D 127 9.91 -13.63 -16.27
N ARG D 128 9.19 -13.67 -15.14
CA ARG D 128 9.74 -14.36 -13.97
C ARG D 128 9.69 -15.86 -14.15
N LYS D 129 8.57 -16.39 -14.65
CA LYS D 129 8.45 -17.83 -14.91
C LYS D 129 9.59 -18.34 -15.79
N LEU D 130 9.85 -17.67 -16.92
CA LEU D 130 11.00 -18.02 -17.76
C LEU D 130 12.31 -17.95 -16.97
N LEU D 131 12.55 -16.82 -16.30
CA LEU D 131 13.72 -16.72 -15.43
C LEU D 131 13.78 -17.90 -14.47
N LEU D 132 12.65 -18.24 -13.84
CA LEU D 132 12.64 -19.36 -12.92
C LEU D 132 13.18 -20.60 -13.58
N ASP D 133 12.54 -21.04 -14.68
CA ASP D 133 12.88 -22.34 -15.27
C ASP D 133 14.36 -22.42 -15.63
N ILE D 134 14.91 -21.35 -16.25
CA ILE D 134 16.32 -21.38 -16.66
C ILE D 134 17.24 -21.60 -15.47
N ASN D 135 16.89 -21.05 -14.31
CA ASN D 135 17.73 -21.26 -13.14
C ASN D 135 17.56 -22.66 -12.57
N ASP D 136 16.32 -23.13 -12.48
CA ASP D 136 16.08 -24.47 -11.94
C ASP D 136 16.84 -25.52 -12.73
N SER D 137 16.98 -25.33 -14.05
CA SER D 137 17.80 -26.21 -14.86
C SER D 137 19.28 -26.07 -14.52
N GLY D 138 19.69 -24.98 -13.90
CA GLY D 138 21.04 -24.83 -13.40
C GLY D 138 21.92 -23.89 -14.20
N LEU D 139 21.36 -23.15 -15.16
CA LEU D 139 22.13 -22.22 -15.98
C LEU D 139 21.87 -20.80 -15.49
N PRO D 140 22.86 -20.12 -14.89
CA PRO D 140 22.62 -18.76 -14.38
C PRO D 140 22.12 -17.83 -15.46
N ALA D 141 21.35 -16.82 -15.04
CA ALA D 141 20.88 -15.81 -15.97
C ALA D 141 21.51 -14.47 -15.60
N ALA D 142 21.53 -13.56 -16.58
CA ALA D 142 22.08 -12.22 -16.39
C ALA D 142 21.22 -11.25 -17.17
N GLY D 143 20.60 -10.29 -16.47
CA GLY D 143 19.72 -9.32 -17.08
C GLY D 143 20.31 -7.91 -17.08
N GLU D 144 19.50 -6.96 -17.54
CA GLU D 144 19.87 -5.54 -17.58
C GLU D 144 18.88 -4.71 -16.77
N PHE D 145 19.36 -3.93 -15.78
CA PHE D 145 18.51 -3.16 -14.86
C PHE D 145 18.33 -1.71 -15.34
N LEU D 146 17.19 -1.42 -15.98
CA LEU D 146 16.92 -0.08 -16.50
C LEU D 146 16.17 0.79 -15.47
N ASP D 147 15.01 0.34 -15.03
CA ASP D 147 14.20 1.13 -14.12
C ASP D 147 14.42 0.66 -12.70
N MET D 148 13.65 1.24 -11.77
CA MET D 148 13.85 1.02 -10.34
C MET D 148 12.79 0.13 -9.71
N ILE D 149 11.62 -0.01 -10.33
CA ILE D 149 10.58 -0.87 -9.79
C ILE D 149 10.79 -2.32 -10.22
N THR D 150 11.16 -2.54 -11.47
CA THR D 150 11.24 -3.87 -12.06
C THR D 150 12.28 -4.82 -11.46
N PRO D 151 13.40 -4.33 -10.93
CA PRO D 151 14.36 -5.26 -10.30
C PRO D 151 13.82 -6.00 -9.11
N GLN D 152 12.81 -5.45 -8.42
CA GLN D 152 12.25 -6.06 -7.22
C GLN D 152 11.49 -7.36 -7.52
N TYR D 153 11.16 -7.63 -8.79
CA TYR D 153 10.43 -8.82 -9.18
C TYR D 153 11.31 -9.93 -9.74
N LEU D 154 12.58 -9.65 -10.03
CA LEU D 154 13.40 -10.59 -10.80
C LEU D 154 14.78 -10.81 -10.20
N ALA D 155 15.33 -9.79 -9.55
CA ALA D 155 16.76 -9.81 -9.24
C ALA D 155 17.16 -10.96 -8.34
N ASP D 156 16.23 -11.73 -7.77
CA ASP D 156 16.67 -12.86 -6.96
C ASP D 156 17.10 -14.05 -7.81
N LEU D 157 16.67 -14.10 -9.07
CA LEU D 157 17.02 -15.19 -9.96
C LEU D 157 18.17 -14.82 -10.89
N MET D 158 18.75 -13.64 -10.72
CA MET D 158 19.85 -13.20 -11.57
C MET D 158 21.17 -13.26 -10.82
N SER D 159 22.21 -13.68 -11.53
CA SER D 159 23.54 -13.83 -10.93
C SER D 159 24.54 -12.81 -11.46
N TRP D 160 24.13 -11.96 -12.41
CA TRP D 160 24.95 -10.85 -12.89
C TRP D 160 24.01 -9.81 -13.49
N GLY D 161 24.46 -8.56 -13.52
CA GLY D 161 23.66 -7.52 -14.14
C GLY D 161 24.49 -6.44 -14.83
N ALA D 162 23.85 -5.76 -15.78
CA ALA D 162 24.47 -4.66 -16.50
C ALA D 162 23.62 -3.40 -16.42
N ILE D 163 24.27 -2.24 -16.55
CA ILE D 163 23.58 -0.97 -16.59
C ILE D 163 23.72 -0.38 -18.00
N GLY D 164 22.59 -0.11 -18.66
CA GLY D 164 22.56 0.40 -20.02
C GLY D 164 23.59 1.47 -20.33
N ALA D 165 23.96 1.62 -21.60
CA ALA D 165 24.93 2.66 -21.94
C ALA D 165 24.41 4.05 -21.58
N ARG D 166 23.12 4.30 -21.88
CA ARG D 166 22.48 5.60 -21.69
C ARG D 166 22.12 5.88 -20.21
N THR D 167 22.54 5.03 -19.27
CA THR D 167 22.22 5.24 -17.87
C THR D 167 23.40 5.02 -16.93
N THR D 168 24.58 4.67 -17.44
CA THR D 168 25.75 4.53 -16.57
C THR D 168 26.07 5.84 -15.85
N GLU D 169 25.75 6.97 -16.49
CA GLU D 169 26.01 8.28 -15.89
C GLU D 169 25.00 8.65 -14.83
N SER D 170 23.81 8.03 -14.85
CA SER D 170 22.74 8.43 -13.96
C SER D 170 23.05 8.06 -12.52
N GLN D 171 22.65 8.94 -11.58
CA GLN D 171 22.81 8.63 -10.16
C GLN D 171 21.87 7.50 -9.74
N VAL D 172 20.63 7.52 -10.23
CA VAL D 172 19.62 6.59 -9.74
C VAL D 172 20.02 5.15 -10.01
N HIS D 173 20.68 4.90 -11.15
CA HIS D 173 21.06 3.54 -11.47
C HIS D 173 22.32 3.11 -10.74
N ARG D 174 23.20 4.06 -10.40
CA ARG D 174 24.31 3.70 -9.52
C ARG D 174 23.79 3.46 -8.12
N GLU D 175 22.76 4.22 -7.71
CA GLU D 175 22.10 3.93 -6.45
C GLU D 175 21.50 2.53 -6.44
N LEU D 176 20.99 2.07 -7.58
CA LEU D 176 20.40 0.73 -7.60
C LEU D 176 21.48 -0.34 -7.48
N ALA D 177 22.57 -0.20 -8.24
CA ALA D 177 23.67 -1.15 -8.10
C ALA D 177 24.19 -1.19 -6.66
N SER D 178 23.99 -0.12 -5.90
CA SER D 178 24.37 -0.10 -4.49
C SER D 178 23.90 -1.35 -3.78
N GLY D 179 22.62 -1.71 -3.98
CA GLY D 179 22.04 -2.82 -3.25
C GLY D 179 21.64 -4.05 -4.06
N LEU D 180 22.36 -4.33 -5.14
CA LEU D 180 22.18 -5.57 -5.85
C LEU D 180 23.01 -6.66 -5.20
N SER D 181 22.40 -7.83 -5.05
CA SER D 181 23.13 -9.02 -4.62
C SER D 181 23.99 -9.62 -5.74
N CYS D 182 23.64 -9.37 -7.02
CA CYS D 182 24.51 -9.83 -8.08
C CYS D 182 25.62 -8.82 -8.32
N PRO D 183 26.72 -9.24 -8.92
CA PRO D 183 27.74 -8.30 -9.36
C PRO D 183 27.25 -7.50 -10.56
N VAL D 184 27.83 -6.34 -10.76
CA VAL D 184 27.34 -5.38 -11.74
C VAL D 184 28.44 -5.02 -12.74
N GLY D 185 28.05 -4.86 -13.99
CA GLY D 185 28.93 -4.27 -14.99
C GLY D 185 28.37 -2.96 -15.51
N PHE D 186 29.26 -1.99 -15.73
CA PHE D 186 28.86 -0.68 -16.23
C PHE D 186 29.38 -0.48 -17.65
N LYS D 187 28.45 -0.24 -18.58
CA LYS D 187 28.83 0.10 -19.93
C LYS D 187 29.46 1.49 -19.93
N ASN D 188 30.60 1.63 -20.61
CA ASN D 188 31.18 2.95 -20.82
C ASN D 188 30.22 3.82 -21.63
N GLY D 189 30.58 5.07 -21.89
CA GLY D 189 29.66 5.99 -22.52
C GLY D 189 29.35 5.62 -23.96
N THR D 190 28.21 6.13 -24.43
CA THR D 190 27.86 6.01 -25.85
C THR D 190 29.06 6.34 -26.75
N ASP D 191 29.94 7.21 -26.26
CA ASP D 191 30.94 7.90 -27.05
C ASP D 191 32.33 7.36 -26.68
N GLY D 192 32.38 6.09 -26.26
CA GLY D 192 33.63 5.44 -25.97
C GLY D 192 34.38 5.91 -24.74
N THR D 193 33.96 7.01 -24.13
CA THR D 193 34.59 7.45 -22.90
C THR D 193 34.44 6.39 -21.81
N ILE D 194 35.31 6.48 -20.80
CA ILE D 194 35.24 5.57 -19.66
C ILE D 194 35.34 6.30 -18.31
N LYS D 195 35.52 7.63 -18.29
CA LYS D 195 35.47 8.30 -17.00
C LYS D 195 34.15 8.02 -16.28
N VAL D 196 33.05 7.88 -17.03
CA VAL D 196 31.76 7.64 -16.39
C VAL D 196 31.71 6.24 -15.79
N ALA D 197 32.23 5.24 -16.50
CA ALA D 197 32.23 3.88 -15.94
C ALA D 197 32.99 3.83 -14.61
N ILE D 198 34.06 4.60 -14.50
CA ILE D 198 34.87 4.58 -13.29
C ILE D 198 34.12 5.19 -12.13
N ASP D 199 33.54 6.37 -12.35
CA ASP D 199 32.80 7.01 -11.27
C ASP D 199 31.67 6.13 -10.78
N ALA D 200 31.06 5.34 -11.66
CA ALA D 200 29.96 4.48 -11.25
C ALA D 200 30.46 3.34 -10.39
N ILE D 201 31.59 2.73 -10.73
CA ILE D 201 32.12 1.66 -9.89
C ILE D 201 32.34 2.20 -8.49
N ASN D 202 33.23 3.20 -8.36
CA ASN D 202 33.43 3.93 -7.10
C ASN D 202 32.09 4.19 -6.42
N ALA D 203 31.15 4.75 -7.17
CA ALA D 203 29.90 5.23 -6.59
C ALA D 203 29.04 4.09 -6.08
N ALA D 204 28.74 3.10 -6.95
CA ALA D 204 27.97 1.95 -6.49
C ALA D 204 28.67 1.22 -5.36
N GLY D 205 29.99 1.35 -5.25
CA GLY D 205 30.71 0.72 -4.14
C GLY D 205 30.59 1.41 -2.81
N ALA D 206 30.02 2.62 -2.77
CA ALA D 206 29.68 3.42 -1.60
C ALA D 206 28.31 3.02 -1.07
N PRO D 207 28.13 2.95 0.24
CA PRO D 207 26.77 2.82 0.79
C PRO D 207 25.92 4.04 0.39
N HIS D 208 24.63 3.77 0.19
CA HIS D 208 23.66 4.75 -0.25
C HIS D 208 22.36 4.60 0.54
N CYS D 209 21.54 5.67 0.51
CA CYS D 209 20.25 5.71 1.18
C CYS D 209 19.31 6.51 0.30
N PHE D 210 18.33 5.84 -0.31
CA PHE D 210 17.45 6.52 -1.25
C PHE D 210 16.05 5.94 -1.13
N LEU D 211 15.16 6.43 -1.97
CA LEU D 211 13.78 5.96 -2.01
C LEU D 211 13.57 4.94 -3.13
N SER D 212 12.78 3.91 -2.84
CA SER D 212 12.64 2.75 -3.69
C SER D 212 11.40 1.99 -3.26
N VAL D 213 10.94 1.07 -4.10
CA VAL D 213 9.76 0.30 -3.73
C VAL D 213 10.18 -1.01 -3.08
N THR D 214 9.36 -1.47 -2.15
CA THR D 214 9.61 -2.71 -1.43
C THR D 214 8.94 -3.86 -2.15
N LYS D 215 9.20 -5.06 -1.64
CA LYS D 215 8.58 -6.24 -2.22
C LYS D 215 7.05 -6.18 -2.16
N TRP D 216 6.46 -5.21 -1.43
CA TRP D 216 5.01 -5.06 -1.27
C TRP D 216 4.43 -3.89 -2.04
N GLY D 217 5.25 -3.16 -2.79
CA GLY D 217 4.72 -2.14 -3.66
C GLY D 217 4.45 -0.83 -2.96
N HIS D 218 5.11 -0.57 -1.85
CA HIS D 218 5.06 0.71 -1.17
C HIS D 218 6.42 1.41 -1.32
N SER D 219 6.40 2.75 -1.35
CA SER D 219 7.62 3.55 -1.17
C SER D 219 8.25 3.22 0.18
N ALA D 220 9.56 3.28 0.23
CA ALA D 220 10.23 3.27 1.52
C ALA D 220 11.57 3.95 1.34
N ILE D 221 12.32 4.00 2.42
CA ILE D 221 13.72 4.40 2.39
C ILE D 221 14.57 3.16 2.50
N VAL D 222 15.59 3.07 1.66
CA VAL D 222 16.53 1.97 1.74
C VAL D 222 17.91 2.52 2.09
N ASN D 223 18.69 1.72 2.81
CA ASN D 223 20.10 2.00 3.05
C ASN D 223 20.86 0.80 2.55
N THR D 224 21.52 0.96 1.41
CA THR D 224 22.29 -0.12 0.83
C THR D 224 23.69 -0.14 1.44
N SER D 225 24.47 -1.13 1.02
CA SER D 225 25.79 -1.39 1.57
C SER D 225 26.93 -0.95 0.65
N GLY D 226 26.64 -0.72 -0.62
CA GLY D 226 27.66 -0.53 -1.63
C GLY D 226 28.01 -1.85 -2.27
N ASN D 227 28.26 -1.88 -3.58
CA ASN D 227 28.55 -3.11 -4.28
C ASN D 227 30.05 -3.19 -4.58
N GLY D 228 30.69 -4.26 -4.10
CA GLY D 228 32.11 -4.45 -4.35
C GLY D 228 32.50 -5.20 -5.62
N ASP D 229 31.55 -5.86 -6.28
CA ASP D 229 31.82 -6.70 -7.44
C ASP D 229 31.30 -6.01 -8.70
N CYS D 230 31.94 -4.91 -9.05
CA CYS D 230 31.62 -4.14 -10.24
C CYS D 230 32.83 -4.08 -11.16
N HIS D 231 32.58 -3.72 -12.41
CA HIS D 231 33.64 -3.66 -13.40
C HIS D 231 33.12 -2.90 -14.61
N ILE D 232 34.04 -2.26 -15.32
CA ILE D 232 33.70 -1.62 -16.58
C ILE D 232 33.27 -2.67 -17.60
N ILE D 233 32.59 -2.22 -18.66
CA ILE D 233 32.19 -3.10 -19.77
C ILE D 233 32.48 -2.37 -21.06
N LEU D 234 33.50 -2.82 -21.80
CA LEU D 234 33.91 -2.12 -22.99
C LEU D 234 32.93 -2.42 -24.12
N ARG D 235 32.55 -1.39 -24.83
CA ARG D 235 31.47 -1.56 -25.81
C ARG D 235 31.52 -0.53 -26.93
N GLY D 236 32.65 0.14 -27.14
CA GLY D 236 32.81 0.99 -28.31
C GLY D 236 32.23 2.38 -28.15
N GLY D 237 32.43 3.18 -29.20
CA GLY D 237 31.95 4.55 -29.23
C GLY D 237 31.92 5.12 -30.63
N LYS D 238 32.68 6.18 -30.89
CA LYS D 238 32.92 6.62 -32.25
C LYS D 238 33.40 5.43 -33.09
N GLU D 239 34.56 4.94 -32.76
CA GLU D 239 35.10 3.73 -33.32
C GLU D 239 35.00 2.60 -32.31
N PRO D 240 35.12 1.35 -32.74
CA PRO D 240 35.25 0.24 -31.78
C PRO D 240 36.38 0.48 -30.80
N ASN D 241 36.43 -0.31 -29.73
CA ASN D 241 37.51 -0.17 -28.75
C ASN D 241 37.82 -1.50 -28.08
N TYR D 242 37.77 -2.59 -28.87
CA TYR D 242 38.11 -3.93 -28.38
C TYR D 242 39.58 -4.27 -28.54
N SER D 243 40.39 -3.39 -29.14
CA SER D 243 41.84 -3.54 -29.29
C SER D 243 42.56 -4.05 -28.06
N ALA D 244 43.89 -4.04 -28.10
CA ALA D 244 44.70 -4.12 -26.89
C ALA D 244 45.42 -2.82 -26.59
N LYS D 245 45.66 -1.99 -27.60
CA LYS D 245 45.89 -0.57 -27.35
C LYS D 245 44.85 -0.09 -26.34
N HIS D 246 43.57 -0.22 -26.73
CA HIS D 246 42.48 0.26 -25.88
C HIS D 246 42.54 -0.37 -24.50
N VAL D 247 42.54 -1.70 -24.44
CA VAL D 247 42.56 -2.41 -23.16
C VAL D 247 43.71 -1.91 -22.29
N ALA D 248 44.78 -1.41 -22.92
CA ALA D 248 45.92 -0.90 -22.17
C ALA D 248 45.61 0.42 -21.48
N GLU D 249 44.89 1.31 -22.17
CA GLU D 249 44.45 2.55 -21.56
C GLU D 249 43.57 2.24 -20.36
N VAL D 250 42.39 1.65 -20.63
CA VAL D 250 41.45 1.32 -19.56
C VAL D 250 42.18 0.61 -18.42
N LYS D 251 43.08 -0.30 -18.75
CA LYS D 251 43.87 -0.94 -17.69
C LYS D 251 44.60 0.11 -16.86
N GLU D 252 45.26 1.05 -17.53
CA GLU D 252 46.02 2.11 -16.85
C GLU D 252 45.07 2.92 -15.96
N GLY D 253 44.32 3.84 -16.57
CA GLY D 253 43.31 4.64 -15.91
C GLY D 253 42.56 3.95 -14.79
N LEU D 254 42.07 2.73 -15.06
CA LEU D 254 41.46 1.93 -14.01
C LEU D 254 42.36 1.87 -12.77
N ASN D 255 43.66 1.63 -12.99
CA ASN D 255 44.60 1.66 -11.87
C ASN D 255 44.84 3.08 -11.38
N LYS D 256 45.07 4.03 -12.30
CA LYS D 256 45.10 5.43 -11.89
C LYS D 256 43.90 5.77 -11.01
N ALA D 257 42.74 5.19 -11.30
CA ALA D 257 41.54 5.35 -10.47
C ALA D 257 41.62 4.60 -9.14
N GLY D 258 42.72 3.93 -8.85
CA GLY D 258 42.80 3.08 -7.67
C GLY D 258 41.77 1.96 -7.69
N LEU D 259 41.60 1.31 -8.84
CA LEU D 259 40.60 0.28 -9.05
C LEU D 259 41.23 -0.95 -9.68
N PRO D 260 40.56 -2.10 -9.59
CA PRO D 260 41.15 -3.33 -10.13
C PRO D 260 41.17 -3.27 -11.66
N ALA D 261 42.37 -3.36 -12.21
CA ALA D 261 42.56 -3.29 -13.66
C ALA D 261 42.08 -4.60 -14.29
N GLN D 262 40.77 -4.70 -14.40
CA GLN D 262 40.08 -5.79 -15.05
C GLN D 262 38.94 -5.16 -15.84
N VAL D 263 38.57 -5.79 -16.96
CA VAL D 263 37.49 -5.29 -17.80
C VAL D 263 36.68 -6.46 -18.35
N MET D 264 35.52 -6.14 -18.90
CA MET D 264 34.74 -7.09 -19.67
C MET D 264 34.44 -6.48 -21.03
N ILE D 265 34.77 -7.22 -22.08
CA ILE D 265 34.64 -6.76 -23.45
C ILE D 265 33.33 -7.29 -24.03
N ASP D 266 32.56 -6.41 -24.66
CA ASP D 266 31.31 -6.73 -25.32
C ASP D 266 31.64 -6.83 -26.80
N PHE D 267 31.50 -8.04 -27.38
CA PHE D 267 31.82 -8.17 -28.80
C PHE D 267 30.78 -7.62 -29.66
N SER D 268 29.82 -6.85 -29.15
CA SER D 268 28.72 -6.38 -29.98
C SER D 268 28.60 -4.87 -29.98
N HIS D 269 27.41 -4.38 -30.31
CA HIS D 269 27.05 -2.96 -30.31
C HIS D 269 28.15 -2.19 -31.04
N ALA D 270 28.60 -1.04 -30.51
CA ALA D 270 29.59 -0.19 -31.18
C ALA D 270 30.90 -0.89 -31.46
N ASN D 271 31.13 -2.06 -30.88
CA ASN D 271 32.36 -2.81 -31.10
C ASN D 271 32.29 -3.71 -32.32
N SER D 272 31.10 -4.16 -32.68
CA SER D 272 30.88 -4.91 -33.91
C SER D 272 30.78 -4.02 -35.13
N SER D 273 30.92 -2.70 -34.96
CA SER D 273 30.54 -1.76 -35.99
C SER D 273 29.18 -2.15 -36.58
N LYS D 274 28.31 -2.80 -35.78
CA LYS D 274 26.90 -3.02 -36.07
C LYS D 274 26.61 -4.39 -36.71
N GLN D 275 27.45 -4.79 -37.65
CA GLN D 275 27.25 -6.08 -38.32
C GLN D 275 27.41 -7.22 -37.31
N PHE D 276 26.34 -8.01 -37.15
CA PHE D 276 26.33 -9.01 -36.08
C PHE D 276 27.43 -10.04 -36.26
N LYS D 277 27.76 -10.40 -37.50
CA LYS D 277 28.78 -11.41 -37.72
C LYS D 277 30.16 -10.94 -37.25
N LYS D 278 30.39 -9.63 -37.19
CA LYS D 278 31.67 -9.10 -36.74
C LYS D 278 31.95 -9.36 -35.27
N GLN D 279 30.97 -9.87 -34.51
CA GLN D 279 31.30 -10.35 -33.17
C GLN D 279 32.34 -11.47 -33.24
N MET D 280 32.39 -12.19 -34.35
CA MET D 280 33.40 -13.22 -34.51
C MET D 280 34.79 -12.60 -34.66
N ASP D 281 34.89 -11.55 -35.48
CA ASP D 281 36.16 -10.85 -35.64
C ASP D 281 36.70 -10.39 -34.30
N VAL D 282 35.85 -9.73 -33.50
CA VAL D 282 36.29 -9.24 -32.19
C VAL D 282 36.74 -10.40 -31.32
N CYS D 283 35.93 -11.46 -31.27
CA CYS D 283 36.29 -12.68 -30.55
C CYS D 283 37.70 -13.15 -30.88
N ALA D 284 37.98 -13.32 -32.18
CA ALA D 284 39.31 -13.74 -32.60
C ALA D 284 40.38 -12.88 -31.93
N ASP D 285 40.18 -11.55 -31.95
CA ASP D 285 41.19 -10.65 -31.40
C ASP D 285 41.38 -10.83 -29.90
N VAL D 286 40.29 -11.11 -29.18
CA VAL D 286 40.37 -11.22 -27.73
C VAL D 286 41.15 -12.48 -27.34
N CYS D 287 40.85 -13.62 -27.98
CA CYS D 287 41.54 -14.86 -27.62
C CYS D 287 43.04 -14.73 -27.81
N GLN D 288 43.47 -13.92 -28.76
CA GLN D 288 44.89 -13.58 -28.87
C GLN D 288 45.43 -13.06 -27.54
N GLN D 289 44.75 -12.08 -26.95
CA GLN D 289 45.22 -11.50 -25.69
C GLN D 289 45.13 -12.51 -24.57
N ILE D 290 43.94 -13.08 -24.34
CA ILE D 290 43.75 -14.06 -23.26
C ILE D 290 44.82 -15.16 -23.34
N ALA D 291 45.04 -15.68 -24.55
CA ALA D 291 46.13 -16.62 -24.80
C ALA D 291 47.48 -15.92 -24.76
N GLY D 292 47.55 -14.68 -25.28
CA GLY D 292 48.76 -13.90 -25.13
C GLY D 292 49.25 -13.86 -23.70
N GLY D 293 48.34 -13.75 -22.75
CA GLY D 293 48.68 -13.73 -21.34
C GLY D 293 48.01 -12.63 -20.57
N GLU D 294 46.86 -12.16 -21.09
CA GLU D 294 46.16 -10.98 -20.61
C GLU D 294 45.08 -11.43 -19.63
N LYS D 295 45.46 -11.53 -18.35
CA LYS D 295 44.51 -12.01 -17.34
C LYS D 295 43.49 -10.96 -16.95
N ALA D 296 43.67 -9.71 -17.34
CA ALA D 296 42.77 -8.63 -16.99
C ALA D 296 41.62 -8.50 -17.97
N ILE D 297 41.44 -9.47 -18.86
CA ILE D 297 40.18 -9.66 -19.59
C ILE D 297 39.42 -10.76 -18.86
N ILE D 298 38.51 -10.36 -17.97
CA ILE D 298 37.83 -11.31 -17.11
C ILE D 298 36.46 -11.70 -17.63
N GLY D 299 36.02 -11.16 -18.77
CA GLY D 299 34.72 -11.51 -19.30
C GLY D 299 34.46 -10.95 -20.68
N VAL D 300 33.45 -11.53 -21.34
CA VAL D 300 33.00 -11.11 -22.66
C VAL D 300 31.48 -11.24 -22.69
N MET D 301 30.89 -10.62 -23.70
CA MET D 301 29.43 -10.52 -23.77
C MET D 301 29.02 -10.54 -25.24
N VAL D 302 28.17 -11.51 -25.61
CA VAL D 302 27.86 -11.76 -27.00
C VAL D 302 26.35 -11.72 -27.17
N GLU D 303 25.90 -11.03 -28.22
CA GLU D 303 24.53 -11.13 -28.67
C GLU D 303 24.44 -12.37 -29.57
N SER D 304 23.90 -13.44 -28.98
CA SER D 304 23.83 -14.78 -29.55
C SER D 304 22.44 -15.33 -29.38
N HIS D 305 21.80 -15.71 -30.48
CA HIS D 305 20.51 -16.38 -30.37
C HIS D 305 20.64 -17.77 -31.01
N LEU D 306 19.49 -18.43 -31.24
CA LEU D 306 19.46 -19.74 -31.90
C LEU D 306 19.66 -19.61 -33.40
N VAL D 307 19.13 -18.56 -33.99
CA VAL D 307 19.22 -18.33 -35.42
C VAL D 307 19.79 -16.93 -35.64
N GLU D 308 20.72 -16.82 -36.57
CA GLU D 308 21.43 -15.55 -36.76
C GLU D 308 20.51 -14.52 -37.41
N GLY D 309 20.93 -13.25 -37.30
CA GLY D 309 20.21 -12.14 -37.92
C GLY D 309 19.13 -11.59 -37.01
N ASN D 310 18.13 -10.96 -37.64
CA ASN D 310 16.95 -10.54 -36.92
C ASN D 310 15.79 -10.48 -37.91
N GLN D 311 14.65 -10.02 -37.41
CA GLN D 311 13.43 -9.83 -38.18
C GLN D 311 12.64 -8.72 -37.53
N SER D 312 11.57 -8.28 -38.20
CA SER D 312 10.80 -7.12 -37.78
C SER D 312 9.37 -7.49 -37.40
N LEU D 313 8.89 -6.90 -36.30
CA LEU D 313 7.58 -7.24 -35.77
C LEU D 313 6.50 -6.90 -36.80
N GLU D 314 5.62 -7.88 -37.05
CA GLU D 314 4.50 -7.73 -37.97
C GLU D 314 3.32 -8.59 -37.54
N GLU D 317 0.96 -11.88 -39.86
CA GLU D 317 1.92 -12.96 -40.09
C GLU D 317 2.66 -13.37 -38.79
N PRO D 318 3.25 -14.57 -38.80
CA PRO D 318 4.01 -15.04 -37.63
C PRO D 318 5.48 -14.74 -37.76
N LEU D 319 6.26 -15.24 -36.82
CA LEU D 319 7.66 -14.87 -36.67
C LEU D 319 8.55 -16.09 -36.86
N ALA D 320 9.75 -15.85 -37.36
CA ALA D 320 10.72 -16.93 -37.42
C ALA D 320 11.09 -17.39 -36.02
N TYR D 321 10.94 -18.68 -35.77
CA TYR D 321 11.38 -19.24 -34.51
C TYR D 321 12.88 -19.02 -34.29
N GLY D 322 13.25 -18.54 -33.12
CA GLY D 322 14.64 -18.51 -32.70
C GLY D 322 15.45 -17.38 -33.30
N LYS D 323 14.80 -16.41 -33.94
CA LYS D 323 15.45 -15.29 -34.59
C LYS D 323 14.96 -13.99 -33.97
N SER D 324 15.90 -13.17 -33.48
CA SER D 324 15.59 -12.01 -32.65
C SER D 324 14.66 -11.00 -33.33
N ILE D 325 13.78 -10.37 -32.55
CA ILE D 325 12.91 -9.30 -33.05
C ILE D 325 13.49 -7.93 -32.80
N THR D 326 14.72 -7.86 -32.26
CA THR D 326 15.42 -6.62 -32.00
C THR D 326 16.77 -6.70 -32.69
N ASP D 327 17.87 -6.57 -31.96
CA ASP D 327 19.20 -6.57 -32.56
C ASP D 327 19.50 -7.94 -33.17
N ALA D 328 20.22 -7.91 -34.31
CA ALA D 328 20.68 -9.13 -34.95
C ALA D 328 21.83 -9.75 -34.16
N CYS D 329 21.73 -11.07 -33.92
CA CYS D 329 22.77 -11.83 -33.23
C CYS D 329 23.28 -12.94 -34.15
N ILE D 330 24.53 -13.36 -33.89
CA ILE D 330 24.99 -14.63 -34.41
C ILE D 330 24.02 -15.73 -33.96
N GLY D 331 23.79 -16.71 -34.87
CA GLY D 331 23.03 -17.90 -34.58
C GLY D 331 23.80 -18.94 -33.77
N TRP D 332 23.21 -20.15 -33.68
CA TRP D 332 23.73 -21.12 -32.71
C TRP D 332 25.10 -21.70 -33.08
N GLU D 333 25.38 -21.94 -34.37
CA GLU D 333 26.66 -22.60 -34.65
C GLU D 333 27.83 -21.63 -34.48
N ASP D 334 27.68 -20.37 -34.92
CA ASP D 334 28.60 -19.30 -34.51
C ASP D 334 28.77 -19.25 -32.99
N THR D 335 27.69 -19.51 -32.25
CA THR D 335 27.76 -19.53 -30.79
C THR D 335 28.66 -20.65 -30.28
N ASP D 336 28.56 -21.85 -30.87
CA ASP D 336 29.40 -22.97 -30.42
C ASP D 336 30.88 -22.68 -30.71
N ALA D 337 31.19 -22.23 -31.92
CA ALA D 337 32.59 -21.94 -32.24
C ALA D 337 33.14 -20.94 -31.24
N LEU D 338 32.48 -19.79 -31.14
CA LEU D 338 32.94 -18.69 -30.29
C LEU D 338 33.23 -19.13 -28.86
N LEU D 339 32.34 -19.94 -28.27
CA LEU D 339 32.59 -20.42 -26.90
C LEU D 339 33.82 -21.30 -26.86
N ARG D 340 33.97 -22.19 -27.84
CA ARG D 340 35.13 -23.06 -27.91
C ARG D 340 36.41 -22.25 -28.14
N GLN D 341 36.36 -21.26 -29.04
CA GLN D 341 37.48 -20.34 -29.20
C GLN D 341 37.90 -19.73 -27.86
N LEU D 342 36.96 -19.09 -27.16
CA LEU D 342 37.29 -18.45 -25.90
C LEU D 342 37.95 -19.43 -24.94
N ALA D 343 37.38 -20.62 -24.80
CA ALA D 343 37.89 -21.55 -23.79
C ALA D 343 39.27 -22.07 -24.18
N ASN D 344 39.57 -22.17 -25.47
CA ASN D 344 40.92 -22.50 -25.90
C ASN D 344 41.90 -21.41 -25.49
N ALA D 345 41.62 -20.18 -25.91
CA ALA D 345 42.40 -19.02 -25.51
C ALA D 345 42.62 -18.99 -24.00
N VAL D 346 41.64 -19.45 -23.23
CA VAL D 346 41.76 -19.46 -21.77
C VAL D 346 43.02 -20.21 -21.36
N LYS D 347 43.06 -21.53 -21.59
CA LYS D 347 44.15 -22.32 -21.02
C LYS D 347 45.42 -22.32 -21.90
N ALA D 348 45.52 -21.40 -22.87
CA ALA D 348 46.85 -21.02 -23.29
C ALA D 348 47.63 -20.69 -22.02
N ARG D 349 47.27 -19.58 -21.38
CA ARG D 349 47.80 -19.13 -20.10
C ARG D 349 48.24 -20.29 -19.21
N ARG D 350 49.50 -20.72 -19.38
CA ARG D 350 50.14 -21.82 -18.64
C ARG D 350 51.13 -22.48 -19.59
#